data_4QAC
#
_entry.id   4QAC
#
_cell.length_a   240.061
_cell.length_b   75.504
_cell.length_c   149.757
_cell.angle_alpha   90.00
_cell.angle_beta   117.96
_cell.angle_gamma   90.00
#
_symmetry.space_group_name_H-M   'C 1 2 1'
#
loop_
_entity.id
_entity.type
_entity.pdbx_description
1 polymer 'Acetylcholine-binding protein'
2 non-polymer 'PHOSPHATE ION'
3 non-polymer 2-acetamido-2-deoxy-beta-D-glucopyranose
4 non-polymer 4-(4-methylpiperidin-1-yl)-6-[4-(trifluoromethyl)phenyl]pyrimidin-2-amine
5 water water
#
_entity_poly.entity_id   1
_entity_poly.type   'polypeptide(L)'
_entity_poly.pdbx_seq_one_letter_code
;DYKDDDDKLDRADILYNIRQTSRPDVIPTQRDRPVAVSVSLKFINILEVNEITNEVDVVFWQQTTWSDRTLAWNSSHSPD
QVSVPISSLWVPDLAAYNAISKPEVLTPQLARVVSDGEVLYMPSIRQRFSCDVSGVDTESGATCRIKIGSWTHHSREISV
DPTTENSDDSEYFSQYSRFEILDVTQKKNSVTYSCCPEAYEDVEVSLNFRKKGRSEI
;
_entity_poly.pdbx_strand_id   A,B,C,D,E,F,G,H,I,J
#
loop_
_chem_comp.id
_chem_comp.type
_chem_comp.name
_chem_comp.formula
KK3 non-polymer 4-(4-methylpiperidin-1-yl)-6-[4-(trifluoromethyl)phenyl]pyrimidin-2-amine 'C17 H19 F3 N4'
NAG D-saccharide, beta linking 2-acetamido-2-deoxy-beta-D-glucopyranose 'C8 H15 N O6'
PO4 non-polymer 'PHOSPHATE ION' 'O4 P -3'
#
# COMPACT_ATOMS: atom_id res chain seq x y z
N ASP A 1 29.20 7.17 20.60
CA ASP A 1 29.82 7.12 21.93
C ASP A 1 28.78 6.74 22.99
N TYR A 2 29.26 6.17 24.09
CA TYR A 2 28.34 5.55 25.08
C TYR A 2 27.44 6.58 25.75
N LYS A 3 27.87 7.84 25.78
CA LYS A 3 27.07 8.86 26.45
C LYS A 3 25.81 9.22 25.66
N ASP A 4 25.77 8.82 24.40
CA ASP A 4 24.57 9.08 23.59
C ASP A 4 23.80 7.79 23.31
N ASP A 5 24.21 6.69 23.91
CA ASP A 5 23.53 5.40 23.64
C ASP A 5 22.01 5.45 23.89
N ASP A 6 21.57 6.23 24.88
CA ASP A 6 20.16 6.27 25.26
C ASP A 6 19.35 7.43 24.69
N ASP A 7 19.86 8.04 23.63
CA ASP A 7 19.11 9.08 22.93
C ASP A 7 18.11 8.38 22.00
N LYS A 8 16.82 8.37 22.38
CA LYS A 8 15.83 7.56 21.69
C LYS A 8 15.61 7.93 20.22
N LEU A 9 15.55 9.22 19.94
CA LEU A 9 15.33 9.66 18.58
C LEU A 9 16.51 9.26 17.72
N ASP A 10 17.73 9.36 18.27
CA ASP A 10 18.91 8.87 17.58
C ASP A 10 18.79 7.36 17.25
N ARG A 11 18.33 6.55 18.21
CA ARG A 11 18.20 5.10 17.97
C ARG A 11 17.20 4.80 16.87
N ALA A 12 16.10 5.54 16.86
CA ALA A 12 15.02 5.36 15.89
C ALA A 12 15.48 5.80 14.53
N ASP A 13 16.37 6.80 14.50
CA ASP A 13 16.93 7.25 13.24
C ASP A 13 17.91 6.22 12.69
N ILE A 14 18.68 5.59 13.58
CA ILE A 14 19.62 4.54 13.19
C ILE A 14 18.87 3.34 12.62
N LEU A 15 17.81 2.92 13.32
CA LEU A 15 16.96 1.84 12.85
C LEU A 15 16.39 2.13 11.46
N TYR A 16 15.89 3.35 11.27
CA TYR A 16 15.40 3.78 9.95
C TYR A 16 16.48 3.67 8.87
N ASN A 17 17.67 4.15 9.20
CA ASN A 17 18.80 4.07 8.28
C ASN A 17 19.16 2.64 7.90
N ILE A 18 19.21 1.78 8.91
CA ILE A 18 19.53 0.39 8.70
C ILE A 18 18.50 -0.26 7.78
N ARG A 19 17.23 0.02 8.03
CA ARG A 19 16.19 -0.62 7.24
C ARG A 19 16.17 -0.06 5.81
N GLN A 20 16.67 1.16 5.62
CA GLN A 20 16.75 1.71 4.26
C GLN A 20 17.86 1.07 3.44
N THR A 21 18.93 0.67 4.11
CA THR A 21 20.14 0.16 3.45
C THR A 21 20.12 -1.36 3.34
N SER A 22 19.66 -2.00 4.41
CA SER A 22 19.65 -3.44 4.51
C SER A 22 18.98 -4.15 3.33
N ARG A 23 19.67 -5.14 2.79
CA ARG A 23 19.05 -6.04 1.83
C ARG A 23 19.01 -7.44 2.44
N PRO A 24 17.91 -7.78 3.12
CA PRO A 24 17.84 -9.03 3.90
C PRO A 24 18.14 -10.31 3.10
N ASP A 25 17.98 -10.25 1.78
CA ASP A 25 18.09 -11.46 0.95
C ASP A 25 19.37 -11.53 0.11
N VAL A 26 20.22 -10.51 0.25
CA VAL A 26 21.43 -10.39 -0.55
C VAL A 26 22.65 -10.49 0.35
N ILE A 27 23.58 -11.39 0.06
CA ILE A 27 24.79 -11.51 0.89
C ILE A 27 25.60 -10.22 0.81
N PRO A 28 26.09 -9.73 1.97
CA PRO A 28 26.75 -8.43 2.00
C PRO A 28 28.23 -8.60 1.63
N THR A 29 28.47 -8.97 0.38
CA THR A 29 29.84 -9.21 -0.08
C THR A 29 30.54 -7.88 -0.32
N GLN A 30 31.78 -7.78 0.17
CA GLN A 30 32.61 -6.56 0.06
C GLN A 30 33.84 -6.82 -0.80
N ARG A 31 33.96 -6.09 -1.90
CA ARG A 31 35.09 -6.26 -2.80
C ARG A 31 35.15 -7.70 -3.28
N ASP A 32 33.99 -8.31 -3.47
CA ASP A 32 33.93 -9.66 -3.98
C ASP A 32 34.79 -10.61 -3.15
N ARG A 33 34.91 -10.40 -1.85
CA ARG A 33 35.63 -11.34 -0.99
C ARG A 33 34.62 -12.02 -0.06
N PRO A 34 34.61 -13.35 0.04
CA PRO A 34 33.45 -14.02 0.62
C PRO A 34 33.14 -13.53 2.04
N VAL A 35 31.86 -13.31 2.36
CA VAL A 35 31.53 -12.71 3.62
C VAL A 35 32.13 -13.65 4.64
N ALA A 36 32.88 -13.06 5.56
CA ALA A 36 33.48 -13.82 6.65
C ALA A 36 32.54 -13.89 7.85
N VAL A 37 32.10 -15.11 8.16
CA VAL A 37 31.18 -15.32 9.28
C VAL A 37 31.88 -16.11 10.36
N SER A 38 31.94 -15.53 11.56
CA SER A 38 32.44 -16.26 12.70
C SER A 38 31.29 -17.04 13.35
N VAL A 39 31.59 -18.27 13.75
CA VAL A 39 30.62 -19.11 14.45
C VAL A 39 31.36 -19.77 15.61
N SER A 40 30.79 -19.65 16.80
CA SER A 40 31.32 -20.34 17.98
C SER A 40 30.13 -20.91 18.74
N LEU A 41 30.30 -22.11 19.30
CA LEU A 41 29.27 -22.67 20.17
C LEU A 41 29.78 -22.76 21.62
N LYS A 42 29.01 -22.20 22.54
CA LYS A 42 29.22 -22.45 23.97
C LYS A 42 28.03 -23.26 24.45
N PHE A 43 28.29 -24.45 24.99
CA PHE A 43 27.20 -25.33 25.40
C PHE A 43 26.57 -24.88 26.69
N ILE A 44 25.24 -24.92 26.74
CA ILE A 44 24.48 -24.51 27.91
C ILE A 44 24.10 -25.75 28.69
N ASN A 45 23.69 -26.77 27.95
CA ASN A 45 23.21 -27.98 28.58
C ASN A 45 23.25 -29.18 27.67
N ILE A 46 23.31 -30.36 28.27
CA ILE A 46 23.08 -31.62 27.57
C ILE A 46 21.94 -32.26 28.32
N LEU A 47 20.81 -32.44 27.64
CA LEU A 47 19.55 -32.76 28.32
C LEU A 47 19.19 -34.23 28.30
N GLU A 48 19.46 -34.89 27.17
CA GLU A 48 19.15 -36.31 27.05
C GLU A 48 20.08 -36.93 26.03
N VAL A 49 20.64 -38.07 26.40
CA VAL A 49 21.57 -38.78 25.55
C VAL A 49 21.02 -40.19 25.40
N ASN A 50 21.21 -40.79 24.22
CA ASN A 50 20.69 -42.13 23.95
C ASN A 50 21.75 -43.01 23.31
N GLU A 51 22.40 -43.84 24.12
CA GLU A 51 23.51 -44.71 23.71
C GLU A 51 23.12 -45.71 22.61
N ILE A 52 21.83 -46.04 22.52
CA ILE A 52 21.35 -47.05 21.59
C ILE A 52 21.11 -46.47 20.20
N THR A 53 20.60 -45.25 20.16
CA THR A 53 20.25 -44.62 18.89
C THR A 53 21.31 -43.62 18.45
N ASN A 54 22.30 -43.40 19.30
CA ASN A 54 23.34 -42.42 19.01
C ASN A 54 22.77 -41.01 18.76
N GLU A 55 21.81 -40.62 19.60
CA GLU A 55 21.21 -39.29 19.52
C GLU A 55 21.47 -38.49 20.80
N VAL A 56 21.65 -37.18 20.63
CA VAL A 56 21.84 -36.30 21.77
C VAL A 56 20.97 -35.04 21.65
N ASP A 57 20.36 -34.65 22.76
CA ASP A 57 19.59 -33.41 22.84
C ASP A 57 20.45 -32.41 23.63
N VAL A 58 20.77 -31.27 23.03
CA VAL A 58 21.62 -30.26 23.69
C VAL A 58 21.07 -28.85 23.58
N VAL A 59 21.51 -27.98 24.48
CA VAL A 59 21.22 -26.56 24.35
C VAL A 59 22.55 -25.84 24.25
N PHE A 60 22.67 -24.94 23.26
CA PHE A 60 23.93 -24.22 23.07
C PHE A 60 23.73 -22.77 22.72
N TRP A 61 24.72 -21.95 23.06
CA TRP A 61 24.71 -20.54 22.71
C TRP A 61 25.47 -20.42 21.39
N GLN A 62 24.75 -20.08 20.31
CA GLN A 62 25.34 -20.03 18.98
C GLN A 62 25.81 -18.62 18.62
N GLN A 63 27.06 -18.32 18.91
CA GLN A 63 27.62 -16.98 18.70
C GLN A 63 28.03 -16.76 17.26
N THR A 64 27.26 -15.93 16.55
CA THR A 64 27.55 -15.64 15.14
C THR A 64 27.73 -14.15 14.89
N THR A 65 28.84 -13.78 14.24
CA THR A 65 29.08 -12.40 13.88
C THR A 65 29.61 -12.30 12.47
N TRP A 66 29.35 -11.15 11.84
CA TRP A 66 29.88 -10.85 10.52
C TRP A 66 29.84 -9.35 10.36
N SER A 67 30.22 -8.86 9.20
CA SER A 67 30.17 -7.42 8.98
C SER A 67 29.36 -7.06 7.75
N ASP A 68 28.72 -5.90 7.80
CA ASP A 68 28.11 -5.31 6.61
C ASP A 68 28.40 -3.82 6.69
N ARG A 69 29.49 -3.39 6.08
CA ARG A 69 29.94 -2.00 6.22
C ARG A 69 28.99 -0.97 5.64
N THR A 70 28.06 -1.40 4.78
CA THR A 70 27.03 -0.50 4.27
C THR A 70 26.09 -0.03 5.41
N LEU A 71 26.05 -0.79 6.50
CA LEU A 71 25.19 -0.42 7.62
C LEU A 71 25.85 0.57 8.60
N ALA A 72 27.16 0.76 8.45
CA ALA A 72 27.91 1.59 9.41
C ALA A 72 27.40 3.03 9.47
N TRP A 73 27.58 3.67 10.61
CA TRP A 73 27.30 5.09 10.70
C TRP A 73 28.27 5.78 11.65
N ASN A 74 28.35 7.09 11.51
CA ASN A 74 29.20 7.93 12.34
C ASN A 74 28.55 8.11 13.71
N SER A 75 29.08 7.40 14.70
CA SER A 75 28.55 7.47 16.05
C SER A 75 29.33 8.42 16.98
N SER A 76 29.96 9.44 16.42
CA SER A 76 30.63 10.47 17.26
C SER A 76 29.70 11.05 18.30
N HIS A 77 28.45 11.29 17.93
CA HIS A 77 27.48 11.82 18.89
C HIS A 77 26.15 11.10 18.84
N SER A 78 26.18 9.78 18.72
CA SER A 78 24.96 8.98 18.66
C SER A 78 25.25 7.59 19.22
N PRO A 79 24.23 6.71 19.35
CA PRO A 79 24.49 5.37 19.92
C PRO A 79 25.53 4.57 19.12
N ASP A 80 26.32 3.76 19.82
CA ASP A 80 27.29 2.89 19.18
C ASP A 80 26.67 1.62 18.61
N GLN A 81 25.51 1.23 19.16
CA GLN A 81 24.81 0.02 18.77
C GLN A 81 23.31 0.18 18.96
N VAL A 82 22.53 -0.66 18.27
CA VAL A 82 21.11 -0.86 18.54
C VAL A 82 20.74 -2.32 18.31
N SER A 83 19.63 -2.77 18.88
CA SER A 83 19.13 -4.11 18.58
C SER A 83 18.15 -4.00 17.40
N VAL A 84 18.12 -5.02 16.53
CA VAL A 84 17.36 -5.00 15.30
C VAL A 84 16.74 -6.38 15.12
N PRO A 85 15.44 -6.45 14.74
CA PRO A 85 14.88 -7.78 14.45
C PRO A 85 15.66 -8.42 13.30
N ILE A 86 15.95 -9.72 13.39
CA ILE A 86 16.72 -10.36 12.31
C ILE A 86 15.98 -10.35 10.98
N SER A 87 14.66 -10.21 11.06
CA SER A 87 13.82 -10.15 9.84
C SER A 87 14.12 -8.90 9.01
N SER A 88 14.72 -7.89 9.64
CA SER A 88 15.10 -6.68 8.89
C SER A 88 16.54 -6.78 8.35
N LEU A 89 17.22 -7.91 8.61
CA LEU A 89 18.64 -8.03 8.29
C LEU A 89 18.96 -9.25 7.46
N TRP A 90 20.08 -9.22 6.76
CA TRP A 90 20.63 -10.45 6.21
C TRP A 90 21.27 -11.26 7.35
N VAL A 91 20.95 -12.55 7.37
CA VAL A 91 21.53 -13.49 8.30
C VAL A 91 22.08 -14.68 7.49
N PRO A 92 23.26 -15.20 7.86
CA PRO A 92 23.85 -16.36 7.15
C PRO A 92 22.93 -17.58 7.20
N ASP A 93 22.79 -18.30 6.09
CA ASP A 93 21.92 -19.47 6.01
C ASP A 93 22.59 -20.73 6.56
N LEU A 94 22.98 -20.68 7.82
CA LEU A 94 23.70 -21.80 8.45
C LEU A 94 22.76 -22.97 8.74
N ALA A 95 23.28 -24.18 8.53
CA ALA A 95 22.58 -25.40 8.90
C ALA A 95 23.57 -26.33 9.59
N ALA A 96 23.08 -27.11 10.55
CA ALA A 96 23.90 -28.12 11.19
C ALA A 96 23.63 -29.44 10.48
N TYR A 97 24.65 -29.98 9.81
CA TYR A 97 24.43 -31.10 8.87
C TYR A 97 23.85 -32.35 9.56
N ASN A 98 24.26 -32.61 10.81
CA ASN A 98 23.78 -33.80 11.51
C ASN A 98 22.72 -33.53 12.56
N ALA A 99 21.99 -32.42 12.42
CA ALA A 99 20.85 -32.18 13.29
C ALA A 99 19.66 -32.99 12.78
N ILE A 100 18.90 -33.58 13.71
CA ILE A 100 17.75 -34.39 13.31
C ILE A 100 16.42 -33.75 13.74
N SER A 101 16.50 -32.56 14.32
CA SER A 101 15.31 -31.77 14.61
C SER A 101 15.56 -30.33 14.16
N LYS A 102 14.48 -29.59 13.89
CA LYS A 102 14.59 -28.16 13.61
C LYS A 102 15.16 -27.43 14.82
N PRO A 103 16.01 -26.42 14.61
CA PRO A 103 16.55 -25.71 15.78
C PRO A 103 15.44 -24.97 16.52
N GLU A 104 15.37 -25.19 17.83
CA GLU A 104 14.40 -24.50 18.67
C GLU A 104 15.10 -23.28 19.30
N VAL A 105 14.76 -22.09 18.79
CA VAL A 105 15.38 -20.85 19.23
C VAL A 105 14.69 -20.39 20.51
N LEU A 106 15.47 -20.30 21.60
CA LEU A 106 14.92 -20.00 22.92
C LEU A 106 14.82 -18.52 23.24
N THR A 107 15.53 -17.71 22.47
CA THR A 107 15.74 -16.32 22.84
C THR A 107 15.10 -15.36 21.82
N PRO A 108 14.93 -14.07 22.18
CA PRO A 108 14.42 -13.05 21.25
C PRO A 108 15.25 -12.96 19.96
N GLN A 109 14.57 -12.95 18.83
CA GLN A 109 15.25 -12.96 17.55
C GLN A 109 15.69 -11.53 17.14
N LEU A 110 16.52 -10.92 17.98
CA LEU A 110 17.11 -9.62 17.74
C LEU A 110 18.63 -9.78 17.55
N ALA A 111 19.20 -9.01 16.64
CA ALA A 111 20.66 -8.94 16.48
C ALA A 111 21.14 -7.60 17.01
N ARG A 112 22.43 -7.49 17.32
CA ARG A 112 23.04 -6.17 17.54
C ARG A 112 23.75 -5.73 16.28
N VAL A 113 23.53 -4.48 15.89
CA VAL A 113 24.28 -3.88 14.79
C VAL A 113 25.13 -2.76 15.40
N VAL A 114 26.44 -2.82 15.15
CA VAL A 114 27.39 -1.84 15.69
C VAL A 114 27.66 -0.78 14.62
N SER A 115 28.12 0.39 15.04
CA SER A 115 28.22 1.54 14.14
C SER A 115 29.33 1.37 13.12
N ASP A 116 30.24 0.42 13.36
CA ASP A 116 31.28 0.08 12.37
C ASP A 116 30.76 -0.94 11.36
N GLY A 117 29.51 -1.35 11.50
CA GLY A 117 28.91 -2.30 10.57
C GLY A 117 28.98 -3.74 11.04
N GLU A 118 29.49 -3.98 12.24
CA GLU A 118 29.51 -5.35 12.75
C GLU A 118 28.07 -5.75 13.09
N VAL A 119 27.72 -7.00 12.78
CA VAL A 119 26.41 -7.53 13.14
C VAL A 119 26.60 -8.76 14.03
N LEU A 120 25.94 -8.77 15.19
CA LEU A 120 26.06 -9.89 16.11
C LEU A 120 24.70 -10.54 16.36
N TYR A 121 24.60 -11.83 16.10
CA TYR A 121 23.38 -12.56 16.42
C TYR A 121 23.77 -13.80 17.20
N MET A 122 23.30 -13.88 18.43
CA MET A 122 23.76 -14.94 19.30
C MET A 122 22.57 -15.57 20.02
N PRO A 123 21.83 -16.45 19.33
CA PRO A 123 20.67 -17.10 19.93
C PRO A 123 21.04 -18.29 20.83
N SER A 124 20.20 -18.58 21.81
CA SER A 124 20.31 -19.84 22.51
C SER A 124 19.42 -20.82 21.77
N ILE A 125 19.94 -22.02 21.51
CA ILE A 125 19.22 -23.00 20.68
C ILE A 125 19.18 -24.37 21.35
N ARG A 126 18.01 -24.99 21.34
CA ARG A 126 17.90 -26.40 21.69
C ARG A 126 17.70 -27.21 20.41
N GLN A 127 18.56 -28.20 20.22
CA GLN A 127 18.48 -29.04 19.03
C GLN A 127 18.95 -30.48 19.31
N ARG A 128 18.35 -31.43 18.58
CA ARG A 128 18.74 -32.85 18.61
C ARG A 128 19.72 -33.17 17.46
N PHE A 129 20.74 -33.96 17.77
CA PHE A 129 21.76 -34.35 16.79
C PHE A 129 21.98 -35.86 16.75
N SER A 130 22.40 -36.36 15.60
CA SER A 130 22.90 -37.72 15.48
C SER A 130 24.44 -37.67 15.46
N CYS A 131 25.06 -38.29 16.47
CA CYS A 131 26.52 -38.25 16.68
C CYS A 131 27.02 -39.42 17.55
N ASP A 132 28.34 -39.65 17.56
CA ASP A 132 28.92 -40.75 18.33
C ASP A 132 28.71 -40.58 19.84
N VAL A 133 27.80 -41.39 20.40
CA VAL A 133 27.46 -41.30 21.82
C VAL A 133 28.30 -42.29 22.66
N SER A 134 28.81 -43.33 22.00
CA SER A 134 29.61 -44.37 22.65
C SER A 134 30.70 -43.82 23.56
N GLY A 135 30.88 -44.45 24.72
CA GLY A 135 31.91 -44.05 25.66
C GLY A 135 31.45 -43.03 26.69
N VAL A 136 30.16 -42.74 26.69
CA VAL A 136 29.60 -41.68 27.56
C VAL A 136 29.74 -42.00 29.05
N ASP A 137 29.85 -43.28 29.37
CA ASP A 137 29.98 -43.73 30.77
C ASP A 137 31.42 -43.93 31.23
N THR A 138 32.37 -43.81 30.31
CA THR A 138 33.78 -43.93 30.63
C THR A 138 34.34 -42.61 31.16
N GLU A 139 35.67 -42.55 31.30
CA GLU A 139 36.34 -41.34 31.78
C GLU A 139 36.88 -40.55 30.59
N SER A 140 37.10 -41.27 29.50
CA SER A 140 37.51 -40.66 28.24
C SER A 140 36.32 -39.91 27.64
N GLY A 141 35.12 -40.30 28.08
CA GLY A 141 33.89 -39.66 27.65
C GLY A 141 33.44 -40.10 26.27
N ALA A 142 32.47 -39.38 25.73
CA ALA A 142 32.09 -39.57 24.34
C ALA A 142 32.48 -38.30 23.61
N THR A 143 32.69 -38.41 22.30
CA THR A 143 32.97 -37.24 21.49
C THR A 143 31.92 -37.11 20.40
N CYS A 144 31.04 -36.14 20.58
CA CYS A 144 29.99 -35.88 19.60
C CYS A 144 30.40 -34.66 18.79
N ARG A 145 30.49 -34.85 17.48
CA ARG A 145 30.94 -33.80 16.59
C ARG A 145 29.75 -33.20 15.84
N ILE A 146 29.63 -31.87 15.88
CA ILE A 146 28.56 -31.15 15.17
C ILE A 146 29.17 -30.26 14.11
N LYS A 147 28.68 -30.36 12.88
CA LYS A 147 29.19 -29.54 11.79
C LYS A 147 28.15 -28.51 11.35
N ILE A 148 28.59 -27.26 11.22
CA ILE A 148 27.69 -26.18 10.85
C ILE A 148 28.33 -25.40 9.71
N GLY A 149 27.59 -25.22 8.61
CA GLY A 149 28.08 -24.48 7.47
C GLY A 149 26.97 -23.77 6.73
N SER A 150 27.33 -22.82 5.86
CA SER A 150 26.33 -22.21 4.98
C SER A 150 25.68 -23.28 4.09
N TRP A 151 24.35 -23.27 4.02
CA TRP A 151 23.68 -24.27 3.20
C TRP A 151 23.83 -24.00 1.71
N THR A 152 23.59 -22.76 1.30
CA THR A 152 23.53 -22.50 -0.15
C THR A 152 24.68 -21.67 -0.69
N HIS A 153 25.49 -21.13 0.21
CA HIS A 153 26.64 -20.34 -0.23
C HIS A 153 27.94 -21.10 0.00
N HIS A 154 28.63 -21.39 -1.10
CA HIS A 154 29.93 -22.04 -1.08
C HIS A 154 31.02 -21.04 -0.71
N SER A 155 32.26 -21.50 -0.67
CA SER A 155 33.36 -20.75 -0.05
C SER A 155 33.71 -19.40 -0.70
N ARG A 156 33.42 -19.21 -1.98
CA ARG A 156 33.67 -17.91 -2.62
C ARG A 156 32.72 -16.83 -2.07
N GLU A 157 31.58 -17.26 -1.53
CA GLU A 157 30.53 -16.35 -1.09
C GLU A 157 30.48 -16.21 0.43
N ILE A 158 30.57 -17.32 1.13
CA ILE A 158 30.62 -17.31 2.58
C ILE A 158 31.74 -18.20 3.10
N SER A 159 32.58 -17.67 4.00
CA SER A 159 33.55 -18.48 4.70
C SER A 159 33.19 -18.51 6.18
N VAL A 160 33.37 -19.66 6.81
CA VAL A 160 33.08 -19.75 8.23
C VAL A 160 34.36 -20.01 8.99
N ASP A 161 34.51 -19.32 10.11
CA ASP A 161 35.75 -19.38 10.89
C ASP A 161 35.40 -19.38 12.37
N PRO A 162 35.91 -20.39 13.11
CA PRO A 162 35.59 -20.50 14.54
C PRO A 162 36.15 -19.36 15.38
N THR A 163 35.31 -18.78 16.24
CA THR A 163 35.72 -17.63 17.04
C THR A 163 36.88 -17.97 17.96
N ASP A 168 36.65 -22.01 30.42
CA ASP A 168 36.00 -21.33 29.30
C ASP A 168 34.88 -22.20 28.72
N ASP A 169 35.14 -23.50 28.53
CA ASP A 169 34.18 -24.40 27.86
C ASP A 169 32.85 -24.55 28.62
N SER A 170 32.92 -24.59 29.95
CA SER A 170 31.73 -24.80 30.75
C SER A 170 31.25 -23.52 31.43
N GLU A 171 31.71 -22.37 30.96
CA GLU A 171 31.38 -21.08 31.58
C GLU A 171 29.87 -20.84 31.62
N TYR A 172 29.19 -21.26 30.56
CA TYR A 172 27.73 -21.11 30.47
C TYR A 172 27.02 -22.44 30.61
N PHE A 173 27.77 -23.47 30.99
CA PHE A 173 27.21 -24.81 31.07
C PHE A 173 26.51 -25.09 32.40
N SER A 174 25.30 -25.63 32.32
CA SER A 174 24.49 -25.89 33.50
C SER A 174 25.14 -26.88 34.48
N GLN A 175 25.30 -26.44 35.72
CA GLN A 175 25.80 -27.31 36.77
C GLN A 175 24.79 -28.43 37.12
N TYR A 176 23.59 -28.35 36.56
CA TYR A 176 22.55 -29.33 36.93
C TYR A 176 22.35 -30.40 35.88
N SER A 177 23.11 -30.32 34.80
CA SER A 177 23.08 -31.37 33.81
C SER A 177 23.57 -32.66 34.46
N ARG A 178 22.96 -33.77 34.04
CA ARG A 178 23.44 -35.12 34.34
C ARG A 178 24.84 -35.36 33.79
N PHE A 179 25.33 -34.44 32.97
CA PHE A 179 26.57 -34.64 32.24
C PHE A 179 27.55 -33.51 32.53
N GLU A 180 28.80 -33.70 32.10
CA GLU A 180 29.84 -32.68 32.27
C GLU A 180 30.74 -32.65 31.04
N ILE A 181 31.33 -31.50 30.75
CA ILE A 181 32.17 -31.33 29.58
C ILE A 181 33.67 -31.46 29.90
N LEU A 182 34.34 -32.38 29.22
CA LEU A 182 35.78 -32.57 29.38
C LEU A 182 36.55 -31.60 28.48
N ASP A 183 36.02 -31.37 27.27
CA ASP A 183 36.72 -30.56 26.27
C ASP A 183 35.82 -30.18 25.08
N VAL A 184 35.97 -28.96 24.58
CA VAL A 184 35.32 -28.59 23.32
C VAL A 184 36.35 -28.07 22.35
N THR A 185 36.41 -28.69 21.16
CA THR A 185 37.32 -28.22 20.13
C THR A 185 36.55 -27.85 18.86
N GLN A 186 37.00 -26.79 18.22
CA GLN A 186 36.30 -26.21 17.08
C GLN A 186 37.25 -26.07 15.90
N LYS A 187 37.07 -26.89 14.87
CA LYS A 187 37.91 -26.79 13.69
C LYS A 187 37.13 -26.48 12.41
N LYS A 188 37.86 -26.00 11.42
CA LYS A 188 37.29 -25.51 10.19
C LYS A 188 37.57 -26.48 9.04
N ASN A 189 36.52 -26.85 8.31
CA ASN A 189 36.64 -27.68 7.12
C ASN A 189 36.22 -26.90 5.89
N SER A 190 36.69 -27.33 4.73
CA SER A 190 36.25 -26.82 3.44
C SER A 190 36.03 -28.02 2.53
N VAL A 191 34.77 -28.41 2.32
CA VAL A 191 34.46 -29.72 1.76
C VAL A 191 33.75 -29.64 0.41
N THR A 192 34.17 -30.45 -0.55
CA THR A 192 33.53 -30.55 -1.85
C THR A 192 32.73 -31.86 -1.95
N TYR A 193 31.46 -31.75 -2.30
CA TYR A 193 30.60 -32.92 -2.35
C TYR A 193 30.37 -33.32 -3.81
N SER A 194 30.04 -34.58 -4.04
CA SER A 194 29.82 -35.11 -5.40
C SER A 194 28.71 -34.35 -6.11
N CYS A 195 27.82 -33.73 -5.33
CA CYS A 195 26.70 -32.98 -5.89
C CYS A 195 27.16 -31.76 -6.69
N CYS A 196 28.23 -31.12 -6.21
CA CYS A 196 28.57 -29.77 -6.66
C CYS A 196 30.06 -29.58 -6.84
N PRO A 197 30.46 -28.71 -7.78
CA PRO A 197 31.89 -28.43 -8.01
C PRO A 197 32.52 -27.56 -6.91
N GLU A 198 31.76 -26.60 -6.35
CA GLU A 198 32.29 -25.68 -5.34
C GLU A 198 32.40 -26.28 -3.93
N ALA A 199 33.33 -25.75 -3.14
CA ALA A 199 33.50 -26.22 -1.76
C ALA A 199 32.62 -25.43 -0.78
N TYR A 200 32.16 -26.12 0.27
CA TYR A 200 31.35 -25.51 1.32
C TYR A 200 32.10 -25.57 2.63
N GLU A 201 32.34 -24.41 3.22
CA GLU A 201 33.03 -24.39 4.49
C GLU A 201 32.09 -24.81 5.62
N ASP A 202 32.67 -25.35 6.70
CA ASP A 202 31.92 -25.59 7.92
C ASP A 202 32.83 -25.41 9.13
N VAL A 203 32.24 -25.23 10.30
CA VAL A 203 32.99 -25.34 11.55
C VAL A 203 32.57 -26.68 12.16
N GLU A 204 33.53 -27.51 12.53
CA GLU A 204 33.22 -28.78 13.19
C GLU A 204 33.45 -28.59 14.67
N VAL A 205 32.40 -28.80 15.46
CA VAL A 205 32.51 -28.63 16.89
C VAL A 205 32.53 -30.01 17.54
N SER A 206 33.64 -30.33 18.18
CA SER A 206 33.77 -31.61 18.85
C SER A 206 33.53 -31.46 20.35
N LEU A 207 32.44 -32.05 20.81
CA LEU A 207 32.10 -32.01 22.21
C LEU A 207 32.52 -33.32 22.87
N ASN A 208 33.51 -33.25 23.75
CA ASN A 208 33.92 -34.39 24.57
C ASN A 208 33.26 -34.31 25.95
N PHE A 209 32.37 -35.27 26.24
CA PHE A 209 31.54 -35.22 27.45
C PHE A 209 31.24 -36.61 28.04
N ARG A 210 30.86 -36.64 29.32
CA ARG A 210 30.51 -37.91 29.98
C ARG A 210 29.47 -37.72 31.09
N LYS A 211 28.82 -38.81 31.50
CA LYS A 211 27.93 -38.75 32.66
C LYS A 211 28.74 -38.56 33.95
N LYS A 212 28.26 -37.71 34.86
CA LYS A 212 28.94 -37.55 36.15
C LYS A 212 28.81 -38.82 36.98
N GLY A 213 29.80 -39.07 37.83
CA GLY A 213 29.80 -40.24 38.69
C GLY A 213 28.70 -40.19 39.73
N ASP B 7 30.07 -9.21 -6.41
CA ASP B 7 29.64 -7.82 -6.21
C ASP B 7 28.19 -7.77 -5.73
N LYS B 8 27.99 -7.19 -4.55
CA LYS B 8 26.68 -7.16 -3.89
C LYS B 8 25.58 -6.48 -4.73
N LEU B 9 25.86 -5.29 -5.25
CA LEU B 9 24.87 -4.58 -6.06
C LEU B 9 24.46 -5.41 -7.27
N ASP B 10 25.42 -6.12 -7.86
CA ASP B 10 25.10 -6.96 -8.99
C ASP B 10 24.15 -8.06 -8.53
N ARG B 11 24.40 -8.61 -7.34
CA ARG B 11 23.52 -9.62 -6.77
C ARG B 11 22.13 -9.02 -6.50
N ALA B 12 22.09 -7.83 -5.90
CA ALA B 12 20.83 -7.16 -5.62
C ALA B 12 20.03 -6.98 -6.91
N ASP B 13 20.73 -6.66 -7.99
CA ASP B 13 20.06 -6.44 -9.28
C ASP B 13 19.52 -7.74 -9.86
N ILE B 14 20.30 -8.82 -9.75
CA ILE B 14 19.82 -10.12 -10.22
C ILE B 14 18.56 -10.56 -9.46
N LEU B 15 18.59 -10.43 -8.14
CA LEU B 15 17.43 -10.74 -7.29
C LEU B 15 16.21 -9.90 -7.69
N TYR B 16 16.42 -8.61 -7.95
CA TYR B 16 15.36 -7.74 -8.45
C TYR B 16 14.78 -8.27 -9.77
N ASN B 17 15.65 -8.54 -10.75
CA ASN B 17 15.22 -9.10 -12.04
C ASN B 17 14.43 -10.38 -11.86
N ILE B 18 14.97 -11.29 -11.05
CA ILE B 18 14.28 -12.52 -10.76
C ILE B 18 12.91 -12.23 -10.17
N ARG B 19 12.82 -11.33 -9.20
CA ARG B 19 11.50 -11.04 -8.64
C ARG B 19 10.55 -10.31 -9.59
N GLN B 20 11.08 -9.54 -10.54
CA GLN B 20 10.24 -8.91 -11.55
C GLN B 20 9.61 -9.96 -12.46
N THR B 21 10.40 -10.97 -12.83
CA THR B 21 9.97 -11.94 -13.84
C THR B 21 9.25 -13.14 -13.21
N SER B 22 9.60 -13.46 -11.96
CA SER B 22 9.11 -14.70 -11.38
C SER B 22 7.58 -14.71 -11.27
N ARG B 23 6.98 -15.83 -11.62
CA ARG B 23 5.57 -16.04 -11.36
C ARG B 23 5.43 -17.22 -10.41
N PRO B 24 5.43 -16.94 -9.08
CA PRO B 24 5.51 -18.05 -8.13
C PRO B 24 4.33 -19.04 -8.14
N ASP B 25 3.18 -18.64 -8.66
CA ASP B 25 2.03 -19.54 -8.65
C ASP B 25 1.68 -20.15 -10.01
N VAL B 26 2.53 -19.89 -11.01
CA VAL B 26 2.29 -20.41 -12.36
C VAL B 26 3.36 -21.42 -12.77
N ILE B 27 2.98 -22.61 -13.21
CA ILE B 27 3.98 -23.58 -13.69
C ILE B 27 4.75 -22.95 -14.85
N PRO B 28 6.09 -23.11 -14.86
CA PRO B 28 6.93 -22.46 -15.88
C PRO B 28 7.06 -23.35 -17.11
N THR B 29 5.95 -23.64 -17.79
CA THR B 29 6.03 -24.50 -18.96
C THR B 29 5.95 -23.72 -20.27
N GLN B 30 7.02 -23.79 -21.05
CA GLN B 30 7.08 -23.11 -22.34
C GLN B 30 8.07 -23.76 -23.31
N ARG B 31 7.85 -23.58 -24.59
CA ARG B 31 6.57 -23.04 -25.04
C ARG B 31 5.41 -24.02 -24.76
N ASP B 32 5.60 -25.30 -25.11
CA ASP B 32 4.53 -26.30 -24.98
C ASP B 32 4.75 -27.60 -24.18
N ARG B 33 5.85 -27.72 -23.43
CA ARG B 33 6.23 -29.00 -22.82
C ARG B 33 6.13 -29.03 -21.30
N PRO B 34 5.60 -30.12 -20.73
CA PRO B 34 5.37 -30.15 -19.28
C PRO B 34 6.67 -29.96 -18.50
N VAL B 35 6.63 -29.17 -17.42
CA VAL B 35 7.85 -28.79 -16.72
C VAL B 35 8.60 -30.07 -16.35
N ALA B 36 9.83 -30.18 -16.84
CA ALA B 36 10.67 -31.33 -16.54
C ALA B 36 11.27 -31.14 -15.16
N VAL B 37 10.81 -31.92 -14.20
CA VAL B 37 11.35 -31.84 -12.84
C VAL B 37 12.22 -33.04 -12.51
N SER B 38 13.45 -32.76 -12.09
CA SER B 38 14.35 -33.82 -11.64
C SER B 38 14.22 -34.01 -10.12
N VAL B 39 14.08 -35.26 -9.70
CA VAL B 39 13.90 -35.61 -8.30
C VAL B 39 14.82 -36.77 -7.92
N SER B 40 15.65 -36.55 -6.91
CA SER B 40 16.49 -37.62 -6.38
C SER B 40 16.65 -37.52 -4.87
N LEU B 41 16.56 -38.67 -4.19
CA LEU B 41 16.76 -38.71 -2.74
C LEU B 41 18.13 -39.28 -2.39
N LYS B 42 18.86 -38.57 -1.54
CA LYS B 42 20.05 -39.12 -0.92
C LYS B 42 19.82 -39.25 0.58
N PHE B 43 19.81 -40.47 1.10
CA PHE B 43 19.54 -40.64 2.52
C PHE B 43 20.66 -40.13 3.45
N ILE B 44 20.24 -39.53 4.56
CA ILE B 44 21.15 -38.98 5.55
C ILE B 44 21.12 -39.88 6.78
N ASN B 45 19.94 -40.39 7.10
CA ASN B 45 19.76 -41.12 8.34
C ASN B 45 18.49 -41.96 8.32
N ILE B 46 18.49 -43.04 9.08
CA ILE B 46 17.27 -43.81 9.37
C ILE B 46 17.22 -43.85 10.90
N LEU B 47 16.13 -43.36 11.48
CA LEU B 47 16.14 -43.04 12.92
C LEU B 47 15.25 -43.95 13.74
N GLU B 48 14.00 -44.05 13.34
CA GLU B 48 13.05 -44.92 14.03
C GLU B 48 12.61 -45.92 13.00
N VAL B 49 12.60 -47.19 13.38
CA VAL B 49 12.09 -48.24 12.54
C VAL B 49 11.20 -49.13 13.38
N ASN B 50 9.92 -49.20 13.02
CA ASN B 50 8.97 -50.04 13.74
C ASN B 50 8.46 -51.17 12.85
N GLU B 51 9.00 -52.38 13.06
CA GLU B 51 8.70 -53.52 12.20
C GLU B 51 7.26 -54.01 12.38
N ILE B 52 6.68 -53.69 13.54
CA ILE B 52 5.29 -54.07 13.80
C ILE B 52 4.27 -53.15 13.11
N THR B 53 4.39 -51.84 13.32
CA THR B 53 3.46 -50.86 12.72
C THR B 53 3.79 -50.51 11.27
N ASN B 54 4.90 -51.04 10.77
CA ASN B 54 5.38 -50.74 9.42
C ASN B 54 5.54 -49.24 9.19
N GLU B 55 6.23 -48.58 10.11
CA GLU B 55 6.50 -47.16 9.97
C GLU B 55 7.99 -46.90 10.13
N VAL B 56 8.53 -45.98 9.34
CA VAL B 56 9.92 -45.56 9.48
C VAL B 56 10.00 -44.05 9.67
N ASP B 57 11.10 -43.61 10.27
CA ASP B 57 11.37 -42.20 10.43
C ASP B 57 12.73 -41.96 9.80
N VAL B 58 12.75 -41.23 8.67
CA VAL B 58 14.01 -41.01 7.96
C VAL B 58 14.39 -39.53 7.74
N VAL B 59 15.66 -39.33 7.42
CA VAL B 59 16.16 -38.04 7.02
C VAL B 59 16.80 -38.21 5.65
N PHE B 60 16.32 -37.45 4.67
CA PHE B 60 16.84 -37.51 3.31
C PHE B 60 17.12 -36.14 2.70
N TRP B 61 18.16 -36.08 1.89
CA TRP B 61 18.44 -34.92 1.08
C TRP B 61 17.62 -35.02 -0.22
N GLN B 62 16.62 -34.16 -0.36
CA GLN B 62 15.75 -34.19 -1.54
C GLN B 62 16.25 -33.22 -2.63
N GLN B 63 17.00 -33.76 -3.59
CA GLN B 63 17.54 -32.98 -4.70
C GLN B 63 16.50 -32.75 -5.79
N THR B 64 16.09 -31.50 -5.96
CA THR B 64 15.07 -31.13 -6.92
C THR B 64 15.61 -30.03 -7.82
N THR B 65 15.53 -30.24 -9.13
CA THR B 65 15.98 -29.25 -10.11
C THR B 65 15.00 -29.16 -11.26
N TRP B 66 14.94 -27.98 -11.87
CA TRP B 66 14.11 -27.73 -13.04
C TRP B 66 14.61 -26.46 -13.70
N SER B 67 13.99 -26.07 -14.80
CA SER B 67 14.46 -24.91 -15.53
C SER B 67 13.33 -23.91 -15.73
N ASP B 68 13.63 -22.63 -15.50
CA ASP B 68 12.73 -21.54 -15.94
C ASP B 68 13.56 -20.55 -16.73
N ARG B 69 13.50 -20.64 -18.06
CA ARG B 69 14.41 -19.85 -18.89
C ARG B 69 14.08 -18.36 -18.92
N THR B 70 12.88 -18.00 -18.48
CA THR B 70 12.51 -16.60 -18.37
C THR B 70 13.38 -15.92 -17.30
N LEU B 71 13.89 -16.73 -16.36
CA LEU B 71 14.72 -16.23 -15.28
C LEU B 71 16.18 -16.02 -15.70
N ALA B 72 16.55 -16.51 -16.87
CA ALA B 72 17.95 -16.43 -17.31
C ALA B 72 18.45 -14.98 -17.49
N TRP B 73 19.76 -14.81 -17.33
CA TRP B 73 20.41 -13.52 -17.61
C TRP B 73 21.84 -13.75 -18.11
N ASN B 74 22.39 -12.75 -18.79
CA ASN B 74 23.76 -12.79 -19.29
C ASN B 74 24.74 -12.55 -18.15
N SER B 75 25.52 -13.56 -17.81
CA SER B 75 26.45 -13.47 -16.69
C SER B 75 27.93 -13.35 -17.07
N SER B 76 28.23 -12.86 -18.27
CA SER B 76 29.61 -12.74 -18.73
C SER B 76 30.47 -11.91 -17.77
N HIS B 77 29.87 -10.89 -17.18
CA HIS B 77 30.55 -10.06 -16.18
C HIS B 77 29.70 -9.81 -14.94
N SER B 78 28.91 -10.83 -14.55
CA SER B 78 28.12 -10.78 -13.32
C SER B 78 28.02 -12.20 -12.75
N PRO B 79 27.55 -12.34 -11.49
CA PRO B 79 27.50 -13.69 -10.89
C PRO B 79 26.70 -14.71 -11.69
N ASP B 80 27.15 -15.95 -11.63
CA ASP B 80 26.55 -17.11 -12.30
C ASP B 80 25.30 -17.59 -11.60
N GLN B 81 25.26 -17.37 -10.28
CA GLN B 81 24.20 -17.90 -9.42
C GLN B 81 23.93 -16.98 -8.24
N VAL B 82 22.70 -17.02 -7.74
CA VAL B 82 22.34 -16.42 -6.46
C VAL B 82 21.42 -17.35 -5.69
N SER B 83 21.40 -17.21 -4.36
CA SER B 83 20.43 -17.90 -3.54
C SER B 83 19.19 -17.03 -3.46
N VAL B 84 18.02 -17.65 -3.51
CA VAL B 84 16.75 -16.93 -3.54
C VAL B 84 15.79 -17.63 -2.58
N PRO B 85 15.02 -16.85 -1.80
CA PRO B 85 14.02 -17.50 -0.91
C PRO B 85 12.94 -18.16 -1.75
N ILE B 86 12.56 -19.40 -1.43
CA ILE B 86 11.58 -20.11 -2.27
C ILE B 86 10.22 -19.42 -2.34
N SER B 87 9.93 -18.56 -1.35
CA SER B 87 8.72 -17.73 -1.40
C SER B 87 8.69 -16.83 -2.64
N SER B 88 9.86 -16.50 -3.17
CA SER B 88 9.92 -15.68 -4.39
C SER B 88 9.85 -16.49 -5.69
N LEU B 89 9.89 -17.81 -5.60
CA LEU B 89 9.94 -18.66 -6.82
C LEU B 89 8.79 -19.62 -6.92
N TRP B 90 8.49 -20.07 -8.13
CA TRP B 90 7.66 -21.24 -8.30
C TRP B 90 8.48 -22.46 -7.87
N VAL B 91 7.83 -23.38 -7.17
CA VAL B 91 8.43 -24.62 -6.76
C VAL B 91 7.41 -25.71 -7.04
N PRO B 92 7.85 -26.88 -7.55
CA PRO B 92 6.84 -27.91 -7.87
C PRO B 92 6.09 -28.41 -6.63
N ASP B 93 4.79 -28.63 -6.78
CA ASP B 93 3.95 -29.07 -5.65
C ASP B 93 4.09 -30.57 -5.41
N LEU B 94 5.30 -31.00 -5.05
CA LEU B 94 5.56 -32.42 -4.85
C LEU B 94 4.99 -32.91 -3.51
N ALA B 95 4.57 -34.16 -3.49
CA ALA B 95 4.11 -34.81 -2.27
C ALA B 95 4.56 -36.26 -2.25
N ALA B 96 4.92 -36.74 -1.06
CA ALA B 96 5.26 -38.13 -0.82
C ALA B 96 4.01 -38.85 -0.35
N TYR B 97 3.43 -39.64 -1.24
CA TYR B 97 2.12 -40.26 -1.04
C TYR B 97 2.00 -41.11 0.25
N ASN B 98 3.07 -41.79 0.64
CA ASN B 98 3.00 -42.69 1.80
C ASN B 98 3.65 -42.12 3.07
N ALA B 99 3.90 -40.82 3.05
CA ALA B 99 4.31 -40.12 4.27
C ALA B 99 3.12 -40.01 5.21
N ILE B 100 3.38 -40.12 6.51
CA ILE B 100 2.31 -40.05 7.49
C ILE B 100 2.50 -38.86 8.44
N SER B 101 3.52 -38.06 8.17
CA SER B 101 3.73 -36.79 8.87
C SER B 101 4.10 -35.69 7.86
N LYS B 102 3.92 -34.42 8.23
CA LYS B 102 4.36 -33.32 7.38
C LYS B 102 5.87 -33.35 7.26
N PRO B 103 6.41 -32.92 6.12
CA PRO B 103 7.87 -32.98 6.06
C PRO B 103 8.46 -31.94 6.99
N GLU B 104 9.45 -32.31 7.78
CA GLU B 104 10.14 -31.35 8.64
C GLU B 104 11.38 -30.90 7.88
N VAL B 105 11.35 -29.68 7.36
CA VAL B 105 12.47 -29.12 6.61
C VAL B 105 13.53 -28.60 7.57
N LEU B 106 14.68 -29.26 7.58
CA LEU B 106 15.75 -28.96 8.52
C LEU B 106 16.66 -27.80 8.08
N THR B 107 16.59 -27.43 6.81
CA THR B 107 17.56 -26.50 6.22
C THR B 107 16.90 -25.19 5.77
N PRO B 108 17.71 -24.11 5.62
CA PRO B 108 17.15 -22.81 5.20
C PRO B 108 16.45 -22.93 3.86
N GLN B 109 15.27 -22.34 3.76
CA GLN B 109 14.46 -22.50 2.58
C GLN B 109 14.85 -21.58 1.43
N LEU B 110 16.07 -21.79 0.94
CA LEU B 110 16.64 -21.01 -0.14
C LEU B 110 16.94 -21.91 -1.33
N ALA B 111 16.64 -21.43 -2.55
CA ALA B 111 17.01 -22.15 -3.77
C ALA B 111 18.21 -21.46 -4.41
N ARG B 112 18.87 -22.14 -5.34
CA ARG B 112 19.85 -21.49 -6.21
C ARG B 112 19.22 -21.28 -7.58
N VAL B 113 19.39 -20.07 -8.11
CA VAL B 113 19.00 -19.78 -9.48
C VAL B 113 20.27 -19.49 -10.28
N VAL B 114 20.45 -20.24 -11.36
CA VAL B 114 21.64 -20.15 -12.21
C VAL B 114 21.29 -19.29 -13.40
N SER B 115 22.27 -18.58 -13.97
CA SER B 115 22.02 -17.61 -15.03
C SER B 115 21.43 -18.21 -16.31
N ASP B 116 21.47 -19.53 -16.45
CA ASP B 116 20.85 -20.15 -17.63
C ASP B 116 19.39 -20.51 -17.36
N GLY B 117 18.92 -20.23 -16.14
CA GLY B 117 17.53 -20.49 -15.82
C GLY B 117 17.31 -21.75 -14.98
N GLU B 118 18.38 -22.50 -14.73
CA GLU B 118 18.22 -23.69 -13.91
C GLU B 118 17.93 -23.29 -12.46
N VAL B 119 16.93 -23.91 -11.85
CA VAL B 119 16.61 -23.67 -10.46
C VAL B 119 16.87 -24.94 -9.68
N LEU B 120 17.66 -24.84 -8.62
CA LEU B 120 17.94 -26.01 -7.80
C LEU B 120 17.44 -25.79 -6.38
N TYR B 121 16.60 -26.70 -5.92
CA TYR B 121 16.16 -26.70 -4.54
C TYR B 121 16.58 -28.03 -3.95
N MET B 122 17.29 -27.99 -2.83
CA MET B 122 17.76 -29.22 -2.22
C MET B 122 17.75 -29.18 -0.68
N PRO B 123 16.55 -29.28 -0.08
CA PRO B 123 16.40 -29.30 1.39
C PRO B 123 16.74 -30.66 1.98
N SER B 124 17.18 -30.63 3.23
CA SER B 124 17.28 -31.84 4.03
C SER B 124 15.98 -31.97 4.79
N ILE B 125 15.37 -33.14 4.74
CA ILE B 125 14.00 -33.29 5.23
C ILE B 125 13.89 -34.52 6.11
N ARG B 126 13.35 -34.35 7.31
CA ARG B 126 13.03 -35.50 8.14
C ARG B 126 11.54 -35.76 8.00
N GLN B 127 11.17 -37.01 7.76
CA GLN B 127 9.76 -37.36 7.57
C GLN B 127 9.48 -38.83 7.94
N ARG B 128 8.22 -39.10 8.27
CA ARG B 128 7.76 -40.41 8.72
C ARG B 128 6.95 -41.10 7.63
N PHE B 129 7.32 -42.34 7.33
CA PHE B 129 6.66 -43.07 6.24
C PHE B 129 6.05 -44.40 6.64
N SER B 130 5.02 -44.78 5.90
CA SER B 130 4.39 -46.08 5.99
C SER B 130 4.85 -46.93 4.81
N CYS B 131 5.72 -47.89 5.10
CA CYS B 131 6.36 -48.76 4.08
C CYS B 131 6.80 -50.11 4.67
N ASP B 132 7.08 -51.09 3.82
CA ASP B 132 7.40 -52.45 4.27
C ASP B 132 8.70 -52.50 5.06
N VAL B 133 8.58 -52.83 6.34
CA VAL B 133 9.75 -52.90 7.24
C VAL B 133 10.15 -54.36 7.54
N SER B 134 9.37 -55.29 7.02
CA SER B 134 9.66 -56.72 7.17
C SER B 134 11.07 -57.04 6.67
N GLY B 135 11.84 -57.77 7.47
CA GLY B 135 13.14 -58.25 7.04
C GLY B 135 14.28 -57.32 7.40
N VAL B 136 13.94 -56.21 8.07
CA VAL B 136 14.94 -55.25 8.50
C VAL B 136 16.05 -55.91 9.33
N ASP B 137 15.67 -56.89 10.14
CA ASP B 137 16.60 -57.57 11.04
C ASP B 137 17.31 -58.76 10.37
N THR B 138 17.10 -58.92 9.07
CA THR B 138 17.74 -60.02 8.34
C THR B 138 18.86 -59.50 7.45
N GLU B 139 19.48 -60.42 6.70
CA GLU B 139 20.59 -60.09 5.82
C GLU B 139 20.14 -59.47 4.50
N SER B 140 19.00 -59.92 4.01
CA SER B 140 18.44 -59.36 2.78
C SER B 140 17.96 -57.94 3.04
N GLY B 141 17.55 -57.67 4.26
CA GLY B 141 17.11 -56.33 4.67
C GLY B 141 15.64 -56.08 4.39
N ALA B 142 15.15 -54.92 4.82
CA ALA B 142 13.80 -54.49 4.44
C ALA B 142 13.88 -53.72 3.14
N THR B 143 12.74 -53.48 2.50
CA THR B 143 12.72 -52.62 1.33
C THR B 143 11.59 -51.59 1.42
N CYS B 144 11.96 -50.37 1.77
CA CYS B 144 10.98 -49.31 1.95
C CYS B 144 10.87 -48.51 0.68
N ARG B 145 9.65 -48.41 0.17
CA ARG B 145 9.38 -47.71 -1.09
C ARG B 145 8.69 -46.38 -0.81
N ILE B 146 9.31 -45.29 -1.25
CA ILE B 146 8.74 -43.96 -1.08
C ILE B 146 8.32 -43.45 -2.46
N LYS B 147 7.05 -43.08 -2.60
CA LYS B 147 6.59 -42.50 -3.86
C LYS B 147 6.39 -40.97 -3.78
N ILE B 148 7.03 -40.25 -4.70
CA ILE B 148 6.95 -38.79 -4.75
C ILE B 148 6.52 -38.31 -6.14
N GLY B 149 5.50 -37.47 -6.18
CA GLY B 149 5.03 -36.91 -7.45
C GLY B 149 4.33 -35.57 -7.27
N SER B 150 4.04 -34.90 -8.38
CA SER B 150 3.29 -33.64 -8.31
C SER B 150 1.87 -33.92 -7.87
N TRP B 151 1.41 -33.19 -6.85
CA TRP B 151 0.07 -33.41 -6.33
C TRP B 151 -1.06 -32.96 -7.27
N THR B 152 -1.01 -31.73 -7.77
CA THR B 152 -2.15 -31.21 -8.53
C THR B 152 -1.87 -31.04 -10.03
N HIS B 153 -0.67 -31.39 -10.44
CA HIS B 153 -0.31 -31.27 -11.85
C HIS B 153 -0.04 -32.63 -12.52
N HIS B 154 -0.86 -32.99 -13.48
CA HIS B 154 -0.69 -34.26 -14.20
C HIS B 154 0.39 -34.20 -15.29
N SER B 155 0.60 -35.32 -15.98
CA SER B 155 1.76 -35.54 -16.85
C SER B 155 1.91 -34.53 -17.99
N ARG B 156 0.82 -33.89 -18.38
CA ARG B 156 0.86 -32.86 -19.42
C ARG B 156 1.45 -31.55 -18.91
N GLU B 157 1.48 -31.39 -17.58
CA GLU B 157 1.93 -30.13 -16.95
C GLU B 157 3.29 -30.28 -16.26
N ILE B 158 3.45 -31.34 -15.50
CA ILE B 158 4.73 -31.64 -14.90
C ILE B 158 5.11 -33.08 -15.18
N SER B 159 6.35 -33.28 -15.59
CA SER B 159 6.92 -34.61 -15.70
C SER B 159 7.93 -34.77 -14.59
N VAL B 160 7.94 -35.95 -13.98
CA VAL B 160 8.85 -36.18 -12.88
C VAL B 160 9.87 -37.24 -13.28
N ASP B 161 11.16 -36.95 -13.08
CA ASP B 161 12.23 -37.85 -13.52
C ASP B 161 13.39 -38.15 -12.53
N PRO B 162 13.99 -39.42 -12.67
CA PRO B 162 15.14 -39.65 -11.77
C PRO B 162 16.44 -39.01 -12.26
N THR B 163 17.47 -38.91 -11.39
CA THR B 163 18.68 -38.15 -11.76
C THR B 163 20.00 -38.95 -11.83
N THR B 164 20.08 -40.08 -11.14
CA THR B 164 21.33 -40.86 -11.09
C THR B 164 21.11 -42.35 -10.84
N SER B 167 25.88 -41.03 -7.47
CA SER B 167 27.05 -41.63 -6.82
C SER B 167 26.65 -42.58 -5.69
N ASP B 168 27.63 -42.86 -4.81
CA ASP B 168 27.45 -43.76 -3.65
C ASP B 168 26.17 -43.48 -2.86
N ASP B 169 25.36 -44.53 -2.68
CA ASP B 169 24.09 -44.42 -1.97
C ASP B 169 24.27 -43.98 -0.51
N SER B 170 25.45 -44.25 0.04
CA SER B 170 25.74 -43.94 1.43
C SER B 170 26.66 -42.75 1.60
N GLU B 171 26.90 -41.99 0.53
CA GLU B 171 27.85 -40.89 0.62
C GLU B 171 27.51 -39.89 1.74
N TYR B 172 26.22 -39.59 1.90
CA TYR B 172 25.80 -38.62 2.90
C TYR B 172 25.18 -39.28 4.12
N PHE B 173 25.15 -40.60 4.12
CA PHE B 173 24.51 -41.37 5.17
C PHE B 173 25.34 -41.40 6.46
N SER B 174 24.65 -41.29 7.59
CA SER B 174 25.30 -41.20 8.90
C SER B 174 25.89 -42.54 9.33
N GLN B 175 27.18 -42.55 9.63
CA GLN B 175 27.80 -43.78 10.13
C GLN B 175 27.23 -44.18 11.49
N TYR B 176 26.56 -43.25 12.16
CA TYR B 176 26.05 -43.50 13.51
C TYR B 176 24.60 -44.02 13.60
N SER B 177 23.94 -44.16 12.46
CA SER B 177 22.64 -44.83 12.44
C SER B 177 22.80 -46.29 12.87
N ARG B 178 21.73 -46.89 13.40
CA ARG B 178 21.73 -48.30 13.73
C ARG B 178 21.59 -49.12 12.46
N PHE B 179 21.42 -48.43 11.33
CA PHE B 179 21.08 -49.09 10.08
C PHE B 179 22.12 -48.81 9.01
N GLU B 180 22.04 -49.56 7.91
CA GLU B 180 23.01 -49.43 6.83
C GLU B 180 22.30 -49.64 5.51
N ILE B 181 22.80 -48.99 4.47
CA ILE B 181 22.12 -49.01 3.18
C ILE B 181 22.69 -50.09 2.28
N LEU B 182 21.85 -51.06 1.92
CA LEU B 182 22.24 -52.13 1.03
C LEU B 182 22.20 -51.64 -0.41
N ASP B 183 21.08 -51.01 -0.76
CA ASP B 183 20.89 -50.46 -2.10
C ASP B 183 19.76 -49.43 -2.16
N VAL B 184 19.96 -48.40 -2.98
CA VAL B 184 18.89 -47.47 -3.32
C VAL B 184 18.70 -47.45 -4.83
N THR B 185 17.49 -47.75 -5.27
CA THR B 185 17.12 -47.57 -6.67
C THR B 185 15.91 -46.65 -6.79
N GLN B 186 15.83 -45.93 -7.90
CA GLN B 186 14.72 -45.01 -8.14
C GLN B 186 14.13 -45.34 -9.51
N LYS B 187 12.81 -45.41 -9.58
CA LYS B 187 12.12 -45.71 -10.84
C LYS B 187 11.00 -44.69 -11.06
N LYS B 188 10.75 -44.36 -12.31
CA LYS B 188 9.67 -43.45 -12.69
C LYS B 188 8.39 -44.20 -13.06
N ASN B 189 7.23 -43.67 -12.67
CA ASN B 189 5.93 -44.18 -13.13
C ASN B 189 5.02 -43.04 -13.60
N SER B 190 4.01 -43.40 -14.40
CA SER B 190 2.87 -42.52 -14.69
C SER B 190 1.62 -43.30 -14.35
N VAL B 191 0.85 -42.85 -13.37
CA VAL B 191 -0.34 -43.61 -13.02
C VAL B 191 -1.62 -42.78 -13.05
N THR B 192 -2.64 -43.33 -13.71
CA THR B 192 -3.95 -42.72 -13.69
C THR B 192 -4.70 -43.33 -12.50
N TYR B 193 -5.45 -42.50 -11.79
CA TYR B 193 -6.26 -42.98 -10.68
C TYR B 193 -7.71 -42.95 -11.10
N SER B 194 -8.55 -43.74 -10.44
CA SER B 194 -9.98 -43.83 -10.76
C SER B 194 -10.68 -42.49 -10.61
N CYS B 195 -10.06 -41.60 -9.86
CA CYS B 195 -10.59 -40.26 -9.57
C CYS B 195 -10.56 -39.34 -10.80
N CYS B 196 -9.51 -39.44 -11.60
CA CYS B 196 -9.21 -38.43 -12.63
C CYS B 196 -8.83 -39.09 -13.95
N PRO B 197 -9.03 -38.37 -15.07
CA PRO B 197 -8.69 -38.94 -16.38
C PRO B 197 -7.20 -38.89 -16.74
N GLU B 198 -6.46 -37.91 -16.21
CA GLU B 198 -5.03 -37.79 -16.55
C GLU B 198 -4.11 -38.63 -15.67
N ALA B 199 -2.89 -38.87 -16.15
CA ALA B 199 -1.93 -39.61 -15.35
C ALA B 199 -1.10 -38.63 -14.52
N TYR B 200 -0.68 -39.05 -13.34
CA TYR B 200 0.27 -38.29 -12.55
C TYR B 200 1.55 -39.10 -12.51
N GLU B 201 2.67 -38.44 -12.74
CA GLU B 201 3.96 -39.10 -12.69
C GLU B 201 4.53 -39.10 -11.26
N ASP B 202 5.32 -40.12 -10.95
CA ASP B 202 6.07 -40.14 -9.68
C ASP B 202 7.41 -40.86 -9.80
N VAL B 203 8.27 -40.65 -8.81
CA VAL B 203 9.49 -41.44 -8.62
C VAL B 203 9.22 -42.38 -7.46
N GLU B 204 9.43 -43.67 -7.69
CA GLU B 204 9.36 -44.62 -6.60
C GLU B 204 10.79 -44.85 -6.18
N VAL B 205 11.08 -44.57 -4.92
CA VAL B 205 12.43 -44.70 -4.43
C VAL B 205 12.46 -45.92 -3.54
N SER B 206 13.26 -46.91 -3.93
CA SER B 206 13.32 -48.15 -3.17
C SER B 206 14.57 -48.18 -2.32
N LEU B 207 14.36 -48.08 -1.02
CA LEU B 207 15.46 -48.09 -0.07
C LEU B 207 15.54 -49.46 0.58
N ASN B 208 16.60 -50.20 0.23
CA ASN B 208 16.90 -51.50 0.83
C ASN B 208 17.95 -51.34 1.93
N PHE B 209 17.55 -51.61 3.17
CA PHE B 209 18.38 -51.35 4.33
C PHE B 209 18.14 -52.40 5.42
N ARG B 210 19.09 -52.53 6.33
CA ARG B 210 18.96 -53.47 7.43
C ARG B 210 19.65 -52.93 8.68
N LYS B 211 19.28 -53.47 9.84
CA LYS B 211 19.95 -53.15 11.09
C LYS B 211 21.40 -53.62 11.04
N LYS B 212 22.30 -52.85 11.66
CA LYS B 212 23.70 -53.23 11.73
C LYS B 212 23.89 -54.33 12.77
N GLY B 213 24.32 -55.51 12.33
CA GLY B 213 24.61 -56.60 13.24
C GLY B 213 25.97 -56.45 13.89
N ASP C 1 -9.14 -26.13 -24.06
CA ASP C 1 -8.73 -27.38 -24.71
C ASP C 1 -7.29 -27.78 -24.37
N TYR C 2 -7.04 -29.09 -24.49
CA TYR C 2 -5.84 -29.73 -23.93
C TYR C 2 -4.52 -29.35 -24.58
N LYS C 3 -4.55 -28.96 -25.85
CA LYS C 3 -3.32 -28.59 -26.56
C LYS C 3 -2.82 -27.21 -26.13
N ASP C 4 -3.64 -26.49 -25.39
CA ASP C 4 -3.28 -25.18 -24.88
C ASP C 4 -2.94 -25.16 -23.39
N ASP C 5 -3.12 -26.29 -22.71
CA ASP C 5 -2.89 -26.36 -21.25
C ASP C 5 -1.53 -25.79 -20.82
N ASP C 6 -0.50 -25.98 -21.64
CA ASP C 6 0.84 -25.53 -21.28
C ASP C 6 1.22 -24.14 -21.79
N ASP C 7 0.26 -23.35 -22.26
CA ASP C 7 0.61 -21.97 -22.56
C ASP C 7 0.69 -21.14 -21.28
N LYS C 8 1.91 -20.79 -20.88
CA LYS C 8 2.11 -20.16 -19.56
C LYS C 8 1.40 -18.83 -19.40
N LEU C 9 1.44 -17.99 -20.43
CA LEU C 9 0.78 -16.68 -20.36
C LEU C 9 -0.72 -16.84 -20.15
N ASP C 10 -1.30 -17.83 -20.82
CA ASP C 10 -2.71 -18.15 -20.65
C ASP C 10 -3.03 -18.54 -19.19
N ARG C 11 -2.18 -19.37 -18.59
CA ARG C 11 -2.44 -19.82 -17.23
C ARG C 11 -2.29 -18.65 -16.27
N ALA C 12 -1.27 -17.83 -16.49
CA ALA C 12 -1.05 -16.64 -15.67
C ALA C 12 -2.26 -15.76 -15.75
N ASP C 13 -2.82 -15.65 -16.96
CA ASP C 13 -3.96 -14.76 -17.17
C ASP C 13 -5.21 -15.28 -16.49
N ILE C 14 -5.41 -16.58 -16.55
CA ILE C 14 -6.53 -17.24 -15.87
C ILE C 14 -6.41 -17.03 -14.35
N LEU C 15 -5.22 -17.26 -13.80
CA LEU C 15 -4.99 -17.04 -12.38
C LEU C 15 -5.34 -15.60 -11.97
N TYR C 16 -4.87 -14.63 -12.76
CA TYR C 16 -5.24 -13.21 -12.55
C TYR C 16 -6.76 -13.02 -12.57
N ASN C 17 -7.43 -13.64 -13.55
CA ASN C 17 -8.89 -13.53 -13.66
C ASN C 17 -9.58 -14.09 -12.43
N ILE C 18 -9.13 -15.26 -12.04
CA ILE C 18 -9.62 -15.90 -10.83
C ILE C 18 -9.47 -15.01 -9.60
N ARG C 19 -8.29 -14.43 -9.42
CA ARG C 19 -8.03 -13.57 -8.27
C ARG C 19 -8.81 -12.25 -8.28
N GLN C 20 -9.16 -11.75 -9.46
CA GLN C 20 -10.01 -10.56 -9.50
C GLN C 20 -11.46 -10.83 -9.15
N THR C 21 -11.93 -12.03 -9.49
CA THR C 21 -13.35 -12.34 -9.34
C THR C 21 -13.64 -13.02 -7.99
N SER C 22 -12.66 -13.76 -7.49
CA SER C 22 -12.86 -14.55 -6.29
C SER C 22 -13.14 -13.70 -5.05
N ARG C 23 -14.11 -14.16 -4.26
CA ARG C 23 -14.41 -13.56 -2.98
C ARG C 23 -14.15 -14.63 -1.94
N PRO C 24 -12.91 -14.71 -1.43
CA PRO C 24 -12.53 -15.86 -0.60
C PRO C 24 -13.43 -16.04 0.63
N ASP C 25 -14.12 -14.97 1.04
CA ASP C 25 -14.86 -14.96 2.30
C ASP C 25 -16.39 -14.99 2.17
N VAL C 26 -16.89 -15.06 0.94
CA VAL C 26 -18.33 -15.03 0.69
C VAL C 26 -18.73 -16.38 0.08
N ILE C 27 -19.85 -16.95 0.53
CA ILE C 27 -20.28 -18.23 -0.03
C ILE C 27 -20.74 -18.02 -1.48
N PRO C 28 -20.25 -18.86 -2.42
CA PRO C 28 -20.57 -18.65 -3.83
C PRO C 28 -21.95 -19.19 -4.15
N THR C 29 -22.97 -18.57 -3.56
CA THR C 29 -24.33 -19.00 -3.79
C THR C 29 -24.80 -18.48 -5.15
N GLN C 30 -25.54 -19.33 -5.86
CA GLN C 30 -26.03 -19.05 -7.21
C GLN C 30 -27.53 -19.38 -7.26
N ARG C 31 -28.31 -18.51 -7.88
CA ARG C 31 -29.76 -18.74 -8.07
C ARG C 31 -30.55 -18.78 -6.77
N ASP C 32 -30.13 -18.01 -5.77
CA ASP C 32 -30.69 -18.09 -4.43
C ASP C 32 -30.83 -19.55 -3.96
N ARG C 33 -29.82 -20.35 -4.29
CA ARG C 33 -29.74 -21.74 -3.83
C ARG C 33 -28.49 -21.86 -2.96
N PRO C 34 -28.51 -22.83 -2.02
CA PRO C 34 -27.30 -23.15 -1.25
C PRO C 34 -26.19 -23.63 -2.17
N VAL C 35 -24.94 -23.43 -1.76
CA VAL C 35 -23.79 -23.97 -2.47
C VAL C 35 -23.75 -25.47 -2.24
N ALA C 36 -23.73 -26.25 -3.32
CA ALA C 36 -23.73 -27.71 -3.16
C ALA C 36 -22.31 -28.20 -3.03
N VAL C 37 -21.97 -28.66 -1.84
CA VAL C 37 -20.60 -29.12 -1.61
C VAL C 37 -20.55 -30.62 -1.58
N SER C 38 -19.64 -31.20 -2.36
CA SER C 38 -19.47 -32.66 -2.35
C SER C 38 -18.27 -33.04 -1.48
N VAL C 39 -18.44 -34.11 -0.69
CA VAL C 39 -17.40 -34.58 0.22
C VAL C 39 -17.36 -36.10 0.29
N SER C 40 -16.22 -36.69 -0.09
CA SER C 40 -15.95 -38.11 0.20
C SER C 40 -14.59 -38.34 0.85
N LEU C 41 -14.49 -39.35 1.71
CA LEU C 41 -13.20 -39.74 2.25
C LEU C 41 -12.71 -41.06 1.65
N LYS C 42 -11.49 -41.06 1.13
CA LYS C 42 -10.85 -42.30 0.72
C LYS C 42 -9.74 -42.49 1.71
N PHE C 43 -9.75 -43.62 2.42
CA PHE C 43 -8.77 -43.83 3.49
C PHE C 43 -7.43 -44.29 2.94
N ILE C 44 -6.36 -43.73 3.50
CA ILE C 44 -5.00 -44.02 3.04
C ILE C 44 -4.34 -44.93 4.06
N ASN C 45 -4.64 -44.69 5.34
CA ASN C 45 -4.05 -45.49 6.40
C ASN C 45 -4.84 -45.46 7.73
N ILE C 46 -4.60 -46.46 8.55
CA ILE C 46 -5.10 -46.49 9.92
C ILE C 46 -3.86 -46.80 10.74
N LEU C 47 -3.42 -45.82 11.52
CA LEU C 47 -2.10 -45.85 12.17
C LEU C 47 -2.15 -46.34 13.60
N GLU C 48 -3.12 -45.82 14.35
CA GLU C 48 -3.22 -46.13 15.78
C GLU C 48 -4.69 -46.26 16.11
N VAL C 49 -4.98 -47.29 16.90
CA VAL C 49 -6.35 -47.55 17.29
C VAL C 49 -6.26 -47.86 18.80
N ASN C 50 -7.18 -47.30 19.59
CA ASN C 50 -7.21 -47.57 21.03
C ASN C 50 -8.61 -47.95 21.48
N GLU C 51 -8.79 -49.24 21.79
CA GLU C 51 -10.09 -49.78 22.10
C GLU C 51 -10.56 -49.40 23.49
N ILE C 52 -9.61 -49.11 24.38
CA ILE C 52 -9.96 -48.63 25.70
C ILE C 52 -10.56 -47.23 25.62
N THR C 53 -9.79 -46.30 25.06
CA THR C 53 -10.16 -44.88 24.99
C THR C 53 -11.14 -44.53 23.85
N ASN C 54 -11.31 -45.45 22.91
CA ASN C 54 -12.14 -45.21 21.72
C ASN C 54 -11.63 -44.07 20.84
N GLU C 55 -10.36 -44.19 20.45
CA GLU C 55 -9.67 -43.19 19.62
C GLU C 55 -8.90 -43.85 18.48
N VAL C 56 -8.89 -43.19 17.33
CA VAL C 56 -8.17 -43.68 16.16
C VAL C 56 -7.32 -42.57 15.54
N ASP C 57 -6.23 -42.97 14.89
CA ASP C 57 -5.37 -42.03 14.19
C ASP C 57 -5.42 -42.46 12.73
N VAL C 58 -6.07 -41.67 11.89
CA VAL C 58 -6.23 -42.06 10.48
C VAL C 58 -5.64 -41.08 9.46
N VAL C 59 -5.37 -41.61 8.27
CA VAL C 59 -5.00 -40.79 7.14
C VAL C 59 -5.99 -41.04 6.05
N PHE C 60 -6.51 -39.96 5.47
CA PHE C 60 -7.50 -40.06 4.40
C PHE C 60 -7.35 -38.96 3.35
N TRP C 61 -7.80 -39.28 2.14
CA TRP C 61 -7.83 -38.34 1.04
C TRP C 61 -9.24 -37.76 1.07
N GLN C 62 -9.35 -36.49 1.46
CA GLN C 62 -10.66 -35.86 1.53
C GLN C 62 -10.96 -35.18 0.20
N GLN C 63 -11.79 -35.83 -0.63
CA GLN C 63 -12.19 -35.29 -1.93
C GLN C 63 -13.31 -34.29 -1.73
N THR C 64 -13.05 -33.03 -2.07
CA THR C 64 -14.02 -31.97 -1.83
C THR C 64 -14.23 -31.20 -3.12
N THR C 65 -15.47 -31.04 -3.56
CA THR C 65 -15.76 -30.29 -4.79
C THR C 65 -16.97 -29.41 -4.61
N TRP C 66 -17.04 -28.37 -5.42
CA TRP C 66 -18.19 -27.48 -5.47
C TRP C 66 -18.02 -26.64 -6.72
N SER C 67 -18.97 -25.76 -7.00
CA SER C 67 -18.84 -24.92 -8.19
C SER C 67 -18.99 -23.45 -7.86
N ASP C 68 -18.15 -22.61 -8.46
CA ASP C 68 -18.39 -21.17 -8.47
C ASP C 68 -18.36 -20.70 -9.94
N ARG C 69 -19.54 -20.47 -10.51
CA ARG C 69 -19.66 -20.15 -11.93
C ARG C 69 -19.12 -18.78 -12.26
N THR C 70 -18.97 -17.92 -11.26
CA THR C 70 -18.37 -16.62 -11.54
C THR C 70 -16.93 -16.81 -11.98
N LEU C 71 -16.32 -17.94 -11.62
CA LEU C 71 -14.93 -18.23 -11.98
C LEU C 71 -14.73 -18.83 -13.38
N ALA C 72 -15.83 -19.20 -14.04
CA ALA C 72 -15.75 -19.88 -15.33
C ALA C 72 -15.14 -18.99 -16.44
N TRP C 73 -14.35 -19.60 -17.33
CA TRP C 73 -13.89 -18.86 -18.50
C TRP C 73 -14.10 -19.71 -19.75
N ASN C 74 -13.99 -19.08 -20.91
CA ASN C 74 -14.13 -19.82 -22.17
C ASN C 74 -12.81 -20.53 -22.49
N SER C 75 -12.81 -21.85 -22.53
CA SER C 75 -11.55 -22.55 -22.75
C SER C 75 -11.42 -23.15 -24.14
N SER C 76 -12.12 -22.58 -25.14
CA SER C 76 -12.03 -23.09 -26.52
C SER C 76 -10.60 -23.16 -26.99
N HIS C 77 -9.83 -22.13 -26.64
CA HIS C 77 -8.42 -22.09 -27.01
C HIS C 77 -7.51 -21.67 -25.85
N SER C 78 -7.80 -22.20 -24.66
CA SER C 78 -6.98 -21.92 -23.47
C SER C 78 -7.01 -23.14 -22.53
N PRO C 79 -6.14 -23.16 -21.50
CA PRO C 79 -6.17 -24.27 -20.53
C PRO C 79 -7.56 -24.52 -19.96
N ASP C 80 -7.95 -25.79 -19.81
CA ASP C 80 -9.24 -26.16 -19.20
C ASP C 80 -9.20 -26.03 -17.66
N GLN C 81 -8.00 -26.02 -17.08
CA GLN C 81 -7.80 -26.00 -15.63
C GLN C 81 -6.48 -25.36 -15.22
N VAL C 82 -6.44 -24.79 -14.02
CA VAL C 82 -5.18 -24.38 -13.39
C VAL C 82 -5.23 -24.72 -11.90
N SER C 83 -4.06 -24.85 -11.29
CA SER C 83 -3.98 -25.01 -9.84
C SER C 83 -3.87 -23.63 -9.19
N VAL C 84 -4.60 -23.43 -8.09
CA VAL C 84 -4.72 -22.14 -7.43
C VAL C 84 -4.51 -22.32 -5.94
N PRO C 85 -3.69 -21.46 -5.29
CA PRO C 85 -3.58 -21.54 -3.82
C PRO C 85 -4.95 -21.37 -3.16
N ILE C 86 -5.27 -22.19 -2.17
CA ILE C 86 -6.58 -22.07 -1.52
C ILE C 86 -6.83 -20.76 -0.80
N SER C 87 -5.76 -20.08 -0.40
CA SER C 87 -5.91 -18.74 0.19
C SER C 87 -6.50 -17.73 -0.80
N SER C 88 -6.41 -18.03 -2.10
CA SER C 88 -7.03 -17.15 -3.09
C SER C 88 -8.52 -17.44 -3.29
N LEU C 89 -8.98 -18.55 -2.72
CA LEU C 89 -10.31 -19.06 -3.02
C LEU C 89 -11.20 -19.23 -1.80
N TRP C 90 -12.51 -19.09 -2.01
CA TRP C 90 -13.43 -19.53 -0.97
C TRP C 90 -13.38 -21.05 -0.85
N VAL C 91 -13.32 -21.55 0.39
CA VAL C 91 -13.44 -22.98 0.66
C VAL C 91 -14.52 -23.20 1.73
N PRO C 92 -15.32 -24.27 1.62
CA PRO C 92 -16.36 -24.49 2.63
C PRO C 92 -15.76 -24.67 4.02
N ASP C 93 -16.41 -24.13 5.04
CA ASP C 93 -15.87 -24.18 6.41
C ASP C 93 -16.28 -25.49 7.07
N LEU C 94 -15.74 -26.59 6.56
CA LEU C 94 -16.13 -27.93 7.00
C LEU C 94 -15.37 -28.30 8.26
N ALA C 95 -16.03 -29.02 9.15
CA ALA C 95 -15.41 -29.52 10.37
C ALA C 95 -15.85 -30.95 10.58
N ALA C 96 -14.98 -31.78 11.12
CA ALA C 96 -15.36 -33.12 11.53
C ALA C 96 -15.76 -33.04 13.00
N TYR C 97 -17.03 -33.29 13.29
CA TYR C 97 -17.58 -33.07 14.64
C TYR C 97 -16.84 -33.86 15.74
N ASN C 98 -16.46 -35.10 15.46
CA ASN C 98 -15.81 -35.95 16.47
C ASN C 98 -14.30 -36.04 16.30
N ALA C 99 -13.71 -35.10 15.58
CA ALA C 99 -12.26 -35.02 15.52
C ALA C 99 -11.76 -34.51 16.87
N ILE C 100 -10.65 -35.05 17.36
CA ILE C 100 -10.10 -34.59 18.64
C ILE C 100 -8.72 -33.95 18.49
N SER C 101 -8.26 -33.82 17.26
CA SER C 101 -7.02 -33.08 16.96
C SER C 101 -7.27 -32.22 15.73
N LYS C 102 -6.44 -31.20 15.51
CA LYS C 102 -6.54 -30.40 14.29
C LYS C 102 -6.19 -31.28 13.08
N PRO C 103 -6.78 -30.99 11.91
CA PRO C 103 -6.35 -31.77 10.73
C PRO C 103 -4.91 -31.44 10.39
N GLU C 104 -4.07 -32.46 10.18
CA GLU C 104 -2.72 -32.26 9.71
C GLU C 104 -2.73 -32.49 8.19
N VAL C 105 -2.59 -31.40 7.44
CA VAL C 105 -2.66 -31.46 5.97
C VAL C 105 -1.31 -31.90 5.43
N LEU C 106 -1.30 -33.02 4.71
CA LEU C 106 -0.03 -33.64 4.30
C LEU C 106 0.46 -33.17 2.94
N THR C 107 -0.41 -32.49 2.19
CA THR C 107 -0.16 -32.21 0.80
C THR C 107 -0.21 -30.68 0.51
N PRO C 108 0.39 -30.25 -0.61
CA PRO C 108 0.39 -28.81 -0.94
C PRO C 108 -1.04 -28.27 -0.98
N GLN C 109 -1.25 -27.07 -0.46
CA GLN C 109 -2.60 -26.55 -0.34
C GLN C 109 -3.01 -25.76 -1.59
N LEU C 110 -3.17 -26.51 -2.68
CA LEU C 110 -3.60 -25.99 -3.96
C LEU C 110 -4.89 -26.67 -4.37
N ALA C 111 -5.83 -25.90 -4.92
CA ALA C 111 -7.04 -26.47 -5.51
C ALA C 111 -6.94 -26.42 -7.03
N ARG C 112 -7.75 -27.23 -7.73
CA ARG C 112 -7.91 -27.08 -9.17
C ARG C 112 -9.17 -26.29 -9.45
N VAL C 113 -9.07 -25.26 -10.29
CA VAL C 113 -10.24 -24.57 -10.81
C VAL C 113 -10.39 -24.97 -12.29
N VAL C 114 -11.56 -25.47 -12.63
CA VAL C 114 -11.86 -25.94 -13.99
C VAL C 114 -12.58 -24.83 -14.72
N SER C 115 -12.44 -24.74 -16.05
CA SER C 115 -13.01 -23.62 -16.82
C SER C 115 -14.54 -23.52 -16.73
N ASP C 116 -15.21 -24.59 -16.30
CA ASP C 116 -16.66 -24.50 -16.10
C ASP C 116 -17.04 -23.96 -14.71
N GLY C 117 -16.05 -23.63 -13.89
CA GLY C 117 -16.34 -23.06 -12.59
C GLY C 117 -16.30 -24.08 -11.46
N GLU C 118 -16.02 -25.33 -11.79
CA GLU C 118 -15.87 -26.35 -10.76
C GLU C 118 -14.55 -26.13 -10.00
N VAL C 119 -14.59 -26.27 -8.68
CA VAL C 119 -13.38 -26.15 -7.89
C VAL C 119 -13.12 -27.48 -7.20
N LEU C 120 -11.90 -28.01 -7.30
CA LEU C 120 -11.58 -29.27 -6.62
C LEU C 120 -10.45 -29.07 -5.64
N TYR C 121 -10.70 -29.42 -4.38
CA TYR C 121 -9.65 -29.40 -3.38
C TYR C 121 -9.63 -30.76 -2.68
N MET C 122 -8.51 -31.47 -2.81
CA MET C 122 -8.45 -32.84 -2.34
C MET C 122 -7.14 -33.09 -1.61
N PRO C 123 -7.06 -32.58 -0.36
CA PRO C 123 -5.83 -32.77 0.41
C PRO C 123 -5.80 -34.14 1.05
N SER C 124 -4.60 -34.64 1.33
CA SER C 124 -4.47 -35.83 2.14
C SER C 124 -4.31 -35.33 3.58
N ILE C 125 -5.03 -35.94 4.51
CA ILE C 125 -5.11 -35.42 5.87
C ILE C 125 -4.92 -36.52 6.90
N ARG C 126 -4.08 -36.25 7.91
CA ARG C 126 -4.04 -37.11 9.08
C ARG C 126 -4.67 -36.40 10.27
N GLN C 127 -5.55 -37.13 10.96
CA GLN C 127 -6.35 -36.57 12.05
C GLN C 127 -6.76 -37.66 13.04
N ARG C 128 -6.95 -37.27 14.30
CA ARG C 128 -7.40 -38.19 15.35
C ARG C 128 -8.89 -38.02 15.60
N PHE C 129 -9.56 -39.11 15.94
CA PHE C 129 -11.00 -39.10 16.11
C PHE C 129 -11.50 -39.84 17.33
N SER C 130 -12.66 -39.41 17.82
CA SER C 130 -13.36 -40.12 18.87
C SER C 130 -14.50 -40.88 18.21
N CYS C 131 -14.42 -42.22 18.26
CA CYS C 131 -15.32 -43.13 17.55
C CYS C 131 -15.34 -44.55 18.16
N ASP C 132 -16.33 -45.37 17.77
CA ASP C 132 -16.47 -46.73 18.30
C ASP C 132 -15.41 -47.72 17.81
N VAL C 133 -14.46 -48.01 18.66
CA VAL C 133 -13.36 -48.92 18.33
C VAL C 133 -13.70 -50.37 18.74
N SER C 134 -14.80 -50.54 19.47
CA SER C 134 -15.16 -51.86 20.00
C SER C 134 -15.38 -52.84 18.86
N GLY C 135 -14.72 -53.99 18.93
CA GLY C 135 -14.89 -55.03 17.94
C GLY C 135 -13.76 -55.08 16.94
N VAL C 136 -12.80 -54.16 17.08
CA VAL C 136 -11.72 -54.04 16.11
C VAL C 136 -10.93 -55.34 15.96
N ASP C 137 -10.89 -56.13 17.04
CA ASP C 137 -10.18 -57.41 17.02
C ASP C 137 -11.10 -58.60 16.76
N THR C 138 -12.35 -58.34 16.39
CA THR C 138 -13.30 -59.41 16.04
C THR C 138 -13.54 -59.49 14.52
N GLU C 139 -14.14 -60.58 14.06
CA GLU C 139 -14.40 -60.78 12.63
C GLU C 139 -15.36 -59.74 12.05
N SER C 140 -16.28 -59.26 12.89
CA SER C 140 -17.21 -58.20 12.51
C SER C 140 -16.50 -56.83 12.43
N GLY C 141 -15.35 -56.73 13.09
CA GLY C 141 -14.58 -55.50 13.14
C GLY C 141 -15.27 -54.35 13.85
N ALA C 142 -14.65 -53.18 13.84
CA ALA C 142 -15.24 -51.99 14.43
C ALA C 142 -15.90 -51.12 13.36
N THR C 143 -16.90 -50.33 13.76
CA THR C 143 -17.47 -49.33 12.88
C THR C 143 -17.30 -47.90 13.44
N CYS C 144 -16.31 -47.19 12.93
CA CYS C 144 -16.05 -45.82 13.37
C CYS C 144 -16.69 -44.85 12.41
N ARG C 145 -17.59 -44.02 12.96
CA ARG C 145 -18.28 -43.00 12.19
C ARG C 145 -17.67 -41.60 12.37
N ILE C 146 -17.43 -40.93 11.25
CA ILE C 146 -16.91 -39.57 11.23
C ILE C 146 -17.96 -38.68 10.59
N LYS C 147 -18.44 -37.69 11.32
CA LYS C 147 -19.41 -36.73 10.80
C LYS C 147 -18.70 -35.46 10.35
N ILE C 148 -18.89 -35.08 9.09
CA ILE C 148 -18.31 -33.83 8.56
C ILE C 148 -19.43 -32.92 8.02
N GLY C 149 -19.43 -31.67 8.44
CA GLY C 149 -20.45 -30.73 8.02
C GLY C 149 -19.95 -29.30 8.02
N SER C 150 -20.73 -28.39 7.45
CA SER C 150 -20.36 -26.97 7.49
C SER C 150 -20.53 -26.45 8.92
N TRP C 151 -19.54 -25.72 9.43
CA TRP C 151 -19.63 -25.28 10.82
C TRP C 151 -20.59 -24.12 11.00
N THR C 152 -20.45 -23.08 10.18
CA THR C 152 -21.24 -21.88 10.42
C THR C 152 -22.35 -21.66 9.39
N HIS C 153 -22.40 -22.51 8.38
CA HIS C 153 -23.43 -22.38 7.35
C HIS C 153 -24.46 -23.48 7.45
N HIS C 154 -25.71 -23.10 7.70
CA HIS C 154 -26.83 -24.03 7.79
C HIS C 154 -27.36 -24.41 6.38
N SER C 155 -28.33 -25.32 6.33
CA SER C 155 -28.74 -25.98 5.08
C SER C 155 -29.30 -25.06 3.99
N ARG C 156 -29.78 -23.88 4.38
CA ARG C 156 -30.18 -22.88 3.39
C ARG C 156 -28.98 -22.27 2.66
N GLU C 157 -27.79 -22.37 3.25
CA GLU C 157 -26.59 -21.75 2.69
C GLU C 157 -25.61 -22.74 2.03
N ILE C 158 -25.44 -23.90 2.64
CA ILE C 158 -24.55 -24.94 2.14
C ILE C 158 -25.21 -26.32 2.32
N SER C 159 -25.30 -27.10 1.25
CA SER C 159 -25.70 -28.48 1.39
C SER C 159 -24.44 -29.32 1.21
N VAL C 160 -24.40 -30.48 1.85
CA VAL C 160 -23.28 -31.38 1.63
C VAL C 160 -23.78 -32.73 1.13
N ASP C 161 -23.02 -33.32 0.22
CA ASP C 161 -23.37 -34.61 -0.37
C ASP C 161 -22.10 -35.39 -0.64
N PRO C 162 -22.18 -36.73 -0.73
CA PRO C 162 -20.99 -37.50 -1.11
C PRO C 162 -20.50 -37.22 -2.55
N THR C 163 -19.16 -37.23 -2.74
CA THR C 163 -18.55 -37.15 -4.07
C THR C 163 -18.98 -38.35 -4.90
N ASP C 169 -12.74 -48.76 -0.80
CA ASP C 169 -11.92 -47.60 -0.42
C ASP C 169 -10.45 -47.98 -0.40
N SER C 170 -10.20 -49.25 -0.68
CA SER C 170 -8.89 -49.83 -0.53
C SER C 170 -7.95 -49.53 -1.71
N GLU C 171 -8.47 -48.81 -2.71
CA GLU C 171 -7.67 -48.46 -3.89
C GLU C 171 -6.44 -47.64 -3.49
N TYR C 172 -6.59 -46.81 -2.46
CA TYR C 172 -5.50 -46.00 -1.96
C TYR C 172 -5.10 -46.38 -0.54
N PHE C 173 -5.78 -47.38 0.02
CA PHE C 173 -5.44 -47.83 1.37
C PHE C 173 -4.11 -48.58 1.42
N SER C 174 -3.25 -48.20 2.36
CA SER C 174 -1.93 -48.82 2.48
C SER C 174 -2.03 -50.31 2.76
N GLN C 175 -1.28 -51.10 2.01
CA GLN C 175 -1.24 -52.54 2.20
C GLN C 175 -0.44 -52.87 3.44
N TYR C 176 0.22 -51.85 4.00
CA TYR C 176 1.17 -52.03 5.11
C TYR C 176 0.59 -51.71 6.48
N SER C 177 -0.65 -51.26 6.50
CA SER C 177 -1.31 -51.01 7.77
C SER C 177 -1.50 -52.30 8.55
N ARG C 178 -1.50 -52.19 9.88
CA ARG C 178 -1.87 -53.29 10.76
C ARG C 178 -3.34 -53.67 10.59
N PHE C 179 -4.10 -52.82 9.90
CA PHE C 179 -5.54 -52.98 9.79
C PHE C 179 -5.99 -53.15 8.33
N GLU C 180 -7.25 -53.51 8.13
CA GLU C 180 -7.82 -53.67 6.79
C GLU C 180 -9.24 -53.13 6.80
N ILE C 181 -9.65 -52.58 5.66
CA ILE C 181 -11.01 -52.06 5.52
C ILE C 181 -11.95 -53.16 5.08
N LEU C 182 -13.07 -53.31 5.77
CA LEU C 182 -14.10 -54.25 5.34
C LEU C 182 -15.12 -53.49 4.49
N ASP C 183 -15.39 -52.24 4.89
CA ASP C 183 -16.32 -51.41 4.13
C ASP C 183 -16.29 -49.95 4.59
N VAL C 184 -16.50 -49.04 3.63
CA VAL C 184 -16.76 -47.63 3.92
C VAL C 184 -18.11 -47.26 3.34
N THR C 185 -19.03 -46.78 4.18
CA THR C 185 -20.29 -46.25 3.64
C THR C 185 -20.49 -44.80 4.05
N GLN C 186 -21.21 -44.06 3.22
CA GLN C 186 -21.42 -42.65 3.47
C GLN C 186 -22.89 -42.34 3.37
N LYS C 187 -23.41 -41.68 4.40
CA LYS C 187 -24.77 -41.15 4.29
C LYS C 187 -24.86 -39.70 4.72
N LYS C 188 -25.97 -39.07 4.36
CA LYS C 188 -26.15 -37.66 4.59
C LYS C 188 -27.24 -37.43 5.62
N ASN C 189 -27.03 -36.46 6.51
CA ASN C 189 -28.06 -36.08 7.46
C ASN C 189 -28.27 -34.57 7.44
N SER C 190 -29.44 -34.16 7.88
CA SER C 190 -29.72 -32.76 8.08
C SER C 190 -30.22 -32.75 9.51
N VAL C 191 -29.52 -32.04 10.39
CA VAL C 191 -29.90 -32.10 11.80
C VAL C 191 -29.94 -30.73 12.43
N THR C 192 -30.97 -30.49 13.24
CA THR C 192 -31.05 -29.24 13.99
C THR C 192 -30.73 -29.48 15.47
N TYR C 193 -29.99 -28.57 16.07
CA TYR C 193 -29.57 -28.70 17.46
C TYR C 193 -30.41 -27.74 18.29
N SER C 194 -30.42 -27.88 19.62
CA SER C 194 -31.20 -26.94 20.44
C SER C 194 -30.62 -25.54 20.39
N CYS C 195 -29.36 -25.44 19.98
CA CYS C 195 -28.64 -24.17 19.93
C CYS C 195 -29.22 -23.22 18.88
N CYS C 196 -29.60 -23.77 17.74
CA CYS C 196 -29.94 -22.98 16.55
C CYS C 196 -31.19 -23.50 15.86
N PRO C 197 -32.03 -22.57 15.36
CA PRO C 197 -33.29 -22.88 14.69
C PRO C 197 -33.13 -23.51 13.30
N GLU C 198 -31.97 -23.38 12.67
CA GLU C 198 -31.73 -23.93 11.33
C GLU C 198 -31.00 -25.27 11.40
N ALA C 199 -31.18 -26.12 10.40
CA ALA C 199 -30.49 -27.42 10.37
C ALA C 199 -29.11 -27.27 9.73
N TYR C 200 -28.20 -28.14 10.14
CA TYR C 200 -26.86 -28.21 9.57
C TYR C 200 -26.68 -29.56 8.91
N GLU C 201 -26.37 -29.57 7.62
CA GLU C 201 -26.17 -30.84 6.94
C GLU C 201 -24.80 -31.40 7.28
N ASP C 202 -24.67 -32.72 7.23
CA ASP C 202 -23.37 -33.36 7.39
C ASP C 202 -23.32 -34.62 6.56
N VAL C 203 -22.11 -35.05 6.22
CA VAL C 203 -21.90 -36.37 5.62
C VAL C 203 -21.35 -37.24 6.74
N GLU C 204 -21.97 -38.39 6.96
CA GLU C 204 -21.46 -39.31 7.98
C GLU C 204 -20.80 -40.46 7.26
N VAL C 205 -19.52 -40.65 7.56
CA VAL C 205 -18.73 -41.69 6.93
C VAL C 205 -18.48 -42.81 7.92
N SER C 206 -19.06 -43.98 7.64
CA SER C 206 -18.87 -45.14 8.51
C SER C 206 -17.77 -46.04 7.97
N LEU C 207 -16.71 -46.18 8.76
CA LEU C 207 -15.52 -46.96 8.42
C LEU C 207 -15.56 -48.27 9.21
N ASN C 208 -15.97 -49.35 8.57
CA ASN C 208 -15.90 -50.69 9.15
C ASN C 208 -14.53 -51.30 8.85
N PHE C 209 -13.75 -51.59 9.90
CA PHE C 209 -12.42 -52.13 9.73
C PHE C 209 -12.06 -53.08 10.86
N ARG C 210 -10.95 -53.79 10.73
CA ARG C 210 -10.51 -54.72 11.77
C ARG C 210 -9.01 -54.99 11.70
N LYS C 211 -8.45 -55.45 12.80
CA LYS C 211 -7.04 -55.81 12.84
C LYS C 211 -6.81 -57.03 11.93
N LYS C 212 -5.72 -57.03 11.16
CA LYS C 212 -5.44 -58.13 10.24
C LYS C 212 -5.18 -59.46 10.98
N GLY C 213 -5.16 -60.54 10.21
CA GLY C 213 -4.97 -61.86 10.78
C GLY C 213 -6.24 -62.36 11.44
N ASP D 1 -34.13 -10.91 5.61
CA ASP D 1 -35.22 -11.71 5.04
C ASP D 1 -34.73 -13.11 4.66
N TYR D 2 -35.52 -14.12 5.03
CA TYR D 2 -35.12 -15.51 4.91
C TYR D 2 -34.95 -15.93 3.45
N LYS D 3 -35.74 -15.33 2.58
CA LYS D 3 -35.68 -15.61 1.14
C LYS D 3 -34.38 -15.10 0.53
N ASP D 4 -33.90 -13.98 1.06
CA ASP D 4 -32.75 -13.27 0.50
C ASP D 4 -31.39 -13.76 1.03
N ASP D 5 -31.42 -14.75 1.91
CA ASP D 5 -30.20 -15.34 2.47
C ASP D 5 -29.12 -15.66 1.42
N ASP D 6 -29.54 -16.17 0.27
CA ASP D 6 -28.58 -16.60 -0.75
C ASP D 6 -28.32 -15.59 -1.88
N ASP D 7 -28.65 -14.33 -1.65
CA ASP D 7 -28.27 -13.28 -2.58
C ASP D 7 -26.77 -12.95 -2.40
N LYS D 8 -25.90 -13.44 -3.29
CA LYS D 8 -24.45 -13.36 -3.06
C LYS D 8 -23.90 -11.94 -2.95
N LEU D 9 -24.28 -11.07 -3.89
CA LEU D 9 -23.89 -9.68 -3.85
C LEU D 9 -24.29 -9.02 -2.54
N ASP D 10 -25.50 -9.33 -2.05
CA ASP D 10 -25.94 -8.86 -0.74
C ASP D 10 -25.01 -9.31 0.40
N ARG D 11 -24.60 -10.58 0.40
CA ARG D 11 -23.68 -11.08 1.42
C ARG D 11 -22.36 -10.33 1.35
N ALA D 12 -21.84 -10.21 0.13
CA ALA D 12 -20.58 -9.49 -0.11
C ALA D 12 -20.65 -8.06 0.41
N ASP D 13 -21.82 -7.45 0.24
CA ASP D 13 -21.99 -6.06 0.67
C ASP D 13 -22.08 -5.90 2.17
N ILE D 14 -22.73 -6.86 2.83
CA ILE D 14 -22.81 -6.82 4.29
C ILE D 14 -21.41 -7.01 4.91
N LEU D 15 -20.64 -7.92 4.33
CA LEU D 15 -19.27 -8.17 4.73
C LEU D 15 -18.42 -6.89 4.59
N TYR D 16 -18.58 -6.18 3.47
CA TYR D 16 -17.87 -4.93 3.27
C TYR D 16 -18.27 -3.93 4.34
N ASN D 17 -19.58 -3.77 4.56
CA ASN D 17 -20.08 -2.89 5.60
C ASN D 17 -19.48 -3.19 6.98
N ILE D 18 -19.50 -4.47 7.35
CA ILE D 18 -18.98 -4.92 8.63
C ILE D 18 -17.51 -4.57 8.76
N ARG D 19 -16.74 -4.79 7.70
CA ARG D 19 -15.32 -4.45 7.75
C ARG D 19 -15.05 -2.94 7.78
N GLN D 20 -15.89 -2.14 7.13
CA GLN D 20 -15.76 -0.70 7.23
C GLN D 20 -15.99 -0.24 8.67
N THR D 21 -16.95 -0.85 9.35
CA THR D 21 -17.40 -0.38 10.66
C THR D 21 -16.61 -1.00 11.82
N SER D 22 -16.29 -2.29 11.69
CA SER D 22 -15.62 -3.03 12.73
C SER D 22 -14.34 -2.35 13.22
N ARG D 23 -14.19 -2.25 14.53
CA ARG D 23 -12.90 -1.91 15.13
C ARG D 23 -12.44 -3.12 15.92
N PRO D 24 -11.54 -3.91 15.32
CA PRO D 24 -11.22 -5.23 15.89
C PRO D 24 -10.44 -5.16 17.20
N ASP D 25 -9.79 -4.03 17.49
CA ASP D 25 -9.02 -3.95 18.72
C ASP D 25 -9.69 -3.10 19.80
N VAL D 26 -10.93 -2.71 19.56
CA VAL D 26 -11.60 -1.77 20.47
C VAL D 26 -12.86 -2.39 21.03
N ILE D 27 -13.03 -2.36 22.36
CA ILE D 27 -14.21 -3.01 22.93
C ILE D 27 -15.47 -2.28 22.47
N PRO D 28 -16.50 -3.05 22.08
CA PRO D 28 -17.70 -2.39 21.52
C PRO D 28 -18.65 -1.96 22.65
N THR D 29 -18.19 -1.06 23.52
CA THR D 29 -19.03 -0.57 24.61
C THR D 29 -20.12 0.36 24.10
N GLN D 30 -21.35 0.17 24.60
CA GLN D 30 -22.51 0.93 24.18
C GLN D 30 -23.16 1.54 25.42
N ARG D 31 -23.76 2.72 25.28
CA ARG D 31 -24.42 3.44 26.38
C ARG D 31 -23.62 3.46 27.70
N ASP D 32 -22.34 3.76 27.61
CA ASP D 32 -21.45 3.82 28.77
C ASP D 32 -21.57 2.60 29.70
N ARG D 33 -21.64 1.41 29.13
CA ARG D 33 -21.73 0.19 29.92
C ARG D 33 -20.77 -0.88 29.42
N PRO D 34 -20.41 -1.85 30.28
CA PRO D 34 -19.49 -2.89 29.80
C PRO D 34 -20.13 -3.71 28.67
N VAL D 35 -19.29 -4.27 27.80
CA VAL D 35 -19.79 -5.22 26.83
C VAL D 35 -20.27 -6.43 27.61
N ALA D 36 -21.56 -6.77 27.50
CA ALA D 36 -22.06 -7.99 28.13
C ALA D 36 -21.73 -9.17 27.25
N VAL D 37 -20.83 -10.02 27.72
CA VAL D 37 -20.44 -11.21 26.98
C VAL D 37 -21.10 -12.43 27.61
N SER D 38 -21.88 -13.17 26.81
CA SER D 38 -22.46 -14.42 27.29
C SER D 38 -21.55 -15.60 26.98
N VAL D 39 -21.41 -16.51 27.93
CA VAL D 39 -20.51 -17.65 27.78
C VAL D 39 -21.14 -18.90 28.35
N SER D 40 -21.12 -19.98 27.58
CA SER D 40 -21.66 -21.25 28.01
C SER D 40 -20.80 -22.37 27.43
N LEU D 41 -20.37 -23.32 28.27
CA LEU D 41 -19.64 -24.49 27.76
C LEU D 41 -20.58 -25.69 27.63
N LYS D 42 -20.58 -26.31 26.45
CA LYS D 42 -21.22 -27.60 26.24
C LYS D 42 -20.12 -28.61 26.05
N PHE D 43 -20.00 -29.57 26.97
CA PHE D 43 -18.93 -30.54 26.83
C PHE D 43 -19.15 -31.53 25.69
N ILE D 44 -18.08 -31.81 24.97
CA ILE D 44 -18.14 -32.64 23.79
C ILE D 44 -17.45 -33.95 24.11
N ASN D 45 -16.35 -33.85 24.85
CA ASN D 45 -15.60 -35.05 25.21
C ASN D 45 -14.67 -34.84 26.42
N ILE D 46 -14.43 -35.92 27.15
CA ILE D 46 -13.37 -35.99 28.15
C ILE D 46 -12.42 -37.09 27.70
N LEU D 47 -11.18 -36.73 27.41
CA LEU D 47 -10.27 -37.63 26.68
C LEU D 47 -9.26 -38.35 27.56
N GLU D 48 -8.57 -37.60 28.40
CA GLU D 48 -7.58 -38.17 29.31
C GLU D 48 -7.82 -37.55 30.66
N VAL D 49 -7.75 -38.40 31.68
CA VAL D 49 -7.95 -38.00 33.06
C VAL D 49 -6.83 -38.61 33.88
N ASN D 50 -6.08 -37.79 34.61
CA ASN D 50 -4.97 -38.31 35.41
C ASN D 50 -5.19 -38.00 36.88
N GLU D 51 -5.62 -39.02 37.62
CA GLU D 51 -6.08 -38.91 39.01
C GLU D 51 -4.96 -38.50 39.95
N ILE D 52 -3.73 -38.78 39.52
CA ILE D 52 -2.55 -38.47 40.30
C ILE D 52 -2.10 -37.01 40.12
N THR D 53 -1.94 -36.56 38.88
CA THR D 53 -1.52 -35.19 38.61
C THR D 53 -2.67 -34.20 38.65
N ASN D 54 -3.88 -34.69 38.89
CA ASN D 54 -5.08 -33.84 38.82
C ASN D 54 -5.19 -33.03 37.51
N GLU D 55 -5.14 -33.74 36.38
CA GLU D 55 -5.25 -33.07 35.07
C GLU D 55 -6.32 -33.73 34.22
N VAL D 56 -7.00 -32.95 33.39
CA VAL D 56 -7.91 -33.53 32.42
C VAL D 56 -7.70 -32.92 31.05
N ASP D 57 -8.03 -33.71 30.03
CA ASP D 57 -7.99 -33.26 28.65
C ASP D 57 -9.43 -33.29 28.14
N VAL D 58 -10.04 -32.11 27.96
CA VAL D 58 -11.42 -32.05 27.47
C VAL D 58 -11.62 -31.33 26.13
N VAL D 59 -12.64 -31.76 25.40
CA VAL D 59 -13.14 -31.00 24.25
C VAL D 59 -14.48 -30.40 24.62
N PHE D 60 -14.63 -29.09 24.41
CA PHE D 60 -15.86 -28.40 24.76
C PHE D 60 -16.26 -27.38 23.69
N TRP D 61 -17.56 -27.13 23.61
CA TRP D 61 -18.10 -26.17 22.67
C TRP D 61 -18.32 -24.86 23.44
N GLN D 62 -17.45 -23.88 23.19
CA GLN D 62 -17.49 -22.63 23.91
C GLN D 62 -18.37 -21.61 23.20
N GLN D 63 -19.61 -21.46 23.67
CA GLN D 63 -20.58 -20.56 23.02
C GLN D 63 -20.46 -19.17 23.57
N THR D 64 -20.04 -18.25 22.70
CA THR D 64 -19.82 -16.87 23.10
C THR D 64 -20.67 -16.00 22.22
N THR D 65 -21.45 -15.12 22.84
CA THR D 65 -22.20 -14.13 22.07
C THR D 65 -22.11 -12.79 22.77
N TRP D 66 -22.29 -11.73 21.99
CA TRP D 66 -22.28 -10.37 22.49
C TRP D 66 -22.89 -9.49 21.40
N SER D 67 -23.01 -8.20 21.68
CA SER D 67 -23.69 -7.32 20.76
C SER D 67 -22.77 -6.17 20.39
N ASP D 68 -22.74 -5.83 19.11
CA ASP D 68 -22.15 -4.59 18.62
C ASP D 68 -23.15 -3.98 17.63
N ARG D 69 -23.96 -3.05 18.12
CA ARG D 69 -25.06 -2.50 17.35
C ARG D 69 -24.61 -1.64 16.19
N THR D 70 -23.34 -1.22 16.19
CA THR D 70 -22.85 -0.46 15.06
C THR D 70 -22.74 -1.37 13.84
N LEU D 71 -22.71 -2.68 14.06
CA LEU D 71 -22.69 -3.66 12.96
C LEU D 71 -24.08 -3.96 12.36
N ALA D 72 -25.13 -3.50 13.00
CA ALA D 72 -26.49 -3.82 12.56
C ALA D 72 -26.82 -3.24 11.18
N TRP D 73 -27.67 -3.94 10.43
CA TRP D 73 -28.19 -3.42 9.17
C TRP D 73 -29.65 -3.84 8.99
N ASN D 74 -30.35 -3.19 8.06
CA ASN D 74 -31.75 -3.51 7.76
C ASN D 74 -31.84 -4.78 6.92
N SER D 75 -32.40 -5.84 7.48
CA SER D 75 -32.53 -7.11 6.75
C SER D 75 -33.90 -7.39 6.15
N SER D 76 -34.68 -6.36 5.87
CA SER D 76 -36.03 -6.51 5.30
C SER D 76 -36.01 -7.27 4.00
N HIS D 77 -35.00 -6.96 3.19
CA HIS D 77 -34.81 -7.61 1.90
C HIS D 77 -33.35 -7.99 1.69
N SER D 78 -32.71 -8.47 2.74
CA SER D 78 -31.32 -8.92 2.67
C SER D 78 -31.06 -10.12 3.61
N PRO D 79 -29.86 -10.75 3.51
CA PRO D 79 -29.59 -11.84 4.46
C PRO D 79 -29.72 -11.41 5.92
N ASP D 80 -30.23 -12.31 6.76
CA ASP D 80 -30.39 -12.02 8.18
C ASP D 80 -29.04 -12.15 8.90
N GLN D 81 -28.16 -12.97 8.35
CA GLN D 81 -26.88 -13.28 8.98
C GLN D 81 -25.82 -13.50 7.91
N VAL D 82 -24.55 -13.34 8.29
CA VAL D 82 -23.41 -13.76 7.47
C VAL D 82 -22.29 -14.28 8.38
N SER D 83 -21.43 -15.13 7.83
CA SER D 83 -20.25 -15.61 8.54
C SER D 83 -19.09 -14.65 8.22
N VAL D 84 -18.29 -14.34 9.23
CA VAL D 84 -17.20 -13.37 9.10
C VAL D 84 -15.99 -13.96 9.82
N PRO D 85 -14.79 -13.92 9.19
CA PRO D 85 -13.58 -14.38 9.89
C PRO D 85 -13.32 -13.56 11.15
N ILE D 86 -12.99 -14.21 12.27
CA ILE D 86 -12.81 -13.47 13.53
C ILE D 86 -11.73 -12.38 13.47
N SER D 87 -10.76 -12.54 12.57
CA SER D 87 -9.72 -11.53 12.40
C SER D 87 -10.31 -10.21 11.87
N SER D 88 -11.55 -10.24 11.39
CA SER D 88 -12.20 -8.99 10.95
C SER D 88 -13.03 -8.35 12.06
N LEU D 89 -13.13 -9.00 13.22
CA LEU D 89 -14.00 -8.53 14.30
C LEU D 89 -13.29 -8.42 15.63
N TRP D 90 -13.83 -7.59 16.52
CA TRP D 90 -13.42 -7.66 17.91
C TRP D 90 -13.95 -8.98 18.46
N VAL D 91 -13.10 -9.69 19.20
CA VAL D 91 -13.49 -10.87 19.96
C VAL D 91 -13.07 -10.71 21.45
N PRO D 92 -13.94 -11.11 22.40
CA PRO D 92 -13.54 -10.96 23.80
C PRO D 92 -12.24 -11.70 24.10
N ASP D 93 -11.34 -11.07 24.87
CA ASP D 93 -10.04 -11.69 25.17
C ASP D 93 -10.13 -12.67 26.35
N LEU D 94 -10.93 -13.71 26.17
CA LEU D 94 -11.19 -14.68 27.23
C LEU D 94 -10.00 -15.59 27.50
N ALA D 95 -9.84 -16.00 28.76
CA ALA D 95 -8.82 -16.96 29.13
C ALA D 95 -9.36 -17.92 30.19
N ALA D 96 -8.97 -19.19 30.08
CA ALA D 96 -9.29 -20.18 31.11
C ALA D 96 -8.15 -20.20 32.12
N TYR D 97 -8.42 -19.71 33.33
CA TYR D 97 -7.35 -19.46 34.30
C TYR D 97 -6.56 -20.72 34.64
N ASN D 98 -7.25 -21.85 34.82
CA ASN D 98 -6.59 -23.10 35.20
C ASN D 98 -6.18 -24.02 34.03
N ALA D 99 -6.25 -23.49 32.80
CA ALA D 99 -5.80 -24.28 31.65
C ALA D 99 -4.28 -24.41 31.67
N ILE D 100 -3.76 -25.59 31.34
CA ILE D 100 -2.31 -25.81 31.33
C ILE D 100 -1.73 -26.04 29.93
N SER D 101 -2.57 -25.88 28.90
CA SER D 101 -2.11 -25.86 27.51
C SER D 101 -2.82 -24.74 26.77
N LYS D 102 -2.23 -24.25 25.67
CA LYS D 102 -2.95 -23.32 24.80
C LYS D 102 -4.23 -24.00 24.32
N PRO D 103 -5.28 -23.21 24.09
CA PRO D 103 -6.50 -23.83 23.53
C PRO D 103 -6.26 -24.31 22.09
N GLU D 104 -6.59 -25.56 21.79
CA GLU D 104 -6.47 -26.07 20.42
C GLU D 104 -7.84 -25.93 19.76
N VAL D 105 -8.00 -24.91 18.91
CA VAL D 105 -9.27 -24.64 18.23
C VAL D 105 -9.45 -25.64 17.07
N LEU D 106 -10.52 -26.43 17.13
CA LEU D 106 -10.70 -27.54 16.19
C LEU D 106 -11.54 -27.13 14.97
N THR D 107 -12.18 -25.98 15.06
CA THR D 107 -13.16 -25.57 14.08
C THR D 107 -12.74 -24.29 13.33
N PRO D 108 -13.32 -24.03 12.15
CA PRO D 108 -13.00 -22.84 11.37
C PRO D 108 -13.27 -21.56 12.14
N GLN D 109 -12.37 -20.59 12.07
CA GLN D 109 -12.49 -19.40 12.89
C GLN D 109 -13.36 -18.31 12.29
N LEU D 110 -14.65 -18.61 12.16
CA LEU D 110 -15.65 -17.71 11.62
C LEU D 110 -16.71 -17.44 12.69
N ALA D 111 -17.13 -16.18 12.82
CA ALA D 111 -18.24 -15.82 13.71
C ALA D 111 -19.49 -15.67 12.85
N ARG D 112 -20.68 -15.65 13.44
CA ARG D 112 -21.87 -15.21 12.71
C ARG D 112 -22.20 -13.84 13.22
N VAL D 113 -22.50 -12.92 12.31
CA VAL D 113 -22.98 -11.61 12.68
C VAL D 113 -24.44 -11.52 12.21
N VAL D 114 -25.32 -11.05 13.09
CA VAL D 114 -26.75 -11.05 12.83
C VAL D 114 -27.15 -9.61 12.54
N SER D 115 -28.19 -9.42 11.73
CA SER D 115 -28.53 -8.09 11.25
C SER D 115 -28.91 -7.13 12.38
N ASP D 116 -29.22 -7.67 13.56
CA ASP D 116 -29.54 -6.81 14.72
C ASP D 116 -28.28 -6.46 15.52
N GLY D 117 -27.12 -6.90 15.05
CA GLY D 117 -25.86 -6.56 15.69
C GLY D 117 -25.34 -7.60 16.66
N GLU D 118 -26.03 -8.73 16.76
CA GLU D 118 -25.52 -9.81 17.59
C GLU D 118 -24.36 -10.53 16.88
N VAL D 119 -23.31 -10.81 17.64
CA VAL D 119 -22.17 -11.53 17.09
C VAL D 119 -21.99 -12.84 17.84
N LEU D 120 -21.95 -13.93 17.10
CA LEU D 120 -21.75 -15.24 17.72
C LEU D 120 -20.47 -15.91 17.25
N TYR D 121 -19.65 -16.30 18.20
CA TYR D 121 -18.50 -17.14 17.95
C TYR D 121 -18.66 -18.37 18.81
N MET D 122 -18.56 -19.55 18.21
CA MET D 122 -18.77 -20.77 18.98
C MET D 122 -17.83 -21.88 18.55
N PRO D 123 -16.55 -21.74 18.90
CA PRO D 123 -15.51 -22.69 18.51
C PRO D 123 -15.56 -23.94 19.37
N SER D 124 -15.13 -25.05 18.79
CA SER D 124 -14.90 -26.26 19.54
C SER D 124 -13.42 -26.27 19.87
N ILE D 125 -13.12 -26.55 21.12
CA ILE D 125 -11.78 -26.38 21.64
C ILE D 125 -11.34 -27.60 22.43
N ARG D 126 -10.15 -28.09 22.14
CA ARG D 126 -9.54 -29.09 23.00
C ARG D 126 -8.52 -28.40 23.89
N GLN D 127 -8.57 -28.69 25.19
CA GLN D 127 -7.64 -28.06 26.13
C GLN D 127 -7.41 -28.92 27.38
N ARG D 128 -6.26 -28.72 28.03
CA ARG D 128 -5.91 -29.43 29.26
C ARG D 128 -6.05 -28.50 30.44
N PHE D 129 -6.57 -29.03 31.55
CA PHE D 129 -6.84 -28.21 32.74
C PHE D 129 -6.32 -28.87 33.99
N SER D 130 -5.80 -28.05 34.89
CA SER D 130 -5.50 -28.43 36.26
C SER D 130 -6.81 -28.32 37.06
N CYS D 131 -7.30 -29.45 37.57
CA CYS D 131 -8.59 -29.51 38.27
C CYS D 131 -8.74 -30.72 39.22
N ASP D 132 -9.73 -30.68 40.13
CA ASP D 132 -9.94 -31.78 41.07
C ASP D 132 -10.51 -33.03 40.39
N VAL D 133 -9.65 -34.03 40.18
CA VAL D 133 -10.04 -35.29 39.54
C VAL D 133 -10.44 -36.35 40.59
N SER D 134 -10.12 -36.08 41.85
CA SER D 134 -10.45 -37.01 42.93
C SER D 134 -11.91 -37.47 42.88
N GLY D 135 -12.14 -38.78 42.92
CA GLY D 135 -13.47 -39.34 43.04
C GLY D 135 -14.05 -39.73 41.69
N VAL D 136 -13.23 -39.62 40.65
CA VAL D 136 -13.70 -39.88 39.29
C VAL D 136 -14.17 -41.33 39.14
N ASP D 137 -13.61 -42.22 39.96
CA ASP D 137 -13.95 -43.63 39.92
C ASP D 137 -14.95 -44.08 40.98
N THR D 138 -15.83 -43.17 41.41
CA THR D 138 -16.88 -43.50 42.37
C THR D 138 -18.25 -43.12 41.82
N GLU D 139 -19.32 -43.53 42.50
CA GLU D 139 -20.69 -43.19 42.08
C GLU D 139 -20.90 -41.68 42.01
N SER D 140 -20.39 -40.96 43.00
CA SER D 140 -20.60 -39.51 43.07
C SER D 140 -19.73 -38.75 42.07
N GLY D 141 -18.70 -39.43 41.55
CA GLY D 141 -17.83 -38.86 40.53
C GLY D 141 -16.89 -37.75 41.01
N ALA D 142 -16.10 -37.22 40.08
CA ALA D 142 -15.26 -36.07 40.37
C ALA D 142 -15.95 -34.78 39.94
N THR D 143 -15.48 -33.66 40.48
CA THR D 143 -15.97 -32.36 40.05
C THR D 143 -14.82 -31.44 39.67
N CYS D 144 -14.67 -31.21 38.38
CA CYS D 144 -13.59 -30.38 37.89
C CYS D 144 -14.13 -29.00 37.56
N ARG D 145 -13.52 -27.98 38.16
CA ARG D 145 -14.00 -26.62 38.00
C ARG D 145 -13.10 -25.81 37.07
N ILE D 146 -13.72 -25.17 36.07
CA ILE D 146 -13.00 -24.37 35.08
C ILE D 146 -13.44 -22.91 35.14
N LYS D 147 -12.48 -22.00 35.16
CA LYS D 147 -12.78 -20.58 35.25
C LYS D 147 -12.40 -19.87 33.95
N ILE D 148 -13.35 -19.13 33.41
CA ILE D 148 -13.09 -18.34 32.20
C ILE D 148 -13.55 -16.92 32.39
N GLY D 149 -12.63 -15.98 32.20
CA GLY D 149 -12.98 -14.57 32.20
C GLY D 149 -12.11 -13.75 31.25
N SER D 150 -12.44 -12.48 31.11
CA SER D 150 -11.64 -11.58 30.28
C SER D 150 -10.30 -11.31 30.96
N TRP D 151 -9.23 -11.43 30.19
CA TRP D 151 -7.89 -11.30 30.74
C TRP D 151 -7.49 -9.85 31.06
N THR D 152 -7.72 -8.92 30.15
CA THR D 152 -7.23 -7.56 30.37
C THR D 152 -8.32 -6.53 30.62
N HIS D 153 -9.57 -6.93 30.44
CA HIS D 153 -10.69 -6.01 30.62
C HIS D 153 -11.46 -6.31 31.92
N HIS D 154 -11.50 -5.35 32.82
CA HIS D 154 -12.18 -5.56 34.10
C HIS D 154 -13.69 -5.34 34.00
N SER D 155 -14.37 -5.40 35.13
CA SER D 155 -15.84 -5.43 35.15
C SER D 155 -16.49 -4.18 34.59
N ARG D 156 -15.78 -3.05 34.61
CA ARG D 156 -16.37 -1.85 34.01
C ARG D 156 -16.35 -1.86 32.47
N GLU D 157 -15.49 -2.71 31.90
CA GLU D 157 -15.33 -2.84 30.44
C GLU D 157 -16.03 -4.07 29.84
N ILE D 158 -15.88 -5.22 30.48
CA ILE D 158 -16.56 -6.44 30.05
C ILE D 158 -17.24 -7.15 31.20
N SER D 159 -18.51 -7.50 31.04
CA SER D 159 -19.13 -8.42 31.98
C SER D 159 -19.29 -9.78 31.32
N VAL D 160 -19.09 -10.82 32.11
CA VAL D 160 -19.39 -12.14 31.59
C VAL D 160 -20.62 -12.67 32.31
N ASP D 161 -21.58 -13.13 31.53
CA ASP D 161 -22.79 -13.72 32.07
C ASP D 161 -22.93 -15.13 31.52
N PRO D 162 -23.09 -16.12 32.41
CA PRO D 162 -23.34 -17.49 31.94
C PRO D 162 -24.80 -17.64 31.58
N THR D 163 -25.17 -18.66 30.82
CA THR D 163 -26.56 -18.84 30.42
C THR D 163 -27.07 -20.26 30.68
N ASP D 168 -24.87 -32.23 32.73
CA ASP D 168 -26.04 -32.13 31.89
C ASP D 168 -26.13 -30.71 31.32
N ASP D 169 -26.43 -30.59 30.02
CA ASP D 169 -26.74 -31.72 29.16
C ASP D 169 -25.53 -32.51 28.65
N SER D 170 -25.84 -33.69 28.13
CA SER D 170 -24.89 -34.47 27.38
C SER D 170 -25.34 -34.49 25.91
N GLU D 171 -26.03 -33.45 25.48
CA GLU D 171 -26.59 -33.37 24.12
C GLU D 171 -25.52 -33.48 23.04
N TYR D 172 -24.33 -32.96 23.33
CA TYR D 172 -23.26 -32.96 22.36
C TYR D 172 -22.10 -33.80 22.85
N PHE D 173 -22.30 -34.44 23.99
CA PHE D 173 -21.25 -35.24 24.61
C PHE D 173 -21.13 -36.60 23.95
N SER D 174 -19.90 -36.99 23.64
CA SER D 174 -19.67 -38.22 22.89
C SER D 174 -20.09 -39.43 23.70
N GLN D 175 -20.77 -40.37 23.05
CA GLN D 175 -21.18 -41.60 23.74
C GLN D 175 -20.01 -42.54 23.79
N TYR D 176 -18.93 -42.20 23.10
CA TYR D 176 -17.75 -43.06 23.08
C TYR D 176 -16.67 -42.66 24.09
N SER D 177 -16.94 -41.60 24.86
CA SER D 177 -16.03 -41.21 25.93
C SER D 177 -15.93 -42.33 26.97
N ARG D 178 -14.77 -42.47 27.59
CA ARG D 178 -14.63 -43.43 28.69
C ARG D 178 -15.45 -42.95 29.88
N PHE D 179 -15.84 -41.67 29.84
CA PHE D 179 -16.51 -41.03 30.95
C PHE D 179 -17.93 -40.62 30.60
N GLU D 180 -18.71 -40.29 31.63
CA GLU D 180 -20.07 -39.82 31.43
C GLU D 180 -20.27 -38.60 32.30
N ILE D 181 -21.25 -37.78 31.98
CA ILE D 181 -21.48 -36.53 32.69
C ILE D 181 -22.67 -36.66 33.65
N LEU D 182 -22.46 -36.33 34.92
CA LEU D 182 -23.52 -36.37 35.92
C LEU D 182 -24.27 -35.04 35.96
N ASP D 183 -23.51 -33.94 35.94
CA ASP D 183 -24.09 -32.61 36.02
C ASP D 183 -23.10 -31.53 35.57
N VAL D 184 -23.61 -30.46 34.99
CA VAL D 184 -22.81 -29.27 34.69
C VAL D 184 -23.52 -28.07 35.28
N THR D 185 -22.81 -27.32 36.12
CA THR D 185 -23.36 -26.08 36.70
C THR D 185 -22.44 -24.90 36.38
N GLN D 186 -23.02 -23.72 36.22
CA GLN D 186 -22.26 -22.54 35.79
C GLN D 186 -22.60 -21.33 36.66
N LYS D 187 -21.60 -20.84 37.39
CA LYS D 187 -21.76 -19.68 38.28
C LYS D 187 -20.98 -18.46 37.76
N LYS D 188 -21.50 -17.27 38.04
CA LYS D 188 -20.79 -16.05 37.69
C LYS D 188 -20.05 -15.49 38.91
N ASN D 189 -18.79 -15.09 38.73
CA ASN D 189 -18.05 -14.44 39.82
C ASN D 189 -17.46 -13.10 39.39
N SER D 190 -17.39 -12.17 40.33
CA SER D 190 -16.68 -10.92 40.14
C SER D 190 -15.58 -10.85 41.21
N VAL D 191 -14.33 -11.06 40.81
CA VAL D 191 -13.26 -11.17 41.80
C VAL D 191 -12.23 -10.05 41.69
N THR D 192 -11.78 -9.61 42.85
CA THR D 192 -10.71 -8.65 42.94
C THR D 192 -9.43 -9.35 43.46
N TYR D 193 -8.35 -9.22 42.70
CA TYR D 193 -7.06 -9.79 43.09
C TYR D 193 -6.20 -8.69 43.68
N SER D 194 -5.16 -9.06 44.42
CA SER D 194 -4.30 -8.05 45.09
C SER D 194 -3.47 -7.23 44.10
N CYS D 195 -3.30 -7.76 42.89
CA CYS D 195 -2.53 -7.09 41.83
C CYS D 195 -3.19 -5.79 41.38
N CYS D 196 -4.52 -5.75 41.43
CA CYS D 196 -5.29 -4.74 40.72
C CYS D 196 -6.50 -4.29 41.54
N PRO D 197 -6.85 -2.99 41.48
CA PRO D 197 -7.98 -2.44 42.24
C PRO D 197 -9.35 -2.77 41.64
N GLU D 198 -9.41 -2.85 40.31
CA GLU D 198 -10.66 -3.20 39.64
C GLU D 198 -10.91 -4.72 39.62
N ALA D 199 -12.17 -5.13 39.68
CA ALA D 199 -12.54 -6.56 39.66
C ALA D 199 -12.55 -7.15 38.24
N TYR D 200 -12.37 -8.46 38.14
CA TYR D 200 -12.55 -9.16 36.85
C TYR D 200 -13.65 -10.20 36.96
N GLU D 201 -14.58 -10.20 36.01
CA GLU D 201 -15.62 -11.20 36.04
C GLU D 201 -15.18 -12.50 35.41
N ASP D 202 -15.70 -13.61 35.94
CA ASP D 202 -15.55 -14.90 35.29
C ASP D 202 -16.82 -15.74 35.41
N VAL D 203 -16.90 -16.79 34.59
CA VAL D 203 -17.89 -17.83 34.79
C VAL D 203 -17.14 -19.04 35.27
N GLU D 204 -17.61 -19.66 36.35
CA GLU D 204 -16.99 -20.89 36.84
C GLU D 204 -17.87 -22.07 36.45
N VAL D 205 -17.32 -22.96 35.65
CA VAL D 205 -18.09 -24.09 35.16
C VAL D 205 -17.71 -25.30 36.00
N SER D 206 -18.70 -25.91 36.64
CA SER D 206 -18.48 -27.11 37.44
C SER D 206 -18.91 -28.35 36.68
N LEU D 207 -17.94 -29.14 36.24
CA LEU D 207 -18.19 -30.40 35.56
C LEU D 207 -18.14 -31.56 36.56
N ASN D 208 -19.28 -32.18 36.81
CA ASN D 208 -19.34 -33.36 37.68
C ASN D 208 -19.43 -34.59 36.79
N PHE D 209 -18.40 -35.41 36.81
CA PHE D 209 -18.34 -36.52 35.88
C PHE D 209 -17.70 -37.74 36.52
N ARG D 210 -17.91 -38.90 35.89
CA ARG D 210 -17.34 -40.15 36.39
C ARG D 210 -17.10 -41.16 35.28
N LYS D 211 -16.23 -42.11 35.56
CA LYS D 211 -15.92 -43.16 34.59
C LYS D 211 -17.12 -44.09 34.39
N LYS D 212 -17.40 -44.44 33.16
CA LYS D 212 -18.27 -45.52 32.92
C LYS D 212 -17.40 -46.77 33.08
N GLY D 213 -17.93 -47.86 33.58
CA GLY D 213 -17.12 -49.05 33.70
C GLY D 213 -16.28 -49.07 34.94
N ARG D 214 -16.87 -48.50 36.00
CA ARG D 214 -16.35 -48.56 37.36
C ARG D 214 -16.63 -49.93 37.98
N SER D 215 -15.82 -50.28 38.97
CA SER D 215 -15.97 -51.54 39.65
C SER D 215 -17.34 -51.49 40.30
N GLU D 216 -18.07 -52.57 40.15
CA GLU D 216 -19.39 -52.68 40.72
C GLU D 216 -19.51 -54.07 41.28
N ILE D 217 -20.16 -54.20 42.43
CA ILE D 217 -20.36 -55.52 43.01
C ILE D 217 -21.51 -56.25 42.35
N TYR E 2 -12.55 7.77 34.43
CA TYR E 2 -13.30 6.92 35.36
C TYR E 2 -14.74 6.76 34.90
N LYS E 3 -15.46 7.88 34.83
CA LYS E 3 -16.79 7.90 34.25
C LYS E 3 -16.73 7.74 32.73
N ASP E 4 -15.55 7.99 32.16
CA ASP E 4 -15.39 8.05 30.70
C ASP E 4 -14.80 6.78 30.08
N ASP E 5 -14.56 5.75 30.89
CA ASP E 5 -13.92 4.52 30.40
C ASP E 5 -14.67 3.83 29.25
N ASP E 6 -15.99 3.82 29.30
CA ASP E 6 -16.78 3.13 28.27
C ASP E 6 -17.17 4.02 27.08
N ASP E 7 -16.46 5.13 26.91
CA ASP E 7 -16.64 5.95 25.71
C ASP E 7 -15.80 5.35 24.58
N LYS E 8 -16.46 4.62 23.68
CA LYS E 8 -15.77 3.85 22.63
C LYS E 8 -14.96 4.69 21.64
N LEU E 9 -15.51 5.83 21.19
CA LEU E 9 -14.76 6.73 20.32
C LEU E 9 -13.48 7.23 20.97
N ASP E 10 -13.56 7.56 22.25
CA ASP E 10 -12.38 7.95 23.01
C ASP E 10 -11.34 6.82 22.99
N ARG E 11 -11.80 5.58 23.20
CA ARG E 11 -10.86 4.45 23.24
C ARG E 11 -10.20 4.25 21.89
N ALA E 12 -10.97 4.37 20.81
CA ALA E 12 -10.43 4.21 19.47
C ALA E 12 -9.41 5.30 19.17
N ASP E 13 -9.71 6.51 19.59
CA ASP E 13 -8.80 7.63 19.42
C ASP E 13 -7.51 7.46 20.23
N ILE E 14 -7.60 6.86 21.42
CA ILE E 14 -6.41 6.65 22.24
C ILE E 14 -5.53 5.61 21.56
N LEU E 15 -6.16 4.55 21.05
CA LEU E 15 -5.44 3.50 20.30
C LEU E 15 -4.74 4.07 19.07
N TYR E 16 -5.46 4.93 18.34
CA TYR E 16 -4.89 5.64 17.21
C TYR E 16 -3.67 6.47 17.65
N ASN E 17 -3.81 7.18 18.76
CA ASN E 17 -2.71 8.01 19.25
C ASN E 17 -1.50 7.17 19.60
N ILE E 18 -1.74 6.09 20.34
CA ILE E 18 -0.68 5.19 20.76
C ILE E 18 0.04 4.62 19.57
N ARG E 19 -0.72 4.18 18.59
CA ARG E 19 -0.14 3.57 17.40
C ARG E 19 0.65 4.57 16.56
N GLN E 20 0.18 5.82 16.51
CA GLN E 20 0.96 6.90 15.88
C GLN E 20 2.29 7.19 16.56
N THR E 21 2.34 7.25 17.89
CA THR E 21 3.62 7.59 18.54
C THR E 21 4.48 6.40 18.94
N SER E 22 3.88 5.22 19.07
CA SER E 22 4.62 4.02 19.44
C SER E 22 5.70 3.66 18.41
N ARG E 23 6.86 3.27 18.94
CA ARG E 23 7.96 2.76 18.15
C ARG E 23 8.24 1.36 18.66
N PRO E 24 7.55 0.36 18.12
CA PRO E 24 7.62 -1.00 18.67
C PRO E 24 9.02 -1.59 18.73
N ASP E 25 9.95 -1.08 17.91
CA ASP E 25 11.28 -1.70 17.83
C ASP E 25 12.39 -0.87 18.46
N VAL E 26 12.02 0.24 19.08
CA VAL E 26 13.01 1.15 19.68
C VAL E 26 12.82 1.23 21.20
N ILE E 27 13.88 1.05 22.00
CA ILE E 27 13.68 1.09 23.45
C ILE E 27 13.19 2.47 23.85
N PRO E 28 12.23 2.54 24.79
CA PRO E 28 11.68 3.85 25.12
C PRO E 28 12.52 4.54 26.21
N THR E 29 13.80 4.80 25.90
CA THR E 29 14.67 5.45 26.88
C THR E 29 14.28 6.90 27.03
N GLN E 30 14.34 7.39 28.27
CA GLN E 30 13.94 8.74 28.62
C GLN E 30 15.08 9.49 29.30
N ARG E 31 15.47 10.63 28.74
CA ARG E 31 16.50 11.51 29.31
C ARG E 31 17.82 10.78 29.51
N ASP E 32 18.26 10.04 28.49
CA ASP E 32 19.54 9.33 28.53
C ASP E 32 19.72 8.49 29.79
N ARG E 33 18.72 7.67 30.10
CA ARG E 33 18.77 6.69 31.19
C ARG E 33 18.11 5.40 30.70
N PRO E 34 18.50 4.25 31.29
CA PRO E 34 17.93 2.96 30.86
C PRO E 34 16.44 2.84 31.12
N VAL E 35 15.76 2.02 30.30
CA VAL E 35 14.37 1.71 30.56
C VAL E 35 14.30 0.85 31.80
N ALA E 36 13.50 1.27 32.78
CA ALA E 36 13.35 0.53 34.02
C ALA E 36 12.23 -0.48 33.88
N VAL E 37 12.60 -1.76 33.74
CA VAL E 37 11.62 -2.83 33.59
C VAL E 37 11.43 -3.60 34.89
N SER E 38 10.20 -3.63 35.38
CA SER E 38 9.90 -4.41 36.58
C SER E 38 9.41 -5.80 36.17
N VAL E 39 9.96 -6.82 36.80
CA VAL E 39 9.55 -8.18 36.50
C VAL E 39 9.39 -8.99 37.78
N SER E 40 8.30 -9.74 37.85
CA SER E 40 7.99 -10.56 39.00
C SER E 40 7.20 -11.78 38.55
N LEU E 41 7.54 -12.94 39.11
CA LEU E 41 6.77 -14.15 38.86
C LEU E 41 5.91 -14.55 40.05
N LYS E 42 4.62 -14.77 39.78
CA LYS E 42 3.70 -15.45 40.70
C LYS E 42 3.41 -16.81 40.11
N PHE E 43 3.71 -17.88 40.86
CA PHE E 43 3.52 -19.23 40.33
C PHE E 43 2.08 -19.74 40.32
N ILE E 44 1.70 -20.36 39.21
CA ILE E 44 0.34 -20.88 39.06
C ILE E 44 0.32 -22.37 39.33
N ASN E 45 1.36 -23.05 38.87
CA ASN E 45 1.36 -24.50 38.94
C ASN E 45 2.75 -25.09 38.75
N ILE E 46 2.93 -26.26 39.33
CA ILE E 46 4.12 -27.08 39.13
C ILE E 46 3.56 -28.37 38.61
N LEU E 47 3.91 -28.72 37.37
CA LEU E 47 3.18 -29.76 36.66
C LEU E 47 3.94 -31.07 36.71
N GLU E 48 5.18 -31.04 36.28
CA GLU E 48 5.99 -32.25 36.20
C GLU E 48 7.37 -31.93 36.74
N VAL E 49 7.90 -32.85 37.54
CA VAL E 49 9.21 -32.66 38.11
C VAL E 49 10.04 -33.92 37.88
N ASN E 50 11.29 -33.75 37.49
CA ASN E 50 12.18 -34.90 37.30
C ASN E 50 13.45 -34.72 38.13
N GLU E 51 13.62 -35.58 39.13
CA GLU E 51 14.76 -35.48 40.04
C GLU E 51 16.04 -36.00 39.39
N ILE E 52 15.90 -37.01 38.54
CA ILE E 52 17.05 -37.58 37.84
C ILE E 52 17.69 -36.56 36.88
N THR E 53 16.85 -35.90 36.09
CA THR E 53 17.31 -35.03 35.01
C THR E 53 17.35 -33.54 35.37
N ASN E 54 16.94 -33.21 36.60
CA ASN E 54 16.93 -31.81 37.06
C ASN E 54 16.09 -30.89 36.14
N GLU E 55 14.94 -31.41 35.70
CA GLU E 55 14.02 -30.63 34.89
C GLU E 55 12.68 -30.44 35.57
N VAL E 56 12.03 -29.33 35.22
CA VAL E 56 10.89 -28.84 35.94
C VAL E 56 9.94 -28.24 34.91
N ASP E 57 8.64 -28.51 35.03
CA ASP E 57 7.62 -27.90 34.17
C ASP E 57 6.66 -27.04 34.98
N VAL E 58 6.68 -25.73 34.76
CA VAL E 58 5.89 -24.82 35.58
C VAL E 58 5.00 -23.88 34.77
N VAL E 59 3.91 -23.45 35.39
CA VAL E 59 3.10 -22.36 34.88
C VAL E 59 3.31 -21.17 35.83
N PHE E 60 3.54 -20.00 35.27
CA PHE E 60 3.69 -18.80 36.07
C PHE E 60 3.01 -17.61 35.45
N TRP E 61 2.66 -16.65 36.30
CA TRP E 61 2.12 -15.40 35.84
C TRP E 61 3.28 -14.42 35.81
N GLN E 62 3.66 -13.97 34.62
CA GLN E 62 4.81 -13.10 34.51
C GLN E 62 4.41 -11.63 34.49
N GLN E 63 4.53 -10.98 35.64
CA GLN E 63 4.16 -9.57 35.75
C GLN E 63 5.30 -8.69 35.31
N THR E 64 5.09 -7.98 34.20
CA THR E 64 6.10 -7.12 33.61
C THR E 64 5.51 -5.73 33.41
N THR E 65 6.17 -4.70 33.97
CA THR E 65 5.73 -3.31 33.77
C THR E 65 6.90 -2.39 33.44
N TRP E 66 6.60 -1.29 32.76
CA TRP E 66 7.60 -0.26 32.46
C TRP E 66 6.83 0.96 32.04
N SER E 67 7.56 2.03 31.77
CA SER E 67 6.99 3.33 31.44
C SER E 67 7.34 3.74 30.01
N ASP E 68 6.36 4.22 29.25
CA ASP E 68 6.68 4.98 28.04
C ASP E 68 5.88 6.28 28.05
N ARG E 69 6.50 7.33 28.57
CA ARG E 69 5.82 8.62 28.77
C ARG E 69 5.34 9.26 27.47
N THR E 70 5.95 8.93 26.34
CA THR E 70 5.48 9.52 25.07
C THR E 70 4.08 9.00 24.72
N LEU E 71 3.66 7.91 25.35
CA LEU E 71 2.34 7.36 25.09
C LEU E 71 1.26 8.04 25.93
N ALA E 72 1.69 8.77 26.95
CA ALA E 72 0.79 9.34 27.94
C ALA E 72 -0.25 10.28 27.34
N TRP E 73 -1.42 10.34 27.94
CA TRP E 73 -2.41 11.32 27.53
C TRP E 73 -3.16 11.83 28.74
N ASN E 74 -4.01 12.81 28.49
CA ASN E 74 -4.79 13.48 29.51
C ASN E 74 -6.12 12.76 29.70
N SER E 75 -6.29 12.12 30.86
CA SER E 75 -7.48 11.29 31.09
C SER E 75 -8.55 11.97 31.95
N SER E 76 -8.50 13.29 32.01
CA SER E 76 -9.52 14.09 32.71
C SER E 76 -10.94 13.76 32.28
N HIS E 77 -11.16 13.68 30.97
CA HIS E 77 -12.46 13.36 30.42
C HIS E 77 -12.37 12.24 29.35
N SER E 78 -11.45 11.31 29.57
CA SER E 78 -11.25 10.18 28.66
C SER E 78 -10.88 8.93 29.48
N PRO E 79 -10.89 7.73 28.85
CA PRO E 79 -10.55 6.51 29.60
C PRO E 79 -9.17 6.56 30.27
N ASP E 80 -9.02 5.90 31.42
CA ASP E 80 -7.74 5.92 32.14
C ASP E 80 -6.75 4.91 31.55
N GLN E 81 -7.28 3.89 30.88
CA GLN E 81 -6.45 2.80 30.35
C GLN E 81 -7.13 2.24 29.12
N VAL E 82 -6.36 1.59 28.26
CA VAL E 82 -6.93 0.73 27.20
C VAL E 82 -6.09 -0.53 27.07
N SER E 83 -6.64 -1.57 26.46
CA SER E 83 -5.83 -2.73 26.09
C SER E 83 -5.31 -2.55 24.65
N VAL E 84 -4.12 -3.07 24.38
CA VAL E 84 -3.41 -2.88 23.11
C VAL E 84 -2.72 -4.19 22.78
N PRO E 85 -2.83 -4.69 21.52
CA PRO E 85 -2.06 -5.87 21.11
C PRO E 85 -0.56 -5.58 21.29
N ILE E 86 0.22 -6.53 21.81
CA ILE E 86 1.62 -6.24 22.05
C ILE E 86 2.41 -5.96 20.77
N SER E 87 1.92 -6.45 19.64
CA SER E 87 2.55 -6.18 18.35
C SER E 87 2.56 -4.69 18.00
N SER E 88 1.69 -3.91 18.66
CA SER E 88 1.67 -2.46 18.47
C SER E 88 2.67 -1.74 19.39
N LEU E 89 3.22 -2.44 20.36
CA LEU E 89 4.06 -1.79 21.37
C LEU E 89 5.46 -2.36 21.46
N TRP E 90 6.39 -1.57 21.96
CA TRP E 90 7.67 -2.13 22.37
C TRP E 90 7.44 -2.98 23.62
N VAL E 91 8.06 -4.14 23.65
CA VAL E 91 8.09 -4.96 24.84
C VAL E 91 9.53 -5.39 25.08
N PRO E 92 9.96 -5.40 26.34
CA PRO E 92 11.36 -5.78 26.64
C PRO E 92 11.70 -7.17 26.11
N ASP E 93 12.89 -7.31 25.52
CA ASP E 93 13.34 -8.61 25.00
C ASP E 93 13.90 -9.52 26.11
N LEU E 94 13.00 -9.95 26.99
CA LEU E 94 13.39 -10.79 28.12
C LEU E 94 13.56 -12.25 27.75
N ALA E 95 14.55 -12.91 28.35
CA ALA E 95 14.70 -14.36 28.21
C ALA E 95 15.03 -15.03 29.54
N ALA E 96 14.48 -16.22 29.74
CA ALA E 96 14.85 -17.08 30.87
C ALA E 96 16.07 -17.90 30.49
N TYR E 97 17.20 -17.59 31.12
CA TYR E 97 18.49 -18.18 30.74
C TYR E 97 18.52 -19.72 30.83
N ASN E 98 17.88 -20.27 31.85
CA ASN E 98 17.90 -21.73 32.04
C ASN E 98 16.62 -22.41 31.57
N ALA E 99 15.81 -21.69 30.79
CA ALA E 99 14.67 -22.30 30.10
C ALA E 99 15.18 -23.29 29.05
N ILE E 100 14.54 -24.44 28.97
CA ILE E 100 14.96 -25.48 28.02
C ILE E 100 13.88 -25.76 26.96
N SER E 101 12.82 -24.95 26.97
CA SER E 101 11.81 -24.96 25.89
C SER E 101 11.31 -23.54 25.69
N LYS E 102 10.66 -23.27 24.55
CA LYS E 102 10.08 -21.95 24.28
C LYS E 102 8.96 -21.68 25.28
N PRO E 103 8.78 -20.39 25.63
CA PRO E 103 7.66 -20.04 26.52
C PRO E 103 6.34 -20.22 25.81
N GLU E 104 5.45 -21.03 26.38
CA GLU E 104 4.11 -21.23 25.84
C GLU E 104 3.17 -20.19 26.48
N VAL E 105 2.82 -19.15 25.71
CA VAL E 105 1.95 -18.11 26.24
C VAL E 105 0.53 -18.63 26.27
N LEU E 106 -0.09 -18.60 27.43
CA LEU E 106 -1.43 -19.21 27.59
C LEU E 106 -2.58 -18.21 27.48
N THR E 107 -2.24 -16.94 27.54
CA THR E 107 -3.24 -15.88 27.62
C THR E 107 -3.16 -14.97 26.39
N PRO E 108 -4.23 -14.17 26.16
CA PRO E 108 -4.25 -13.24 25.02
C PRO E 108 -3.14 -12.20 25.11
N GLN E 109 -2.54 -11.92 23.95
CA GLN E 109 -1.33 -11.12 23.90
C GLN E 109 -1.65 -9.63 23.80
N LEU E 110 -2.33 -9.17 24.85
CA LEU E 110 -2.73 -7.78 25.02
C LEU E 110 -2.05 -7.22 26.25
N ALA E 111 -1.57 -5.99 26.16
CA ALA E 111 -1.03 -5.25 27.29
C ALA E 111 -2.02 -4.16 27.69
N ARG E 112 -1.88 -3.59 28.89
CA ARG E 112 -2.63 -2.38 29.22
C ARG E 112 -1.70 -1.19 29.13
N VAL E 113 -2.21 -0.11 28.57
CA VAL E 113 -1.49 1.17 28.58
C VAL E 113 -2.30 2.16 29.37
N VAL E 114 -1.64 2.81 30.34
CA VAL E 114 -2.27 3.73 31.28
C VAL E 114 -1.99 5.15 30.82
N SER E 115 -2.92 6.07 31.12
CA SER E 115 -2.82 7.45 30.63
C SER E 115 -1.55 8.17 31.09
N ASP E 116 -0.92 7.66 32.14
CA ASP E 116 0.36 8.24 32.59
C ASP E 116 1.57 7.60 31.88
N GLY E 117 1.31 6.73 30.91
CA GLY E 117 2.37 6.15 30.10
C GLY E 117 2.91 4.82 30.60
N GLU E 118 2.39 4.33 31.72
CA GLU E 118 2.81 3.02 32.21
C GLU E 118 2.25 1.92 31.30
N VAL E 119 3.08 0.92 30.99
CA VAL E 119 2.62 -0.23 30.22
C VAL E 119 2.68 -1.49 31.06
N LEU E 120 1.58 -2.24 31.07
CA LEU E 120 1.55 -3.49 31.80
C LEU E 120 1.28 -4.65 30.86
N TYR E 121 2.20 -5.60 30.85
CA TYR E 121 2.01 -6.85 30.14
C TYR E 121 2.13 -7.94 31.18
N MET E 122 1.14 -8.81 31.26
CA MET E 122 1.18 -9.87 32.27
C MET E 122 0.62 -11.18 31.76
N PRO E 123 1.42 -11.89 30.94
CA PRO E 123 1.02 -13.19 30.40
C PRO E 123 1.15 -14.31 31.42
N SER E 124 0.28 -15.29 31.27
CA SER E 124 0.44 -16.56 31.96
C SER E 124 1.22 -17.46 31.02
N ILE E 125 2.31 -18.04 31.53
CA ILE E 125 3.23 -18.80 30.70
C ILE E 125 3.51 -20.21 31.25
N ARG E 126 3.47 -21.21 30.37
CA ARG E 126 3.99 -22.54 30.72
C ARG E 126 5.38 -22.72 30.09
N GLN E 127 6.34 -23.22 30.85
CA GLN E 127 7.71 -23.35 30.36
C GLN E 127 8.48 -24.41 31.15
N ARG E 128 9.50 -24.98 30.52
CA ARG E 128 10.30 -26.05 31.14
C ARG E 128 11.71 -25.53 31.45
N PHE E 129 12.23 -25.92 32.61
CA PHE E 129 13.49 -25.36 33.09
C PHE E 129 14.48 -26.41 33.54
N SER E 130 15.76 -26.07 33.38
CA SER E 130 16.87 -26.80 33.98
C SER E 130 17.21 -26.14 35.30
N CYS E 131 16.99 -26.87 36.40
CA CYS E 131 17.15 -26.33 37.74
C CYS E 131 17.38 -27.43 38.80
N ASP E 132 17.88 -27.05 39.97
CA ASP E 132 18.11 -28.01 41.05
C ASP E 132 16.81 -28.57 41.63
N VAL E 133 16.54 -29.82 41.30
CA VAL E 133 15.34 -30.54 41.74
C VAL E 133 15.67 -31.37 43.01
N SER E 134 16.94 -31.40 43.40
CA SER E 134 17.35 -32.24 44.52
C SER E 134 16.63 -31.84 45.81
N GLY E 135 16.09 -32.83 46.51
CA GLY E 135 15.45 -32.62 47.79
C GLY E 135 13.95 -32.36 47.70
N VAL E 136 13.38 -32.51 46.51
CA VAL E 136 11.97 -32.21 46.31
C VAL E 136 11.03 -32.96 47.27
N ASP E 137 11.34 -34.23 47.56
CA ASP E 137 10.51 -35.05 48.45
C ASP E 137 10.99 -35.03 49.90
N THR E 138 11.91 -34.13 50.21
CA THR E 138 12.31 -33.92 51.60
C THR E 138 11.49 -32.75 52.16
N GLU E 139 11.44 -32.65 53.48
CA GLU E 139 10.67 -31.61 54.15
C GLU E 139 11.23 -30.22 53.85
N SER E 140 12.52 -30.18 53.55
CA SER E 140 13.20 -28.94 53.21
C SER E 140 12.88 -28.52 51.76
N GLY E 141 12.54 -29.51 50.95
CA GLY E 141 12.20 -29.27 49.55
C GLY E 141 13.40 -29.00 48.66
N ALA E 142 13.14 -28.77 47.37
CA ALA E 142 14.20 -28.37 46.43
C ALA E 142 14.13 -26.87 46.24
N THR E 143 15.20 -26.29 45.70
CA THR E 143 15.20 -24.87 45.37
C THR E 143 15.61 -24.65 43.91
N CYS E 144 14.61 -24.37 43.07
CA CYS E 144 14.84 -24.14 41.65
C CYS E 144 14.92 -22.66 41.36
N ARG E 145 15.98 -22.25 40.67
CA ARG E 145 16.26 -20.85 40.43
C ARG E 145 16.08 -20.53 38.95
N ILE E 146 15.30 -19.48 38.67
CA ILE E 146 15.09 -19.02 37.30
C ILE E 146 15.69 -17.62 37.13
N LYS E 147 16.58 -17.49 36.15
CA LYS E 147 17.17 -16.18 35.84
C LYS E 147 16.51 -15.56 34.61
N ILE E 148 16.10 -14.31 34.74
CA ILE E 148 15.45 -13.60 33.64
C ILE E 148 16.06 -12.24 33.45
N GLY E 149 16.54 -11.96 32.23
CA GLY E 149 17.10 -10.66 31.89
C GLY E 149 16.89 -10.28 30.44
N SER E 150 17.23 -9.04 30.09
CA SER E 150 17.12 -8.61 28.70
C SER E 150 18.17 -9.32 27.88
N TRP E 151 17.79 -9.91 26.75
CA TRP E 151 18.75 -10.70 26.00
C TRP E 151 19.82 -9.85 25.29
N THR E 152 19.40 -8.80 24.60
CA THR E 152 20.34 -8.00 23.82
C THR E 152 20.56 -6.58 24.32
N HIS E 153 19.88 -6.19 25.38
CA HIS E 153 20.09 -4.86 25.93
C HIS E 153 20.79 -4.95 27.28
N HIS E 154 21.95 -4.29 27.37
CA HIS E 154 22.78 -4.30 28.57
C HIS E 154 22.34 -3.21 29.55
N SER E 155 23.04 -3.06 30.66
CA SER E 155 22.55 -2.23 31.79
C SER E 155 22.46 -0.72 31.52
N ARG E 156 23.17 -0.23 30.52
CA ARG E 156 23.03 1.17 30.14
C ARG E 156 21.70 1.43 29.40
N GLU E 157 21.07 0.35 28.90
CA GLU E 157 19.85 0.50 28.09
C GLU E 157 18.56 0.03 28.80
N ILE E 158 18.66 -1.08 29.52
CA ILE E 158 17.55 -1.65 30.24
C ILE E 158 17.99 -2.13 31.62
N SER E 159 17.34 -1.66 32.68
CA SER E 159 17.55 -2.27 33.98
C SER E 159 16.35 -3.14 34.30
N VAL E 160 16.60 -4.28 34.93
CA VAL E 160 15.51 -5.13 35.39
C VAL E 160 15.48 -5.20 36.91
N ASP E 161 14.29 -5.07 37.46
CA ASP E 161 14.14 -4.93 38.89
C ASP E 161 13.00 -5.82 39.35
N PRO E 162 13.22 -6.54 40.44
CA PRO E 162 12.16 -7.26 41.15
C PRO E 162 11.10 -6.24 41.57
N THR E 163 9.85 -6.66 41.71
CA THR E 163 8.80 -5.72 42.13
C THR E 163 8.58 -5.75 43.63
N GLU E 165 6.53 -4.87 45.94
CA GLU E 165 5.31 -5.59 45.62
C GLU E 165 5.34 -7.03 46.17
N ASN E 166 4.47 -7.30 47.14
CA ASN E 166 4.25 -8.66 47.63
C ASN E 166 2.77 -9.00 47.70
N SER E 167 2.52 -10.28 47.51
CA SER E 167 1.23 -10.86 47.72
C SER E 167 1.69 -12.22 48.18
N ASP E 168 0.76 -13.01 48.68
CA ASP E 168 1.08 -14.33 49.15
C ASP E 168 1.78 -15.09 48.02
N ASP E 169 2.79 -15.90 48.33
CA ASP E 169 3.46 -16.68 47.29
C ASP E 169 2.53 -17.68 46.60
N SER E 170 1.49 -18.13 47.30
CA SER E 170 0.58 -19.11 46.76
C SER E 170 -0.74 -18.49 46.32
N GLU E 171 -0.78 -17.17 46.24
CA GLU E 171 -2.02 -16.43 45.95
C GLU E 171 -2.75 -16.90 44.67
N TYR E 172 -1.98 -17.40 43.70
CA TYR E 172 -2.56 -17.83 42.43
C TYR E 172 -2.17 -19.25 42.10
N PHE E 173 -1.62 -19.96 43.09
CA PHE E 173 -1.07 -21.30 42.90
C PHE E 173 -2.15 -22.38 43.02
N SER E 174 -2.14 -23.34 42.10
CA SER E 174 -3.20 -24.34 42.05
C SER E 174 -3.20 -25.23 43.29
N GLN E 175 -4.34 -25.31 43.98
CA GLN E 175 -4.42 -26.18 45.14
C GLN E 175 -4.35 -27.64 44.72
N TYR E 176 -4.47 -27.91 43.42
CA TYR E 176 -4.51 -29.28 42.91
C TYR E 176 -3.17 -29.83 42.43
N SER E 177 -2.15 -28.99 42.39
CA SER E 177 -0.79 -29.46 42.07
C SER E 177 -0.38 -30.57 43.04
N ARG E 178 0.52 -31.44 42.63
CA ARG E 178 1.12 -32.43 43.54
C ARG E 178 2.10 -31.74 44.47
N PHE E 179 2.35 -30.46 44.22
CA PHE E 179 3.41 -29.76 44.94
C PHE E 179 2.85 -28.58 45.69
N GLU E 180 3.66 -28.04 46.59
CA GLU E 180 3.29 -26.88 47.35
C GLU E 180 4.52 -25.99 47.43
N ILE E 181 4.29 -24.69 47.45
CA ILE E 181 5.36 -23.71 47.52
C ILE E 181 5.71 -23.42 48.97
N LEU E 182 7.00 -23.53 49.31
CA LEU E 182 7.51 -23.21 50.65
C LEU E 182 7.79 -21.71 50.74
N ASP E 183 8.52 -21.18 49.77
CA ASP E 183 8.64 -19.74 49.61
C ASP E 183 9.33 -19.36 48.30
N VAL E 184 9.18 -18.09 47.93
CA VAL E 184 9.78 -17.55 46.72
C VAL E 184 10.57 -16.29 47.09
N THR E 185 11.81 -16.21 46.65
CA THR E 185 12.57 -14.98 46.82
C THR E 185 13.03 -14.48 45.48
N GLN E 186 13.38 -13.20 45.40
CA GLN E 186 13.86 -12.64 44.15
C GLN E 186 15.03 -11.71 44.43
N LYS E 187 15.98 -11.67 43.50
CA LYS E 187 17.09 -10.75 43.64
C LYS E 187 17.65 -10.33 42.30
N LYS E 188 18.20 -9.12 42.29
CA LYS E 188 18.73 -8.53 41.09
C LYS E 188 20.21 -8.84 41.01
N ASN E 189 20.67 -9.15 39.80
CA ASN E 189 22.09 -9.32 39.53
C ASN E 189 22.42 -8.43 38.36
N SER E 190 23.71 -8.13 38.21
CA SER E 190 24.21 -7.35 37.08
C SER E 190 25.52 -8.02 36.73
N VAL E 191 25.57 -8.69 35.58
CA VAL E 191 26.70 -9.58 35.34
C VAL E 191 27.36 -9.38 33.98
N THR E 192 28.69 -9.40 33.97
CA THR E 192 29.48 -9.27 32.77
C THR E 192 29.93 -10.66 32.32
N TYR E 193 29.76 -10.96 31.04
CA TYR E 193 30.17 -12.24 30.47
C TYR E 193 31.41 -12.05 29.62
N SER E 194 32.13 -13.15 29.38
CA SER E 194 33.36 -13.11 28.58
C SER E 194 33.12 -12.59 27.17
N CYS E 195 31.88 -12.69 26.69
CA CYS E 195 31.53 -12.24 25.35
C CYS E 195 31.53 -10.71 25.21
N CYS E 196 31.08 -10.01 26.24
CA CYS E 196 30.75 -8.58 26.08
C CYS E 196 31.31 -7.68 27.16
N PRO E 197 31.63 -6.42 26.81
CA PRO E 197 32.16 -5.45 27.79
C PRO E 197 31.13 -5.02 28.82
N GLU E 198 29.88 -4.83 28.40
CA GLU E 198 28.81 -4.32 29.27
C GLU E 198 28.18 -5.40 30.12
N ALA E 199 27.58 -5.00 31.26
CA ALA E 199 26.87 -5.95 32.11
C ALA E 199 25.42 -6.15 31.63
N TYR E 200 24.89 -7.37 31.79
CA TYR E 200 23.47 -7.64 31.60
C TYR E 200 22.80 -7.84 32.94
N GLU E 201 21.73 -7.09 33.17
CA GLU E 201 20.95 -7.26 34.38
C GLU E 201 19.95 -8.43 34.27
N ASP E 202 19.77 -9.17 35.36
CA ASP E 202 18.74 -10.20 35.44
C ASP E 202 18.06 -10.20 36.81
N VAL E 203 16.87 -10.79 36.87
CA VAL E 203 16.23 -11.04 38.15
C VAL E 203 16.25 -12.54 38.38
N GLU E 204 16.76 -12.98 39.53
CA GLU E 204 16.81 -14.39 39.86
C GLU E 204 15.67 -14.76 40.79
N VAL E 205 14.76 -15.61 40.31
CA VAL E 205 13.66 -16.07 41.14
C VAL E 205 14.01 -17.44 41.69
N SER E 206 14.02 -17.54 43.01
CA SER E 206 14.29 -18.80 43.67
C SER E 206 13.09 -19.17 44.50
N LEU E 207 12.54 -20.34 44.25
CA LEU E 207 11.41 -20.83 45.01
C LEU E 207 11.77 -22.17 45.62
N ASN E 208 11.53 -22.31 46.91
CA ASN E 208 11.74 -23.58 47.55
C ASN E 208 10.40 -24.28 47.58
N PHE E 209 10.30 -25.38 46.85
CA PHE E 209 9.05 -26.10 46.76
C PHE E 209 9.30 -27.55 47.09
N ARG E 210 8.24 -28.27 47.44
CA ARG E 210 8.38 -29.68 47.75
C ARG E 210 7.11 -30.43 47.40
N LYS E 211 7.22 -31.75 47.30
CA LYS E 211 6.08 -32.60 47.02
C LYS E 211 5.24 -32.68 48.30
N LYS E 212 3.91 -32.69 48.17
CA LYS E 212 3.04 -32.88 49.33
C LYS E 212 3.16 -34.33 49.85
N GLY E 213 2.97 -34.54 51.14
CA GLY E 213 3.16 -35.85 51.73
C GLY E 213 1.96 -36.34 52.52
N ASP F 1 24.81 22.46 14.87
CA ASP F 1 25.84 23.45 14.58
C ASP F 1 26.15 23.52 13.08
N TYR F 2 26.53 24.71 12.61
CA TYR F 2 26.72 24.96 11.18
C TYR F 2 27.91 24.19 10.60
N LYS F 3 28.81 23.76 11.52
CA LYS F 3 29.85 22.78 11.25
C LYS F 3 29.28 21.44 10.73
N ASP F 4 28.12 21.04 11.25
CA ASP F 4 27.49 19.80 10.81
C ASP F 4 26.35 20.00 9.83
N ASP F 5 26.22 21.22 9.30
CA ASP F 5 25.16 21.57 8.35
C ASP F 5 25.08 20.65 7.14
N ASP F 6 26.24 20.31 6.59
CA ASP F 6 26.31 19.57 5.33
C ASP F 6 26.47 18.06 5.48
N ASP F 7 26.25 17.54 6.69
CA ASP F 7 26.20 16.08 6.91
C ASP F 7 24.88 15.58 6.32
N LYS F 8 24.95 14.86 5.20
CA LYS F 8 23.75 14.47 4.46
C LYS F 8 22.83 13.50 5.19
N LEU F 9 23.43 12.57 5.93
CA LEU F 9 22.64 11.55 6.60
C LEU F 9 21.78 12.23 7.66
N ASP F 10 22.41 13.13 8.42
CA ASP F 10 21.71 13.94 9.39
C ASP F 10 20.52 14.68 8.76
N ARG F 11 20.73 15.28 7.60
CA ARG F 11 19.67 16.04 6.95
C ARG F 11 18.54 15.11 6.56
N ALA F 12 18.89 13.97 5.96
CA ALA F 12 17.90 12.94 5.63
C ALA F 12 17.14 12.51 6.87
N ASP F 13 17.88 12.32 7.96
CA ASP F 13 17.27 11.91 9.23
C ASP F 13 16.33 12.96 9.83
N ILE F 14 16.73 14.22 9.78
CA ILE F 14 15.88 15.31 10.26
C ILE F 14 14.58 15.35 9.42
N LEU F 15 14.74 15.21 8.10
CA LEU F 15 13.60 15.18 7.19
C LEU F 15 12.63 14.06 7.53
N TYR F 16 13.18 12.89 7.85
CA TYR F 16 12.37 11.76 8.27
C TYR F 16 11.66 12.04 9.58
N ASN F 17 12.36 12.68 10.52
CA ASN F 17 11.77 13.05 11.80
C ASN F 17 10.62 14.05 11.61
N ILE F 18 10.87 15.08 10.82
CA ILE F 18 9.86 16.07 10.50
C ILE F 18 8.62 15.40 9.89
N ARG F 19 8.83 14.49 8.95
CA ARG F 19 7.69 13.82 8.29
C ARG F 19 6.94 12.85 9.19
N GLN F 20 7.59 12.30 10.21
CA GLN F 20 6.90 11.44 11.16
C GLN F 20 6.00 12.21 12.12
N THR F 21 6.42 13.45 12.44
CA THR F 21 5.80 14.26 13.48
C THR F 21 4.83 15.27 12.88
N SER F 22 5.09 15.67 11.64
CA SER F 22 4.28 16.72 11.02
C SER F 22 2.83 16.28 10.84
N ARG F 23 1.91 17.19 11.17
CA ARG F 23 0.49 17.00 10.88
C ARG F 23 0.05 18.13 9.95
N PRO F 24 0.21 17.92 8.64
CA PRO F 24 0.04 18.99 7.63
C PRO F 24 -1.37 19.61 7.63
N ASP F 25 -2.36 18.90 8.19
CA ASP F 25 -3.72 19.41 8.17
C ASP F 25 -4.22 19.92 9.53
N VAL F 26 -3.39 19.79 10.57
CA VAL F 26 -3.80 20.22 11.91
C VAL F 26 -3.04 21.48 12.36
N ILE F 27 -3.74 22.51 12.85
CA ILE F 27 -3.04 23.72 13.25
C ILE F 27 -2.13 23.41 14.45
N PRO F 28 -0.87 23.87 14.39
CA PRO F 28 0.10 23.50 15.42
C PRO F 28 -0.02 24.37 16.66
N THR F 29 -1.16 24.26 17.34
CA THR F 29 -1.38 25.04 18.56
C THR F 29 -0.66 24.40 19.75
N GLN F 30 0.07 25.22 20.48
CA GLN F 30 0.77 24.78 21.68
C GLN F 30 0.21 25.52 22.89
N ARG F 31 0.10 24.80 24.01
CA ARG F 31 -0.31 25.40 25.28
C ARG F 31 -1.67 26.10 25.18
N ASP F 32 -2.60 25.50 24.43
CA ASP F 32 -3.93 26.05 24.23
C ASP F 32 -3.97 27.53 23.82
N ARG F 33 -3.03 27.94 22.97
CA ARG F 33 -2.98 29.31 22.45
C ARG F 33 -3.07 29.32 20.93
N PRO F 34 -3.57 30.42 20.34
CA PRO F 34 -3.56 30.52 18.87
C PRO F 34 -2.14 30.44 18.27
N VAL F 35 -2.05 29.96 17.04
CA VAL F 35 -0.77 29.93 16.33
C VAL F 35 -0.44 31.33 15.89
N ALA F 36 0.70 31.85 16.33
CA ALA F 36 1.15 33.19 15.91
C ALA F 36 1.84 33.14 14.55
N VAL F 37 1.17 33.67 13.54
CA VAL F 37 1.70 33.70 12.19
C VAL F 37 2.09 35.15 11.89
N SER F 38 3.36 35.35 11.53
CA SER F 38 3.83 36.68 11.17
C SER F 38 3.82 36.77 9.65
N VAL F 39 3.44 37.94 9.15
CA VAL F 39 3.28 38.17 7.72
C VAL F 39 3.84 39.53 7.35
N SER F 40 4.78 39.59 6.39
CA SER F 40 5.22 40.87 5.82
C SER F 40 5.47 40.78 4.32
N LEU F 41 5.03 41.79 3.58
CA LEU F 41 5.29 41.87 2.15
C LEU F 41 6.44 42.82 1.82
N LYS F 42 7.47 42.29 1.14
CA LYS F 42 8.50 43.15 0.57
C LYS F 42 8.22 43.20 -0.91
N PHE F 43 8.06 44.42 -1.45
CA PHE F 43 7.60 44.57 -2.82
C PHE F 43 8.72 44.43 -3.83
N ILE F 44 8.44 43.72 -4.93
CA ILE F 44 9.46 43.43 -5.94
C ILE F 44 9.16 44.19 -7.21
N ASN F 45 7.88 44.33 -7.52
CA ASN F 45 7.47 45.01 -8.74
C ASN F 45 6.01 45.40 -8.74
N ILE F 46 5.60 46.18 -9.75
CA ILE F 46 4.19 46.25 -10.14
C ILE F 46 3.96 45.79 -11.59
N LEU F 47 3.35 44.63 -11.78
CA LEU F 47 3.05 44.08 -13.12
C LEU F 47 2.02 44.80 -14.05
N GLU F 48 0.89 45.22 -13.46
CA GLU F 48 -0.25 45.78 -14.17
C GLU F 48 -0.84 46.94 -13.41
N VAL F 49 -0.99 48.07 -14.10
CA VAL F 49 -1.66 49.23 -13.53
C VAL F 49 -2.80 49.64 -14.44
N ASN F 50 -4.00 49.80 -13.86
CA ASN F 50 -5.14 50.26 -14.64
C ASN F 50 -5.98 51.17 -13.78
N GLU F 51 -5.89 52.48 -14.01
CA GLU F 51 -6.56 53.48 -13.18
C GLU F 51 -8.05 53.50 -13.48
N ILE F 52 -8.40 53.07 -14.69
CA ILE F 52 -9.80 52.94 -15.09
C ILE F 52 -10.53 51.88 -14.26
N THR F 53 -9.98 50.67 -14.23
CA THR F 53 -10.64 49.52 -13.60
C THR F 53 -10.27 49.31 -12.14
N ASN F 54 -9.42 50.20 -11.60
CA ASN F 54 -8.89 50.03 -10.24
C ASN F 54 -8.28 48.66 -9.99
N GLU F 55 -7.33 48.27 -10.84
CA GLU F 55 -6.66 46.99 -10.71
C GLU F 55 -5.16 47.17 -10.89
N VAL F 56 -4.39 46.28 -10.27
CA VAL F 56 -2.94 46.31 -10.35
C VAL F 56 -2.32 44.91 -10.15
N ASP F 57 -1.30 44.59 -10.94
CA ASP F 57 -0.43 43.43 -10.72
C ASP F 57 0.72 43.82 -9.82
N VAL F 58 0.94 43.06 -8.76
CA VAL F 58 2.10 43.27 -7.91
C VAL F 58 2.91 41.98 -7.74
N VAL F 59 4.23 42.11 -7.83
CA VAL F 59 5.12 41.02 -7.46
C VAL F 59 5.67 41.32 -6.08
N PHE F 60 5.58 40.37 -5.17
CA PHE F 60 6.07 40.60 -3.81
C PHE F 60 6.66 39.35 -3.18
N TRP F 61 7.63 39.60 -2.31
CA TRP F 61 8.23 38.56 -1.50
C TRP F 61 7.40 38.47 -0.23
N GLN F 62 6.60 37.42 -0.09
CA GLN F 62 5.73 37.29 1.08
C GLN F 62 6.40 36.51 2.20
N GLN F 63 6.86 37.21 3.23
CA GLN F 63 7.53 36.55 4.36
C GLN F 63 6.49 36.03 5.36
N THR F 64 6.54 34.73 5.63
CA THR F 64 5.59 34.11 6.55
C THR F 64 6.39 33.22 7.46
N THR F 65 6.21 33.40 8.77
CA THR F 65 6.90 32.57 9.74
C THR F 65 5.96 32.17 10.85
N TRP F 66 6.19 30.99 11.44
CA TRP F 66 5.44 30.57 12.62
C TRP F 66 6.28 29.50 13.29
N SER F 67 5.82 28.97 14.41
CA SER F 67 6.56 27.88 15.05
C SER F 67 5.72 26.64 15.29
N ASP F 68 6.37 25.49 15.20
CA ASP F 68 5.77 24.24 15.63
C ASP F 68 6.85 23.52 16.43
N ARG F 69 6.79 23.65 17.75
CA ARG F 69 7.84 23.13 18.62
C ARG F 69 7.95 21.62 18.57
N THR F 70 6.88 20.94 18.17
CA THR F 70 6.95 19.50 18.03
C THR F 70 7.98 19.12 16.95
N LEU F 71 8.32 20.06 16.06
CA LEU F 71 9.28 19.73 15.00
C LEU F 71 10.74 19.97 15.46
N ALA F 72 10.91 20.55 16.65
CA ALA F 72 12.21 20.93 17.14
C ALA F 72 13.11 19.73 17.39
N TRP F 73 14.40 19.92 17.17
CA TRP F 73 15.36 18.87 17.49
C TRP F 73 16.65 19.43 18.08
N ASN F 74 17.45 18.54 18.66
CA ASN F 74 18.73 18.91 19.25
C ASN F 74 19.76 19.07 18.14
N SER F 75 20.18 20.30 17.87
CA SER F 75 21.19 20.53 16.83
C SER F 75 22.59 20.84 17.36
N SER F 76 22.90 20.38 18.57
CA SER F 76 24.27 20.49 19.10
C SER F 76 25.32 20.00 18.12
N HIS F 77 25.04 18.85 17.50
CA HIS F 77 25.95 18.26 16.51
C HIS F 77 25.35 18.09 15.11
N SER F 78 24.12 18.56 14.93
CA SER F 78 23.41 18.36 13.67
C SER F 78 23.04 19.68 13.02
N PRO F 79 22.92 19.66 11.62
CA PRO F 79 22.64 21.00 11.05
C PRO F 79 21.34 21.54 11.59
N ASP F 80 21.34 22.83 11.92
CA ASP F 80 20.20 23.48 12.55
C ASP F 80 18.96 23.51 11.67
N GLN F 81 19.15 23.74 10.37
CA GLN F 81 18.02 23.99 9.49
C GLN F 81 18.03 23.00 8.34
N VAL F 82 16.86 22.68 7.80
CA VAL F 82 16.74 21.99 6.51
C VAL F 82 15.60 22.59 5.67
N SER F 83 15.63 22.40 4.36
CA SER F 83 14.54 22.86 3.51
C SER F 83 13.57 21.69 3.38
N VAL F 84 12.28 21.97 3.38
CA VAL F 84 11.24 20.93 3.39
C VAL F 84 10.11 21.32 2.43
N PRO F 85 9.66 20.39 1.55
CA PRO F 85 8.52 20.72 0.67
C PRO F 85 7.30 21.10 1.50
N ILE F 86 6.56 22.12 1.06
CA ILE F 86 5.43 22.59 1.88
C ILE F 86 4.31 21.57 2.01
N SER F 87 4.21 20.66 1.05
CA SER F 87 3.25 19.55 1.17
C SER F 87 3.49 18.61 2.35
N SER F 88 4.70 18.61 2.92
CA SER F 88 4.96 17.82 4.14
C SER F 88 4.61 18.56 5.43
N LEU F 89 4.25 19.83 5.31
CA LEU F 89 4.09 20.70 6.47
C LEU F 89 2.72 21.37 6.54
N TRP F 90 2.27 21.66 7.75
CA TRP F 90 1.16 22.60 7.88
C TRP F 90 1.59 24.02 7.43
N VAL F 91 0.73 24.66 6.64
CA VAL F 91 0.94 26.05 6.23
C VAL F 91 -0.35 26.80 6.50
N PRO F 92 -0.25 28.04 7.02
CA PRO F 92 -1.48 28.77 7.34
C PRO F 92 -2.34 29.01 6.11
N ASP F 93 -3.65 28.96 6.26
CA ASP F 93 -4.54 29.11 5.10
C ASP F 93 -4.83 30.59 4.79
N LEU F 94 -3.77 31.35 4.52
CA LEU F 94 -3.90 32.79 4.22
C LEU F 94 -4.54 33.07 2.87
N ALA F 95 -5.34 34.13 2.81
CA ALA F 95 -5.93 34.58 1.56
C ALA F 95 -5.88 36.10 1.54
N ALA F 96 -5.63 36.65 0.35
CA ALA F 96 -5.69 38.09 0.17
C ALA F 96 -7.10 38.48 -0.27
N TYR F 97 -7.84 39.18 0.60
CA TYR F 97 -9.28 39.38 0.38
C TYR F 97 -9.65 40.07 -0.93
N ASN F 98 -8.81 41.00 -1.37
CA ASN F 98 -9.12 41.78 -2.57
C ASN F 98 -8.25 41.35 -3.74
N ALA F 99 -7.64 40.19 -3.63
CA ALA F 99 -6.97 39.60 -4.79
C ALA F 99 -8.09 39.18 -5.76
N ILE F 100 -7.86 39.34 -7.06
CA ILE F 100 -8.83 38.94 -8.06
C ILE F 100 -8.31 37.85 -8.99
N SER F 101 -7.09 37.38 -8.73
CA SER F 101 -6.54 36.20 -9.41
C SER F 101 -5.87 35.32 -8.35
N LYS F 102 -5.76 34.01 -8.63
CA LYS F 102 -5.02 33.10 -7.74
C LYS F 102 -3.59 33.59 -7.64
N PRO F 103 -2.93 33.38 -6.49
CA PRO F 103 -1.51 33.79 -6.42
C PRO F 103 -0.66 32.95 -7.36
N GLU F 104 0.15 33.61 -8.19
CA GLU F 104 1.09 32.90 -9.06
C GLU F 104 2.41 32.80 -8.32
N VAL F 105 2.72 31.60 -7.81
CA VAL F 105 3.95 31.39 -7.05
C VAL F 105 5.16 31.25 -7.96
N LEU F 106 6.14 32.14 -7.82
CA LEU F 106 7.27 32.20 -8.75
C LEU F 106 8.49 31.39 -8.30
N THR F 107 8.49 30.97 -7.03
CA THR F 107 9.67 30.34 -6.43
C THR F 107 9.40 28.87 -6.03
N PRO F 108 10.46 28.07 -5.91
CA PRO F 108 10.35 26.71 -5.37
C PRO F 108 9.52 26.64 -4.09
N GLN F 109 8.60 25.71 -4.02
CA GLN F 109 7.74 25.65 -2.84
C GLN F 109 8.36 24.89 -1.68
N LEU F 110 9.41 25.49 -1.12
CA LEU F 110 10.16 24.90 -0.03
C LEU F 110 10.16 25.87 1.13
N ALA F 111 9.91 25.35 2.33
CA ALA F 111 10.03 26.18 3.53
C ALA F 111 11.30 25.76 4.25
N ARG F 112 11.76 26.58 5.19
CA ARG F 112 12.88 26.15 6.03
C ARG F 112 12.32 25.76 7.37
N VAL F 113 12.82 24.67 7.94
CA VAL F 113 12.46 24.33 9.30
C VAL F 113 13.74 24.45 10.13
N VAL F 114 13.67 25.25 11.20
CA VAL F 114 14.83 25.52 12.05
C VAL F 114 14.74 24.55 13.23
N SER F 115 15.90 24.14 13.77
CA SER F 115 15.93 23.18 14.88
C SER F 115 15.12 23.57 16.12
N ASP F 116 14.80 24.85 16.28
CA ASP F 116 13.98 25.27 17.42
C ASP F 116 12.48 25.20 17.11
N GLY F 117 12.15 24.73 15.91
CA GLY F 117 10.76 24.55 15.53
C GLY F 117 10.20 25.71 14.73
N GLU F 118 11.00 26.72 14.46
CA GLU F 118 10.47 27.82 13.66
C GLU F 118 10.34 27.35 12.20
N VAL F 119 9.26 27.76 11.52
CA VAL F 119 9.10 27.43 10.12
C VAL F 119 9.03 28.72 9.28
N LEU F 120 9.84 28.80 8.22
CA LEU F 120 9.85 29.99 7.39
C LEU F 120 9.44 29.64 5.98
N TYR F 121 8.35 30.22 5.49
CA TYR F 121 7.98 30.03 4.10
C TYR F 121 7.87 31.38 3.44
N MET F 122 8.76 31.67 2.49
CA MET F 122 8.85 33.01 1.94
C MET F 122 8.92 32.99 0.42
N PRO F 123 7.77 32.75 -0.25
CA PRO F 123 7.78 32.71 -1.71
C PRO F 123 7.71 34.10 -2.31
N SER F 124 8.16 34.21 -3.56
CA SER F 124 7.89 35.40 -4.33
C SER F 124 6.61 35.10 -5.13
N ILE F 125 5.70 36.06 -5.11
CA ILE F 125 4.36 35.86 -5.66
C ILE F 125 3.97 37.01 -6.58
N ARG F 126 3.38 36.68 -7.73
CA ARG F 126 2.71 37.69 -8.56
C ARG F 126 1.20 37.50 -8.43
N GLN F 127 0.46 38.60 -8.26
CA GLN F 127 -0.99 38.52 -8.06
C GLN F 127 -1.67 39.83 -8.43
N ARG F 128 -2.91 39.75 -8.90
CA ARG F 128 -3.71 40.87 -9.38
C ARG F 128 -4.64 41.27 -8.23
N PHE F 129 -4.72 42.57 -7.93
CA PHE F 129 -5.61 43.06 -6.88
C PHE F 129 -6.62 44.09 -7.35
N SER F 130 -7.73 44.18 -6.64
CA SER F 130 -8.69 45.27 -6.80
C SER F 130 -8.46 46.25 -5.66
N CYS F 131 -7.98 47.45 -5.99
CA CYS F 131 -7.59 48.47 -5.00
C CYS F 131 -7.60 49.90 -5.57
N ASP F 132 -7.57 50.90 -4.70
CA ASP F 132 -7.62 52.32 -5.13
C ASP F 132 -6.40 52.73 -5.94
N VAL F 133 -6.55 52.86 -7.25
CA VAL F 133 -5.46 53.24 -8.13
C VAL F 133 -5.56 54.75 -8.44
N SER F 134 -6.61 55.39 -7.93
CA SER F 134 -6.80 56.82 -8.17
C SER F 134 -5.65 57.63 -7.59
N GLY F 135 -5.08 58.52 -8.41
CA GLY F 135 -3.99 59.39 -8.00
C GLY F 135 -2.62 58.89 -8.41
N VAL F 136 -2.56 57.72 -9.05
CA VAL F 136 -1.28 57.09 -9.37
C VAL F 136 -0.35 57.99 -10.21
N ASP F 137 -0.93 58.93 -10.93
CA ASP F 137 -0.15 59.88 -11.75
C ASP F 137 0.08 61.25 -11.10
N THR F 138 -0.19 61.35 -9.80
CA THR F 138 0.06 62.58 -9.04
C THR F 138 1.35 62.48 -8.23
N GLU F 139 1.81 63.62 -7.69
CA GLU F 139 2.98 63.64 -6.83
C GLU F 139 2.68 62.86 -5.56
N SER F 140 1.40 62.89 -5.18
CA SER F 140 0.90 62.19 -4.00
C SER F 140 0.68 60.68 -4.25
N GLY F 141 0.46 60.30 -5.50
CA GLY F 141 0.32 58.90 -5.85
C GLY F 141 -0.95 58.23 -5.32
N ALA F 142 -1.08 56.94 -5.61
CA ALA F 142 -2.22 56.16 -5.17
C ALA F 142 -1.92 55.41 -3.89
N THR F 143 -2.95 55.12 -3.11
CA THR F 143 -2.81 54.20 -1.98
C THR F 143 -3.65 52.94 -2.18
N CYS F 144 -2.99 51.82 -2.44
CA CYS F 144 -3.70 50.57 -2.62
C CYS F 144 -3.47 49.70 -1.39
N ARG F 145 -4.57 49.28 -0.78
CA ARG F 145 -4.51 48.48 0.43
C ARG F 145 -4.76 47.00 0.11
N ILE F 146 -3.96 46.12 0.71
CA ILE F 146 -4.08 44.69 0.49
C ILE F 146 -4.32 44.01 1.81
N LYS F 147 -5.41 43.26 1.90
CA LYS F 147 -5.75 42.59 3.15
C LYS F 147 -5.47 41.08 3.08
N ILE F 148 -4.56 40.61 3.92
CA ILE F 148 -4.29 39.17 4.03
C ILE F 148 -4.64 38.60 5.40
N GLY F 149 -5.52 37.61 5.43
CA GLY F 149 -5.89 36.95 6.66
C GLY F 149 -6.04 35.44 6.53
N SER F 150 -6.23 34.75 7.65
CA SER F 150 -6.54 33.33 7.62
C SER F 150 -7.97 33.19 7.17
N TRP F 151 -8.19 32.43 6.10
CA TRP F 151 -9.55 32.22 5.58
C TRP F 151 -10.46 31.50 6.59
N THR F 152 -10.06 30.32 7.07
CA THR F 152 -10.98 29.53 7.88
C THR F 152 -10.66 29.46 9.37
N HIS F 153 -9.58 30.09 9.79
CA HIS F 153 -9.25 30.04 11.21
C HIS F 153 -9.42 31.41 11.85
N HIS F 154 -10.31 31.49 12.84
CA HIS F 154 -10.61 32.76 13.52
C HIS F 154 -9.55 33.08 14.59
N SER F 155 -9.72 34.22 15.27
CA SER F 155 -8.68 34.74 16.15
C SER F 155 -8.25 33.79 17.27
N ARG F 156 -9.15 32.94 17.73
CA ARG F 156 -8.78 32.00 18.79
C ARG F 156 -7.92 30.84 18.30
N GLU F 157 -7.76 30.72 16.98
CA GLU F 157 -7.00 29.62 16.40
C GLU F 157 -5.70 30.11 15.75
N ILE F 158 -5.79 31.22 15.02
CA ILE F 158 -4.62 31.83 14.36
C ILE F 158 -4.58 33.35 14.55
N SER F 159 -3.45 33.85 15.09
CA SER F 159 -3.17 35.28 15.12
C SER F 159 -2.30 35.60 13.92
N VAL F 160 -2.70 36.61 13.14
CA VAL F 160 -1.79 37.08 12.11
C VAL F 160 -1.25 38.44 12.55
N ASP F 161 0.06 38.57 12.49
CA ASP F 161 0.75 39.72 13.06
C ASP F 161 1.72 40.25 12.03
N PRO F 162 1.78 41.59 11.89
CA PRO F 162 2.76 42.17 10.98
C PRO F 162 4.14 41.97 11.58
N THR F 163 5.19 41.96 10.76
CA THR F 163 6.52 41.64 11.27
C THR F 163 7.23 42.88 11.81
N THR F 164 8.35 42.64 12.49
CA THR F 164 9.15 43.68 13.15
C THR F 164 9.65 44.77 12.19
N GLU F 165 10.31 44.33 11.11
CA GLU F 165 11.04 45.22 10.21
C GLU F 165 10.18 45.69 9.02
N ASN F 166 10.04 47.01 8.89
CA ASN F 166 9.28 47.64 7.80
C ASN F 166 10.16 48.43 6.81
N SER F 167 11.38 48.76 7.24
CA SER F 167 12.28 49.61 6.46
C SER F 167 12.78 48.97 5.18
N ASP F 168 12.64 47.65 5.08
CA ASP F 168 13.05 46.92 3.90
C ASP F 168 11.91 46.67 2.90
N ASP F 169 10.70 47.17 3.20
CA ASP F 169 9.52 46.90 2.36
C ASP F 169 9.72 47.20 0.88
N SER F 170 10.48 48.23 0.57
CA SER F 170 10.75 48.55 -0.84
C SER F 170 12.23 48.35 -1.19
N GLU F 171 12.96 47.67 -0.31
CA GLU F 171 14.39 47.46 -0.53
C GLU F 171 14.66 46.65 -1.79
N TYR F 172 13.80 45.67 -2.08
CA TYR F 172 14.02 44.81 -3.22
C TYR F 172 13.13 45.19 -4.39
N PHE F 173 12.60 46.40 -4.36
CA PHE F 173 11.75 46.86 -5.46
C PHE F 173 12.58 47.10 -6.73
N SER F 174 12.08 46.58 -7.84
CA SER F 174 12.74 46.71 -9.15
C SER F 174 12.93 48.18 -9.57
N GLN F 175 14.14 48.55 -9.98
CA GLN F 175 14.42 49.91 -10.46
C GLN F 175 13.84 50.12 -11.85
N TYR F 176 13.42 49.04 -12.50
CA TYR F 176 12.96 49.12 -13.88
C TYR F 176 11.44 49.23 -14.03
N SER F 177 10.74 49.12 -12.90
CA SER F 177 9.30 49.32 -12.84
C SER F 177 8.94 50.72 -13.36
N ARG F 178 7.76 50.87 -13.97
CA ARG F 178 7.30 52.19 -14.41
C ARG F 178 6.93 53.02 -13.19
N PHE F 179 6.94 52.37 -12.03
CA PHE F 179 6.43 52.98 -10.82
C PHE F 179 7.47 53.01 -9.73
N GLU F 180 7.25 53.86 -8.74
CA GLU F 180 8.12 53.88 -7.55
C GLU F 180 7.26 53.95 -6.32
N ILE F 181 7.78 53.42 -5.22
CA ILE F 181 7.06 53.30 -3.96
C ILE F 181 7.38 54.48 -3.02
N LEU F 182 6.33 55.17 -2.57
CA LEU F 182 6.47 56.35 -1.72
C LEU F 182 6.48 55.94 -0.26
N ASP F 183 5.56 55.06 0.12
CA ASP F 183 5.49 54.55 1.47
C ASP F 183 4.74 53.23 1.51
N VAL F 184 5.11 52.38 2.47
CA VAL F 184 4.38 51.16 2.78
C VAL F 184 4.19 51.09 4.29
N THR F 185 2.96 50.77 4.73
CA THR F 185 2.71 50.42 6.13
C THR F 185 2.02 49.06 6.19
N GLN F 186 2.19 48.37 7.31
CA GLN F 186 1.57 47.06 7.50
C GLN F 186 1.01 47.04 8.92
N LYS F 187 -0.32 47.10 9.02
CA LYS F 187 -1.00 47.18 10.31
C LYS F 187 -1.89 45.97 10.53
N LYS F 188 -2.10 45.61 11.79
CA LYS F 188 -2.91 44.45 12.12
C LYS F 188 -4.38 44.88 12.29
N ASN F 189 -5.29 44.06 11.79
CA ASN F 189 -6.72 44.23 12.10
C ASN F 189 -7.36 42.95 12.60
N SER F 190 -8.44 43.12 13.35
CA SER F 190 -9.25 42.00 13.83
C SER F 190 -10.69 42.35 13.50
N VAL F 191 -11.28 41.64 12.56
CA VAL F 191 -12.60 42.01 12.03
C VAL F 191 -13.68 40.95 12.28
N THR F 192 -14.83 41.40 12.78
CA THR F 192 -15.99 40.52 12.93
C THR F 192 -16.95 40.76 11.76
N TYR F 193 -17.26 39.71 11.01
CA TYR F 193 -18.21 39.81 9.89
C TYR F 193 -19.58 39.33 10.32
N SER F 194 -20.63 39.76 9.61
CA SER F 194 -21.99 39.38 9.99
C SER F 194 -22.26 37.89 9.79
N CYS F 195 -21.44 37.25 8.98
CA CYS F 195 -21.55 35.83 8.68
C CYS F 195 -21.31 34.94 9.92
N CYS F 196 -20.36 35.35 10.77
CA CYS F 196 -19.74 34.47 11.76
C CYS F 196 -19.56 35.17 13.10
N PRO F 197 -19.68 34.42 14.21
CA PRO F 197 -19.61 35.05 15.53
C PRO F 197 -18.20 35.49 15.91
N GLU F 198 -17.18 34.79 15.43
CA GLU F 198 -15.81 35.12 15.83
C GLU F 198 -15.10 36.09 14.88
N ALA F 199 -14.02 36.69 15.37
CA ALA F 199 -13.23 37.65 14.58
C ALA F 199 -12.16 36.94 13.75
N TYR F 200 -11.84 37.51 12.61
CA TYR F 200 -10.72 37.04 11.78
C TYR F 200 -9.66 38.11 11.70
N GLU F 201 -8.43 37.76 12.07
CA GLU F 201 -7.35 38.73 12.03
C GLU F 201 -6.83 38.83 10.61
N ASP F 202 -6.37 40.02 10.24
CA ASP F 202 -5.68 40.22 8.97
C ASP F 202 -4.54 41.22 9.17
N VAL F 203 -3.57 41.20 8.27
CA VAL F 203 -2.60 42.26 8.18
C VAL F 203 -3.00 43.07 6.96
N GLU F 204 -3.13 44.38 7.16
CA GLU F 204 -3.52 45.29 6.09
C GLU F 204 -2.28 46.01 5.62
N VAL F 205 -1.91 45.80 4.37
CA VAL F 205 -0.72 46.45 3.85
C VAL F 205 -1.15 47.60 2.96
N SER F 206 -0.74 48.80 3.34
CA SER F 206 -1.04 49.98 2.55
C SER F 206 0.28 50.51 2.00
N LEU F 207 0.40 50.53 0.68
CA LEU F 207 1.58 51.09 0.05
C LEU F 207 1.16 52.21 -0.89
N ASN F 208 1.79 53.37 -0.75
CA ASN F 208 1.49 54.48 -1.64
C ASN F 208 2.55 54.50 -2.72
N PHE F 209 2.11 54.30 -3.96
CA PHE F 209 3.03 54.30 -5.08
C PHE F 209 2.57 55.28 -6.15
N ARG F 210 3.45 55.60 -7.11
CA ARG F 210 3.10 56.52 -8.20
C ARG F 210 3.92 56.25 -9.46
N LYS F 211 3.40 56.70 -10.60
CA LYS F 211 4.13 56.60 -11.86
C LYS F 211 5.36 57.52 -11.80
N LYS F 212 6.46 57.09 -12.39
CA LYS F 212 7.71 57.85 -12.34
C LYS F 212 7.66 59.09 -13.21
N GLY F 213 8.38 60.13 -12.78
CA GLY F 213 8.34 61.44 -13.42
C GLY F 213 8.73 61.46 -14.88
N ASP G 1 -16.13 22.40 23.46
CA ASP G 1 -15.78 23.48 24.38
C ASP G 1 -14.94 24.55 23.68
N TYR G 2 -15.01 25.76 24.22
CA TYR G 2 -14.42 26.96 23.63
C TYR G 2 -13.04 27.15 24.26
N LYS G 3 -12.93 26.72 25.51
CA LYS G 3 -11.65 26.65 26.22
C LYS G 3 -10.70 25.68 25.54
N ASP G 4 -11.27 24.61 24.97
CA ASP G 4 -10.49 23.50 24.43
C ASP G 4 -10.27 23.53 22.92
N ASP G 5 -10.62 24.65 22.27
CA ASP G 5 -10.48 24.80 20.83
C ASP G 5 -9.04 24.57 20.35
N ASP G 6 -8.08 25.00 21.17
CA ASP G 6 -6.66 24.96 20.79
C ASP G 6 -5.88 23.71 21.27
N ASP G 7 -6.61 22.68 21.71
CA ASP G 7 -5.98 21.40 22.07
C ASP G 7 -5.60 20.65 20.79
N LYS G 8 -4.31 20.67 20.44
CA LYS G 8 -3.87 20.13 19.15
C LYS G 8 -4.25 18.67 18.93
N LEU G 9 -3.91 17.81 19.89
CA LEU G 9 -4.15 16.37 19.78
C LEU G 9 -5.64 16.08 19.57
N ASP G 10 -6.48 16.81 20.30
CA ASP G 10 -7.94 16.70 20.11
C ASP G 10 -8.32 17.05 18.66
N ARG G 11 -7.75 18.11 18.10
CA ARG G 11 -8.04 18.47 16.71
C ARG G 11 -7.60 17.36 15.75
N ALA G 12 -6.43 16.78 16.00
CA ALA G 12 -5.93 15.67 15.19
C ALA G 12 -6.84 14.47 15.29
N ASP G 13 -7.31 14.19 16.51
CA ASP G 13 -8.21 13.08 16.69
C ASP G 13 -9.56 13.32 15.99
N ILE G 14 -10.05 14.56 16.03
CA ILE G 14 -11.29 14.88 15.35
C ILE G 14 -11.11 14.69 13.84
N LEU G 15 -9.99 15.17 13.30
CA LEU G 15 -9.68 14.97 11.87
C LEU G 15 -9.63 13.48 11.49
N TYR G 16 -9.04 12.66 12.35
CA TYR G 16 -8.97 11.22 12.13
C TYR G 16 -10.37 10.63 12.10
N ASN G 17 -11.20 11.02 13.07
CA ASN G 17 -12.58 10.54 13.14
C ASN G 17 -13.40 10.90 11.91
N ILE G 18 -13.25 12.15 11.46
CA ILE G 18 -13.93 12.61 10.24
C ILE G 18 -13.48 11.79 9.02
N ARG G 19 -12.18 11.53 8.95
CA ARG G 19 -11.64 10.76 7.83
C ARG G 19 -12.05 9.29 7.80
N GLN G 20 -12.15 8.66 8.96
CA GLN G 20 -12.71 7.32 9.06
C GLN G 20 -14.17 7.28 8.63
N THR G 21 -14.94 8.30 9.00
CA THR G 21 -16.40 8.28 8.79
C THR G 21 -16.82 8.84 7.43
N SER G 22 -16.06 9.80 6.93
CA SER G 22 -16.48 10.55 5.75
C SER G 22 -16.55 9.67 4.52
N ARG G 23 -17.65 9.79 3.78
CA ARG G 23 -17.71 9.13 2.48
C ARG G 23 -17.82 10.21 1.44
N PRO G 24 -16.68 10.63 0.88
CA PRO G 24 -16.65 11.82 0.04
C PRO G 24 -17.43 11.71 -1.26
N ASP G 25 -17.76 10.49 -1.70
CA ASP G 25 -18.42 10.33 -2.99
C ASP G 25 -19.92 9.97 -2.85
N VAL G 26 -20.40 9.87 -1.61
CA VAL G 26 -21.77 9.44 -1.32
C VAL G 26 -22.57 10.55 -0.64
N ILE G 27 -23.76 10.87 -1.17
CA ILE G 27 -24.55 11.98 -0.61
C ILE G 27 -24.97 11.63 0.81
N PRO G 28 -24.86 12.59 1.74
CA PRO G 28 -25.11 12.30 3.15
C PRO G 28 -26.61 12.30 3.50
N THR G 29 -27.38 11.47 2.80
CA THR G 29 -28.82 11.37 3.03
C THR G 29 -29.16 10.73 4.37
N GLN G 30 -30.01 11.38 5.14
CA GLN G 30 -30.48 10.82 6.40
C GLN G 30 -31.80 10.17 6.04
N ARG G 31 -31.96 8.90 6.38
CA ARG G 31 -33.10 8.18 5.83
C ARG G 31 -34.39 8.85 6.29
N ASP G 32 -35.27 9.18 5.35
CA ASP G 32 -34.98 9.10 3.91
C ASP G 32 -35.31 10.43 3.24
N ARG G 33 -34.42 11.41 3.39
CA ARG G 33 -34.72 12.76 2.91
C ARG G 33 -33.55 13.29 2.09
N PRO G 34 -33.82 14.20 1.14
CA PRO G 34 -32.74 14.76 0.33
C PRO G 34 -31.76 15.53 1.22
N VAL G 35 -30.54 15.72 0.73
CA VAL G 35 -29.60 16.56 1.47
C VAL G 35 -29.98 18.00 1.26
N ALA G 36 -30.23 18.72 2.35
CA ALA G 36 -30.58 20.13 2.27
C ALA G 36 -29.33 21.00 2.23
N VAL G 37 -29.09 21.61 1.07
CA VAL G 37 -27.93 22.47 0.93
C VAL G 37 -28.37 23.94 0.87
N SER G 38 -27.82 24.75 1.77
CA SER G 38 -28.06 26.19 1.72
C SER G 38 -27.00 26.83 0.84
N VAL G 39 -27.44 27.63 -0.11
CA VAL G 39 -26.53 28.26 -1.06
C VAL G 39 -26.85 29.75 -1.15
N SER G 40 -25.94 30.59 -0.65
CA SER G 40 -26.13 32.03 -0.65
C SER G 40 -24.94 32.73 -1.28
N LEU G 41 -25.20 33.69 -2.16
CA LEU G 41 -24.12 34.47 -2.75
C LEU G 41 -24.02 35.87 -2.12
N LYS G 42 -22.79 36.27 -1.77
CA LYS G 42 -22.49 37.67 -1.44
C LYS G 42 -21.50 38.16 -2.47
N PHE G 43 -21.84 39.18 -3.24
CA PHE G 43 -20.94 39.64 -4.28
C PHE G 43 -19.75 40.45 -3.73
N ILE G 44 -18.55 40.19 -4.28
CA ILE G 44 -17.32 40.83 -3.81
C ILE G 44 -16.95 41.93 -4.79
N ASN G 45 -17.14 41.65 -6.07
CA ASN G 45 -16.67 42.55 -7.11
C ASN G 45 -17.31 42.32 -8.48
N ILE G 46 -17.34 43.37 -9.28
CA ILE G 46 -17.72 43.28 -10.68
C ILE G 46 -16.60 43.91 -11.48
N LEU G 47 -15.95 43.09 -12.31
CA LEU G 47 -14.66 43.43 -12.88
C LEU G 47 -14.72 44.01 -14.27
N GLU G 48 -15.43 43.31 -15.14
CA GLU G 48 -15.59 43.69 -16.54
C GLU G 48 -17.05 43.43 -16.87
N VAL G 49 -17.60 44.21 -17.79
CA VAL G 49 -19.01 44.14 -18.16
C VAL G 49 -19.11 44.51 -19.63
N ASN G 50 -19.66 43.62 -20.44
CA ASN G 50 -19.78 43.87 -21.87
C ASN G 50 -21.24 43.88 -22.28
N GLU G 51 -21.72 45.05 -22.72
CA GLU G 51 -23.13 45.26 -23.03
C GLU G 51 -23.47 44.70 -24.40
N ILE G 52 -22.43 44.54 -25.23
CA ILE G 52 -22.60 44.01 -26.58
C ILE G 52 -22.66 42.48 -26.60
N THR G 53 -21.79 41.81 -25.84
CA THR G 53 -21.81 40.35 -25.77
C THR G 53 -22.68 39.84 -24.64
N ASN G 54 -23.20 40.77 -23.84
CA ASN G 54 -23.97 40.39 -22.67
C ASN G 54 -23.18 39.42 -21.80
N GLU G 55 -21.99 39.84 -21.37
CA GLU G 55 -21.15 39.02 -20.52
C GLU G 55 -20.64 39.84 -19.34
N VAL G 56 -20.46 39.19 -18.20
CA VAL G 56 -19.89 39.84 -17.02
C VAL G 56 -18.82 38.96 -16.38
N ASP G 57 -17.86 39.61 -15.70
CA ASP G 57 -16.78 38.93 -14.99
C ASP G 57 -16.94 39.42 -13.55
N VAL G 58 -17.29 38.51 -12.66
CA VAL G 58 -17.60 38.88 -11.28
C VAL G 58 -16.84 38.04 -10.26
N VAL G 59 -16.79 38.52 -9.01
CA VAL G 59 -16.20 37.81 -7.90
C VAL G 59 -17.28 37.75 -6.82
N PHE G 60 -17.53 36.55 -6.30
CA PHE G 60 -18.54 36.37 -5.29
C PHE G 60 -18.10 35.38 -4.21
N TRP G 61 -18.56 35.64 -3.00
CA TRP G 61 -18.44 34.70 -1.90
C TRP G 61 -19.60 33.73 -1.99
N GLN G 62 -19.30 32.45 -2.23
CA GLN G 62 -20.35 31.44 -2.39
C GLN G 62 -20.54 30.64 -1.11
N GLN G 63 -21.48 31.07 -0.29
CA GLN G 63 -21.70 30.45 1.00
C GLN G 63 -22.55 29.20 0.87
N THR G 64 -21.97 28.05 1.21
CA THR G 64 -22.66 26.77 1.14
C THR G 64 -22.56 26.06 2.48
N THR G 65 -23.71 25.65 3.02
CA THR G 65 -23.72 24.88 4.25
C THR G 65 -24.60 23.62 4.10
N TRP G 66 -24.26 22.55 4.81
CA TRP G 66 -25.17 21.41 4.84
C TRP G 66 -24.84 20.61 6.07
N SER G 67 -25.50 19.48 6.25
CA SER G 67 -25.31 18.69 7.46
C SER G 67 -24.99 17.25 7.12
N ASP G 68 -24.08 16.65 7.89
CA ASP G 68 -23.84 15.22 7.86
C ASP G 68 -23.65 14.77 9.29
N ARG G 69 -24.75 14.36 9.93
CA ARG G 69 -24.75 13.96 11.33
C ARG G 69 -23.77 12.84 11.67
N THR G 70 -23.41 12.02 10.69
CA THR G 70 -22.43 10.95 10.96
C THR G 70 -21.07 11.54 11.37
N LEU G 71 -20.82 12.80 10.99
CA LEU G 71 -19.57 13.47 11.33
C LEU G 71 -19.54 14.08 12.74
N ALA G 72 -20.72 14.27 13.34
CA ALA G 72 -20.84 14.90 14.67
C ALA G 72 -20.02 14.22 15.78
N TRP G 73 -19.61 15.00 16.77
CA TRP G 73 -18.88 14.45 17.90
C TRP G 73 -19.21 15.20 19.19
N ASN G 74 -18.87 14.57 20.31
CA ASN G 74 -19.06 15.16 21.60
C ASN G 74 -18.02 16.24 21.88
N SER G 75 -18.40 17.52 21.83
CA SER G 75 -17.44 18.59 22.11
C SER G 75 -17.57 19.24 23.48
N SER G 76 -18.04 18.48 24.46
CA SER G 76 -18.06 18.90 25.86
C SER G 76 -16.71 19.43 26.32
N HIS G 77 -15.66 18.67 26.03
CA HIS G 77 -14.30 19.06 26.42
C HIS G 77 -13.33 18.90 25.25
N SER G 78 -13.75 19.35 24.07
CA SER G 78 -12.94 19.25 22.85
C SER G 78 -13.37 20.37 21.91
N PRO G 79 -12.57 20.64 20.85
CA PRO G 79 -12.90 21.78 19.98
C PRO G 79 -14.30 21.68 19.39
N ASP G 80 -14.92 22.84 19.11
CA ASP G 80 -16.27 22.88 18.57
C ASP G 80 -16.28 22.73 17.04
N GLN G 81 -15.13 22.96 16.42
CA GLN G 81 -15.01 23.02 14.97
C GLN G 81 -13.56 22.71 14.59
N VAL G 82 -13.34 22.22 13.36
CA VAL G 82 -11.98 22.13 12.79
C VAL G 82 -12.07 22.40 11.29
N SER G 83 -10.96 22.84 10.68
CA SER G 83 -10.90 22.97 9.23
C SER G 83 -10.46 21.63 8.64
N VAL G 84 -11.02 21.28 7.49
CA VAL G 84 -10.80 20.00 6.84
C VAL G 84 -10.68 20.27 5.35
N PRO G 85 -9.65 19.68 4.71
CA PRO G 85 -9.55 19.82 3.24
C PRO G 85 -10.82 19.27 2.59
N ILE G 86 -11.40 20.00 1.64
CA ILE G 86 -12.63 19.50 1.02
C ILE G 86 -12.46 18.16 0.31
N SER G 87 -11.23 17.81 -0.06
CA SER G 87 -10.98 16.48 -0.63
C SER G 87 -11.30 15.33 0.35
N SER G 88 -11.37 15.64 1.65
CA SER G 88 -11.70 14.62 2.63
C SER G 88 -13.21 14.53 2.86
N LEU G 89 -13.97 15.37 2.18
CA LEU G 89 -15.40 15.50 2.47
C LEU G 89 -16.24 15.40 1.23
N TRP G 90 -17.48 14.96 1.39
CA TRP G 90 -18.50 15.12 0.35
C TRP G 90 -18.82 16.61 0.22
N VAL G 91 -18.84 17.11 -1.01
CA VAL G 91 -19.25 18.47 -1.30
C VAL G 91 -20.35 18.39 -2.39
N PRO G 92 -21.39 19.24 -2.29
CA PRO G 92 -22.43 19.12 -3.34
C PRO G 92 -21.93 19.47 -4.72
N ASP G 93 -22.41 18.74 -5.72
CA ASP G 93 -21.96 18.96 -7.10
C ASP G 93 -22.68 20.15 -7.79
N LEU G 94 -22.43 21.35 -7.30
CA LEU G 94 -23.07 22.56 -7.82
C LEU G 94 -22.45 23.06 -9.12
N ALA G 95 -23.30 23.59 -9.99
CA ALA G 95 -22.82 24.20 -11.22
C ALA G 95 -23.67 25.43 -11.47
N ALA G 96 -23.05 26.48 -11.96
CA ALA G 96 -23.76 27.69 -12.37
C ALA G 96 -24.11 27.54 -13.83
N TYR G 97 -25.41 27.53 -14.13
CA TYR G 97 -25.86 27.12 -15.47
C TYR G 97 -25.36 28.03 -16.56
N ASN G 98 -25.27 29.34 -16.26
CA ASN G 98 -24.96 30.32 -17.31
C ASN G 98 -23.53 30.88 -17.23
N ALA G 99 -22.69 30.20 -16.43
CA ALA G 99 -21.28 30.54 -16.39
C ALA G 99 -20.67 30.16 -17.72
N ILE G 100 -19.75 30.99 -18.21
CA ILE G 100 -19.10 30.71 -19.48
C ILE G 100 -17.58 30.44 -19.29
N SER G 101 -17.15 30.37 -18.05
CA SER G 101 -15.78 30.01 -17.72
C SER G 101 -15.83 29.10 -16.50
N LYS G 102 -14.82 28.25 -16.31
CA LYS G 102 -14.73 27.48 -15.07
C LYS G 102 -14.62 28.39 -13.86
N PRO G 103 -15.10 27.92 -12.70
CA PRO G 103 -14.92 28.75 -11.50
C PRO G 103 -13.46 28.83 -11.08
N GLU G 104 -12.95 30.04 -10.87
CA GLU G 104 -11.60 30.23 -10.34
C GLU G 104 -11.73 30.48 -8.84
N VAL G 105 -11.45 29.44 -8.06
CA VAL G 105 -11.49 29.53 -6.61
C VAL G 105 -10.25 30.25 -6.09
N LEU G 106 -10.45 31.37 -5.42
CA LEU G 106 -9.34 32.25 -4.98
C LEU G 106 -8.83 31.92 -3.57
N THR G 107 -9.61 31.18 -2.80
CA THR G 107 -9.31 30.95 -1.39
C THR G 107 -8.90 29.49 -1.09
N PRO G 108 -8.24 29.26 0.05
CA PRO G 108 -7.88 27.87 0.42
C PRO G 108 -9.08 26.93 0.40
N GLN G 109 -8.91 25.74 -0.13
CA GLN G 109 -10.04 24.82 -0.24
C GLN G 109 -10.28 23.97 1.01
N LEU G 110 -10.66 24.66 2.08
CA LEU G 110 -10.89 24.05 3.38
C LEU G 110 -12.32 24.35 3.80
N ALA G 111 -13.00 23.35 4.36
CA ALA G 111 -14.32 23.55 4.95
C ALA G 111 -14.20 23.60 6.47
N ARG G 112 -15.20 24.16 7.14
CA ARG G 112 -15.30 23.98 8.59
C ARG G 112 -16.30 22.87 8.88
N VAL G 113 -15.91 21.94 9.73
CA VAL G 113 -16.83 20.95 10.24
C VAL G 113 -17.10 21.25 11.70
N VAL G 114 -18.39 21.37 12.02
CA VAL G 114 -18.86 21.69 13.36
C VAL G 114 -19.21 20.40 14.09
N SER G 115 -19.07 20.40 15.40
CA SER G 115 -19.32 19.20 16.20
C SER G 115 -20.76 18.69 16.12
N ASP G 116 -21.69 19.52 15.67
CA ASP G 116 -23.07 19.04 15.45
C ASP G 116 -23.24 18.32 14.09
N GLY G 117 -22.21 18.39 13.25
CA GLY G 117 -22.26 17.72 11.96
C GLY G 117 -22.55 18.69 10.84
N GLU G 118 -22.63 19.97 11.18
CA GLU G 118 -22.76 20.99 10.15
C GLU G 118 -21.43 21.16 9.39
N VAL G 119 -21.54 21.32 8.08
CA VAL G 119 -20.37 21.53 7.24
C VAL G 119 -20.50 22.84 6.50
N LEU G 120 -19.48 23.68 6.62
CA LEU G 120 -19.50 24.96 5.93
C LEU G 120 -18.34 25.07 4.93
N TYR G 121 -18.67 25.41 3.69
CA TYR G 121 -17.65 25.66 2.69
C TYR G 121 -17.96 26.99 2.00
N MET G 122 -17.11 27.99 2.18
CA MET G 122 -17.43 29.33 1.70
C MET G 122 -16.26 29.94 0.92
N PRO G 123 -16.05 29.44 -0.32
CA PRO G 123 -14.94 29.91 -1.12
C PRO G 123 -15.27 31.23 -1.80
N SER G 124 -14.23 31.98 -2.16
CA SER G 124 -14.37 33.16 -2.96
C SER G 124 -14.05 32.74 -4.38
N ILE G 125 -14.93 33.11 -5.30
CA ILE G 125 -14.84 32.60 -6.67
C ILE G 125 -14.93 33.72 -7.67
N ARG G 126 -14.00 33.74 -8.61
CA ARG G 126 -14.15 34.59 -9.78
C ARG G 126 -14.63 33.76 -10.98
N GLN G 127 -15.66 34.26 -11.67
CA GLN G 127 -16.23 33.53 -12.79
C GLN G 127 -16.93 34.47 -13.77
N ARG G 128 -16.94 34.09 -15.05
CA ARG G 128 -17.62 34.86 -16.10
C ARG G 128 -18.98 34.25 -16.44
N PHE G 129 -19.98 35.10 -16.64
CA PHE G 129 -21.35 34.65 -16.92
C PHE G 129 -21.97 35.29 -18.14
N SER G 130 -22.84 34.52 -18.78
CA SER G 130 -23.73 35.02 -19.82
C SER G 130 -25.06 35.44 -19.17
N CYS G 131 -25.31 36.69 -19.26
CA CYS G 131 -26.45 37.29 -18.56
C CYS G 131 -26.89 38.61 -19.17
N ASP G 132 -28.11 39.13 -18.78
CA ASP G 132 -28.63 40.37 -19.37
C ASP G 132 -27.95 41.61 -18.79
N VAL G 133 -27.11 42.24 -19.59
CA VAL G 133 -26.40 43.44 -19.13
C VAL G 133 -27.10 44.73 -19.55
N SER G 134 -28.17 44.61 -20.35
CA SER G 134 -28.84 45.78 -20.92
C SER G 134 -29.34 46.73 -19.83
N GLY G 135 -28.98 48.01 -19.96
CA GLY G 135 -29.39 49.01 -19.01
C GLY G 135 -28.35 49.28 -17.92
N VAL G 136 -27.11 48.83 -18.12
CA VAL G 136 -26.11 48.96 -17.06
C VAL G 136 -25.73 50.42 -16.80
N ASP G 137 -25.75 51.22 -17.86
CA ASP G 137 -25.43 52.64 -17.78
C ASP G 137 -26.66 53.51 -17.47
N THR G 138 -27.77 52.87 -17.12
CA THR G 138 -29.00 53.59 -16.77
C THR G 138 -29.15 53.67 -15.26
N GLU G 139 -30.14 54.45 -14.83
CA GLU G 139 -30.40 54.66 -13.42
C GLU G 139 -31.04 53.42 -12.79
N SER G 140 -31.88 52.73 -13.56
CA SER G 140 -32.51 51.49 -13.07
C SER G 140 -31.54 50.31 -13.07
N GLY G 141 -30.50 50.39 -13.90
CA GLY G 141 -29.43 49.42 -13.89
C GLY G 141 -29.72 48.19 -14.72
N ALA G 142 -28.74 47.31 -14.80
CA ALA G 142 -28.92 46.02 -15.46
C ALA G 142 -29.44 45.02 -14.44
N THR G 143 -29.82 43.83 -14.91
CA THR G 143 -30.17 42.77 -13.99
C THR G 143 -29.63 41.44 -14.50
N CYS G 144 -28.56 40.98 -13.87
CA CYS G 144 -27.90 39.75 -14.29
C CYS G 144 -28.35 38.61 -13.40
N ARG G 145 -28.89 37.57 -14.02
CA ARG G 145 -29.40 36.42 -13.29
C ARG G 145 -28.48 35.20 -13.43
N ILE G 146 -28.08 34.66 -12.28
CA ILE G 146 -27.22 33.47 -12.22
C ILE G 146 -27.98 32.35 -11.51
N LYS G 147 -28.03 31.20 -12.16
CA LYS G 147 -28.67 30.00 -11.61
C LYS G 147 -27.62 28.98 -11.20
N ILE G 148 -27.70 28.53 -9.94
CA ILE G 148 -26.79 27.49 -9.47
C ILE G 148 -27.61 26.35 -8.87
N GLY G 149 -27.33 25.11 -9.28
CA GLY G 149 -28.03 23.96 -8.75
C GLY G 149 -27.15 22.74 -8.79
N SER G 150 -27.63 21.64 -8.22
CA SER G 150 -26.92 20.37 -8.32
C SER G 150 -26.97 19.84 -9.76
N TRP G 151 -25.81 19.52 -10.32
CA TRP G 151 -25.74 19.03 -11.68
C TRP G 151 -26.33 17.62 -11.85
N THR G 152 -25.87 16.66 -11.03
CA THR G 152 -26.26 15.26 -11.25
C THR G 152 -27.26 14.71 -10.24
N HIS G 153 -27.59 15.52 -9.24
CA HIS G 153 -28.51 15.09 -8.19
C HIS G 153 -29.84 15.83 -8.25
N HIS G 154 -30.92 15.06 -8.46
CA HIS G 154 -32.26 15.63 -8.56
C HIS G 154 -32.84 15.91 -7.18
N SER G 155 -34.06 16.43 -7.17
CA SER G 155 -34.66 17.02 -5.97
CA SER G 155 -34.65 17.02 -5.97
C SER G 155 -34.92 16.02 -4.85
N ARG G 156 -35.03 14.75 -5.19
CA ARG G 156 -35.19 13.75 -4.13
C ARG G 156 -33.85 13.39 -3.45
N GLU G 157 -32.73 13.85 -4.02
CA GLU G 157 -31.40 13.53 -3.48
C GLU G 157 -30.76 14.76 -2.83
N ILE G 158 -30.81 15.88 -3.54
CA ILE G 158 -30.36 17.16 -3.02
C ILE G 158 -31.42 18.22 -3.21
N SER G 159 -31.76 18.94 -2.13
CA SER G 159 -32.56 20.16 -2.26
C SER G 159 -31.70 21.40 -2.02
N VAL G 160 -31.91 22.43 -2.82
CA VAL G 160 -31.11 23.64 -2.71
C VAL G 160 -31.96 24.78 -2.16
N ASP G 161 -31.53 25.34 -1.04
CA ASP G 161 -32.24 26.45 -0.41
C ASP G 161 -31.42 27.74 -0.44
N PRO G 162 -32.06 28.86 -0.83
CA PRO G 162 -31.41 30.17 -0.71
C PRO G 162 -31.58 30.63 0.73
N THR G 163 -30.64 31.38 1.30
CA THR G 163 -30.81 31.72 2.72
C THR G 163 -31.20 33.16 2.93
N ASP G 168 -29.10 42.27 -1.13
CA ASP G 168 -28.80 43.69 -1.25
C ASP G 168 -27.32 43.96 -0.95
N ASP G 169 -26.92 43.91 0.31
CA ASP G 169 -25.54 44.22 0.64
C ASP G 169 -24.65 43.20 -0.05
N SER G 170 -23.53 43.65 -0.63
CA SER G 170 -23.06 45.04 -0.52
C SER G 170 -22.41 45.31 0.83
N GLU G 171 -22.30 44.24 1.61
CA GLU G 171 -21.43 44.20 2.79
C GLU G 171 -19.96 43.86 2.50
N TYR G 172 -19.73 43.03 1.49
CA TYR G 172 -18.37 42.63 1.15
C TYR G 172 -18.03 43.09 -0.24
N PHE G 173 -18.83 44.02 -0.75
CA PHE G 173 -18.63 44.52 -2.09
C PHE G 173 -17.56 45.62 -2.09
N SER G 174 -16.59 45.51 -2.98
CA SER G 174 -15.47 46.44 -3.04
C SER G 174 -15.94 47.83 -3.44
N GLN G 175 -15.39 48.84 -2.77
CA GLN G 175 -15.78 50.21 -3.06
C GLN G 175 -15.05 50.73 -4.29
N TYR G 176 -14.06 49.99 -4.75
CA TYR G 176 -13.24 50.44 -5.87
C TYR G 176 -13.71 49.91 -7.21
N SER G 177 -14.81 49.17 -7.20
CA SER G 177 -15.43 48.70 -8.44
C SER G 177 -16.07 49.85 -9.22
N ARG G 178 -15.99 49.78 -10.55
CA ARG G 178 -16.71 50.71 -11.43
C ARG G 178 -18.22 50.67 -11.21
N PHE G 179 -18.70 49.64 -10.53
CA PHE G 179 -20.15 49.42 -10.46
C PHE G 179 -20.63 49.44 -9.02
N GLU G 180 -21.94 49.48 -8.86
CA GLU G 180 -22.57 49.47 -7.55
C GLU G 180 -23.79 48.58 -7.60
N ILE G 181 -24.08 47.94 -6.48
CA ILE G 181 -25.21 47.04 -6.37
C ILE G 181 -26.44 47.78 -5.86
N LEU G 182 -27.55 47.66 -6.59
CA LEU G 182 -28.82 48.25 -6.16
C LEU G 182 -29.59 47.25 -5.33
N ASP G 183 -29.59 45.99 -5.77
CA ASP G 183 -30.30 44.94 -5.05
C ASP G 183 -29.86 43.55 -5.47
N VAL G 184 -29.97 42.61 -4.54
CA VAL G 184 -29.74 41.21 -4.83
C VAL G 184 -30.91 40.44 -4.26
N THR G 185 -31.60 39.68 -5.10
CA THR G 185 -32.66 38.77 -4.66
C THR G 185 -32.25 37.33 -4.99
N GLN G 186 -32.56 36.39 -4.10
CA GLN G 186 -32.21 34.99 -4.30
C GLN G 186 -33.48 34.18 -4.25
N LYS G 187 -33.76 33.48 -5.33
CA LYS G 187 -35.03 32.77 -5.52
C LYS G 187 -34.79 31.29 -5.77
N LYS G 188 -35.65 30.44 -5.21
CA LYS G 188 -35.56 29.00 -5.41
C LYS G 188 -36.41 28.55 -6.61
N ASN G 189 -35.86 27.65 -7.43
CA ASN G 189 -36.63 27.03 -8.51
C ASN G 189 -36.50 25.51 -8.43
N SER G 190 -37.47 24.81 -9.02
CA SER G 190 -37.41 23.36 -9.17
C SER G 190 -37.88 23.03 -10.58
N VAL G 191 -36.96 22.59 -11.43
CA VAL G 191 -37.20 22.54 -12.86
C VAL G 191 -37.02 21.13 -13.39
N THR G 192 -37.91 20.70 -14.27
CA THR G 192 -37.74 19.42 -14.93
C THR G 192 -37.24 19.68 -16.35
N TYR G 193 -36.18 18.98 -16.76
CA TYR G 193 -35.64 19.14 -18.10
C TYR G 193 -36.00 17.95 -19.00
N SER G 194 -36.03 18.19 -20.31
CA SER G 194 -36.50 17.19 -21.27
C SER G 194 -35.81 15.83 -21.15
N CYS G 195 -34.52 15.84 -20.80
CA CYS G 195 -33.70 14.61 -20.75
C CYS G 195 -34.14 13.56 -19.73
N CYS G 196 -34.69 14.01 -18.61
CA CYS G 196 -34.75 13.23 -17.37
C CYS G 196 -36.10 13.38 -16.65
N PRO G 197 -36.50 12.37 -15.86
CA PRO G 197 -37.83 12.34 -15.24
C PRO G 197 -37.98 13.22 -14.01
N GLU G 198 -36.88 13.47 -13.29
CA GLU G 198 -36.96 14.22 -12.05
C GLU G 198 -36.66 15.72 -12.22
N ALA G 199 -37.09 16.50 -11.24
CA ALA G 199 -36.81 17.93 -11.23
C ALA G 199 -35.47 18.20 -10.53
N TYR G 200 -34.76 19.22 -11.00
CA TYR G 200 -33.52 19.66 -10.35
C TYR G 200 -33.74 21.01 -9.69
N GLU G 201 -33.30 21.13 -8.45
CA GLU G 201 -33.47 22.39 -7.74
C GLU G 201 -32.31 23.33 -8.03
N ASP G 202 -32.61 24.62 -8.16
CA ASP G 202 -31.58 25.63 -8.33
C ASP G 202 -31.91 26.90 -7.56
N VAL G 203 -30.86 27.62 -7.18
CA VAL G 203 -31.00 28.96 -6.62
C VAL G 203 -30.75 29.92 -7.76
N GLU G 204 -31.67 30.85 -7.98
CA GLU G 204 -31.49 31.91 -8.97
C GLU G 204 -31.16 33.24 -8.29
N VAL G 205 -30.00 33.77 -8.60
CA VAL G 205 -29.54 34.99 -7.95
C VAL G 205 -29.69 36.14 -8.91
N SER G 206 -30.48 37.14 -8.51
CA SER G 206 -30.75 38.28 -9.39
C SER G 206 -29.95 39.47 -8.94
N LEU G 207 -28.97 39.85 -9.75
CA LEU G 207 -28.07 40.95 -9.39
C LEU G 207 -28.47 42.21 -10.15
N ASN G 208 -29.07 43.15 -9.43
CA ASN G 208 -29.45 44.43 -10.03
C ASN G 208 -28.34 45.45 -9.75
N PHE G 209 -27.63 45.86 -10.80
CA PHE G 209 -26.44 46.71 -10.67
C PHE G 209 -26.33 47.75 -11.79
N ARG G 210 -25.59 48.84 -11.51
CA ARG G 210 -25.34 49.86 -12.54
C ARG G 210 -23.95 50.49 -12.45
N LYS G 211 -23.55 51.14 -13.53
CA LYS G 211 -22.32 51.91 -13.56
C LYS G 211 -22.43 53.06 -12.58
N LYS G 212 -21.39 53.27 -11.78
CA LYS G 212 -21.33 54.43 -10.90
C LYS G 212 -21.34 55.72 -11.72
N GLY G 213 -22.19 56.66 -11.32
CA GLY G 213 -22.31 57.93 -12.00
C GLY G 213 -21.40 58.99 -11.40
N ASP H 1 -35.59 0.90 -6.42
CA ASP H 1 -36.95 1.43 -6.46
C ASP H 1 -37.04 2.85 -5.90
N TYR H 2 -38.08 3.57 -6.34
CA TYR H 2 -38.37 4.96 -5.96
C TYR H 2 -38.17 5.29 -4.47
N LYS H 3 -38.62 4.39 -3.60
CA LYS H 3 -38.63 4.63 -2.15
C LYS H 3 -37.24 4.60 -1.50
N ASP H 4 -36.37 3.74 -2.03
CA ASP H 4 -35.09 3.46 -1.38
C ASP H 4 -33.93 4.29 -1.91
N ASP H 5 -34.24 5.28 -2.73
CA ASP H 5 -33.22 6.15 -3.32
C ASP H 5 -32.25 6.75 -2.31
N ASP H 6 -32.79 7.32 -1.24
CA ASP H 6 -31.96 8.02 -0.26
C ASP H 6 -31.40 7.16 0.88
N ASP H 7 -31.39 5.85 0.71
CA ASP H 7 -30.71 5.01 1.72
C ASP H 7 -29.20 5.07 1.50
N LYS H 8 -28.49 5.78 2.38
CA LYS H 8 -27.09 6.10 2.15
C LYS H 8 -26.21 4.85 2.08
N LEU H 9 -26.43 3.93 3.01
CA LEU H 9 -25.68 2.68 3.06
C LEU H 9 -25.73 1.96 1.73
N ASP H 10 -26.95 1.85 1.19
CA ASP H 10 -27.18 1.22 -0.10
C ASP H 10 -26.40 1.94 -1.18
N ARG H 11 -26.45 3.28 -1.17
CA ARG H 11 -25.74 4.06 -2.17
C ARG H 11 -24.24 3.75 -2.05
N ALA H 12 -23.72 3.78 -0.82
CA ALA H 12 -22.33 3.41 -0.55
C ALA H 12 -22.00 2.01 -1.07
N ASP H 13 -22.90 1.06 -0.84
CA ASP H 13 -22.64 -0.30 -1.29
C ASP H 13 -22.66 -0.39 -2.81
N ILE H 14 -23.55 0.36 -3.44
CA ILE H 14 -23.62 0.37 -4.90
C ILE H 14 -22.31 0.93 -5.47
N LEU H 15 -21.83 2.03 -4.92
CA LEU H 15 -20.54 2.61 -5.31
C LEU H 15 -19.39 1.61 -5.16
N TYR H 16 -19.36 0.90 -4.04
CA TYR H 16 -18.37 -0.15 -3.85
C TYR H 16 -18.49 -1.26 -4.93
N ASN H 17 -19.71 -1.68 -5.22
CA ASN H 17 -19.92 -2.70 -6.26
C ASN H 17 -19.43 -2.20 -7.61
N ILE H 18 -19.85 -0.99 -7.99
CA ILE H 18 -19.43 -0.43 -9.27
C ILE H 18 -17.90 -0.39 -9.32
N ARG H 19 -17.26 0.01 -8.23
CA ARG H 19 -15.80 0.11 -8.21
C ARG H 19 -15.08 -1.24 -8.19
N GLN H 20 -15.71 -2.29 -7.66
CA GLN H 20 -15.10 -3.61 -7.78
C GLN H 20 -15.18 -4.15 -9.22
N THR H 21 -16.27 -3.86 -9.92
CA THR H 21 -16.53 -4.46 -11.23
C THR H 21 -15.98 -3.61 -12.38
N SER H 22 -15.87 -2.30 -12.16
CA SER H 22 -15.53 -1.38 -13.26
C SER H 22 -14.10 -1.59 -13.72
N ARG H 23 -13.90 -1.64 -15.04
CA ARG H 23 -12.55 -1.54 -15.60
C ARG H 23 -12.43 -0.23 -16.38
N PRO H 24 -11.90 0.80 -15.73
CA PRO H 24 -11.94 2.12 -16.37
C PRO H 24 -11.19 2.22 -17.70
N ASP H 25 -10.32 1.26 -17.98
CA ASP H 25 -9.45 1.35 -19.15
C ASP H 25 -9.77 0.30 -20.23
N VAL H 26 -10.86 -0.43 -20.08
CA VAL H 26 -11.23 -1.48 -21.03
C VAL H 26 -12.59 -1.19 -21.61
N ILE H 27 -12.71 -1.24 -22.94
CA ILE H 27 -14.00 -0.93 -23.54
C ILE H 27 -15.02 -1.94 -23.05
N PRO H 28 -16.22 -1.49 -22.68
CA PRO H 28 -17.13 -2.49 -22.13
C PRO H 28 -17.93 -3.21 -23.22
N THR H 29 -17.24 -3.88 -24.15
CA THR H 29 -17.93 -4.62 -25.22
C THR H 29 -18.75 -5.74 -24.60
N GLN H 30 -19.95 -5.93 -25.11
CA GLN H 30 -20.88 -6.93 -24.59
C GLN H 30 -21.26 -7.80 -25.74
N ARG H 31 -21.23 -9.13 -25.55
CA ARG H 31 -21.62 -10.05 -26.60
C ARG H 31 -20.73 -9.93 -27.82
N ASP H 32 -19.47 -9.58 -27.61
CA ASP H 32 -18.49 -9.47 -28.69
C ASP H 32 -19.04 -8.59 -29.83
N ARG H 33 -19.65 -7.46 -29.45
CA ARG H 33 -20.11 -6.44 -30.38
C ARG H 33 -19.58 -5.08 -29.93
N PRO H 34 -19.48 -4.12 -30.86
CA PRO H 34 -18.95 -2.79 -30.48
C PRO H 34 -19.78 -2.13 -29.37
N VAL H 35 -19.14 -1.27 -28.58
CA VAL H 35 -19.85 -0.44 -27.61
C VAL H 35 -20.66 0.61 -28.36
N ALA H 36 -21.96 0.66 -28.09
CA ALA H 36 -22.82 1.64 -28.75
C ALA H 36 -22.84 2.90 -27.89
N VAL H 37 -22.23 3.97 -28.39
CA VAL H 37 -22.21 5.24 -27.66
C VAL H 37 -23.14 6.25 -28.33
N SER H 38 -24.08 6.78 -27.57
CA SER H 38 -24.96 7.80 -28.12
C SER H 38 -24.34 9.16 -27.78
N VAL H 39 -24.30 10.08 -28.76
CA VAL H 39 -23.73 11.40 -28.55
C VAL H 39 -24.67 12.45 -29.11
N SER H 40 -25.01 13.45 -28.30
CA SER H 40 -25.88 14.53 -28.72
C SER H 40 -25.43 15.86 -28.12
N LEU H 41 -25.36 16.89 -28.95
CA LEU H 41 -24.94 18.22 -28.49
C LEU H 41 -26.12 19.19 -28.31
N LYS H 42 -26.35 19.63 -27.08
CA LYS H 42 -27.34 20.67 -26.83
C LYS H 42 -26.61 22.00 -26.66
N PHE H 43 -26.74 22.88 -27.66
CA PHE H 43 -26.03 24.16 -27.63
C PHE H 43 -26.56 25.14 -26.60
N ILE H 44 -25.63 25.76 -25.87
CA ILE H 44 -25.95 26.70 -24.79
C ILE H 44 -25.64 28.14 -25.21
N ASN H 45 -24.54 28.32 -25.93
CA ASN H 45 -24.04 29.64 -26.30
C ASN H 45 -23.02 29.59 -27.43
N ILE H 46 -22.92 30.70 -28.15
CA ILE H 46 -21.91 30.92 -29.19
C ILE H 46 -21.32 32.27 -28.81
N LEU H 47 -20.04 32.30 -28.44
CA LEU H 47 -19.47 33.48 -27.78
C LEU H 47 -18.57 34.42 -28.58
N GLU H 48 -17.60 33.86 -29.30
CA GLU H 48 -16.56 34.65 -29.95
C GLU H 48 -16.35 34.26 -31.40
N VAL H 49 -17.17 34.81 -32.29
CA VAL H 49 -17.12 34.39 -33.69
C VAL H 49 -16.10 35.23 -34.48
N ASN H 50 -15.33 34.57 -35.36
CA ASN H 50 -14.37 35.26 -36.22
C ASN H 50 -14.57 34.82 -37.66
N GLU H 51 -15.20 35.67 -38.46
CA GLU H 51 -15.51 35.36 -39.85
C GLU H 51 -14.26 35.43 -40.73
N ILE H 52 -13.23 36.13 -40.25
CA ILE H 52 -11.98 36.23 -40.98
C ILE H 52 -11.16 34.95 -40.84
N THR H 53 -11.00 34.48 -39.61
CA THR H 53 -10.18 33.29 -39.34
C THR H 53 -10.99 31.99 -39.36
N ASN H 54 -12.32 32.09 -39.49
CA ASN H 54 -13.21 30.92 -39.47
C ASN H 54 -13.02 30.13 -38.19
N GLU H 55 -13.28 30.77 -37.06
CA GLU H 55 -13.16 30.16 -35.75
C GLU H 55 -14.33 30.64 -34.89
N VAL H 56 -14.83 29.77 -34.02
CA VAL H 56 -15.93 30.10 -33.13
C VAL H 56 -15.71 29.51 -31.75
N ASP H 57 -16.21 30.19 -30.72
CA ASP H 57 -16.31 29.62 -29.39
C ASP H 57 -17.75 29.23 -29.10
N VAL H 58 -17.96 27.96 -28.74
CA VAL H 58 -19.28 27.49 -28.39
C VAL H 58 -19.34 26.78 -27.03
N VAL H 59 -20.43 27.02 -26.32
CA VAL H 59 -20.70 26.32 -25.08
C VAL H 59 -21.82 25.35 -25.41
N PHE H 60 -21.59 24.07 -25.12
CA PHE H 60 -22.57 23.04 -25.47
C PHE H 60 -22.69 22.00 -24.37
N TRP H 61 -23.89 21.45 -24.22
CA TRP H 61 -24.13 20.37 -23.28
C TRP H 61 -23.91 19.08 -24.06
N GLN H 62 -22.80 18.40 -23.82
CA GLN H 62 -22.50 17.17 -24.54
C GLN H 62 -23.13 15.95 -23.86
N GLN H 63 -24.18 15.40 -24.48
CA GLN H 63 -24.90 14.28 -23.88
C GLN H 63 -24.35 12.97 -24.42
N THR H 64 -23.76 12.17 -23.54
CA THR H 64 -23.13 10.92 -23.96
C THR H 64 -23.68 9.82 -23.05
N THR H 65 -24.16 8.74 -23.67
CA THR H 65 -24.72 7.60 -22.93
C THR H 65 -24.26 6.30 -23.57
N TRP H 66 -24.11 5.27 -22.75
CA TRP H 66 -23.76 3.95 -23.25
C TRP H 66 -24.18 2.97 -22.16
N SER H 67 -23.94 1.68 -22.36
CA SER H 67 -24.31 0.72 -21.34
C SER H 67 -23.15 -0.21 -20.97
N ASP H 68 -23.11 -0.60 -19.70
CA ASP H 68 -22.15 -1.61 -19.26
C ASP H 68 -22.91 -2.51 -18.33
N ARG H 69 -23.54 -3.56 -18.87
CA ARG H 69 -24.42 -4.39 -18.06
C ARG H 69 -23.68 -5.14 -16.95
N THR H 70 -22.35 -5.19 -16.99
CA THR H 70 -21.64 -5.79 -15.85
C THR H 70 -21.80 -4.92 -14.59
N LEU H 71 -22.18 -3.66 -14.77
CA LEU H 71 -22.38 -2.76 -13.63
C LEU H 71 -23.81 -2.86 -13.09
N ALA H 72 -24.68 -3.61 -13.77
CA ALA H 72 -26.08 -3.67 -13.38
C ALA H 72 -26.24 -4.24 -11.97
N TRP H 73 -27.34 -3.92 -11.31
CA TRP H 73 -27.66 -4.55 -10.04
C TRP H 73 -29.18 -4.64 -9.88
N ASN H 74 -29.63 -5.48 -8.95
CA ASN H 74 -31.06 -5.59 -8.69
C ASN H 74 -31.46 -4.44 -7.76
N SER H 75 -32.28 -3.54 -8.26
CA SER H 75 -32.75 -2.38 -7.45
C SER H 75 -34.23 -2.45 -6.98
N SER H 76 -34.74 -3.67 -6.81
CA SER H 76 -36.08 -3.85 -6.26
C SER H 76 -36.25 -3.14 -4.92
N HIS H 77 -35.21 -3.16 -4.09
CA HIS H 77 -35.28 -2.51 -2.79
C HIS H 77 -34.04 -1.71 -2.48
N SER H 78 -33.42 -1.13 -3.51
CA SER H 78 -32.24 -0.29 -3.35
C SER H 78 -32.29 0.85 -4.38
N PRO H 79 -31.39 1.85 -4.27
CA PRO H 79 -31.45 2.94 -5.24
C PRO H 79 -31.33 2.45 -6.70
N ASP H 80 -32.08 3.10 -7.59
CA ASP H 80 -32.05 2.84 -9.04
C ASP H 80 -30.84 3.42 -9.75
N GLN H 81 -30.25 4.45 -9.16
CA GLN H 81 -29.18 5.23 -9.78
C GLN H 81 -28.25 5.83 -8.71
N VAL H 82 -26.96 5.98 -9.03
CA VAL H 82 -26.02 6.77 -8.21
C VAL H 82 -25.14 7.69 -9.08
N SER H 83 -24.58 8.73 -8.49
CA SER H 83 -23.61 9.55 -9.20
C SER H 83 -22.22 9.00 -8.90
N VAL H 84 -21.35 8.94 -9.91
CA VAL H 84 -20.04 8.31 -9.76
C VAL H 84 -18.98 9.17 -10.42
N PRO H 85 -17.84 9.41 -9.76
CA PRO H 85 -16.75 10.14 -10.42
C PRO H 85 -16.29 9.42 -11.68
N ILE H 86 -16.03 10.17 -12.75
CA ILE H 86 -15.71 9.54 -14.04
C ILE H 86 -14.37 8.85 -14.04
N SER H 87 -13.49 9.24 -13.12
CA SER H 87 -12.21 8.54 -12.95
C SER H 87 -12.42 7.09 -12.53
N SER H 88 -13.58 6.82 -11.92
CA SER H 88 -13.90 5.46 -11.49
C SER H 88 -14.50 4.60 -12.61
N LEU H 89 -14.81 5.21 -13.74
CA LEU H 89 -15.53 4.52 -14.82
C LEU H 89 -14.78 4.60 -16.14
N TRP H 90 -15.05 3.65 -17.02
CA TRP H 90 -14.65 3.81 -18.41
C TRP H 90 -15.52 4.89 -19.04
N VAL H 91 -14.90 5.69 -19.89
CA VAL H 91 -15.55 6.75 -20.64
C VAL H 91 -15.03 6.67 -22.09
N PRO H 92 -15.91 6.85 -23.07
CA PRO H 92 -15.43 6.74 -24.45
C PRO H 92 -14.40 7.83 -24.80
N ASP H 93 -13.38 7.46 -25.57
CA ASP H 93 -12.29 8.37 -25.88
C ASP H 93 -12.65 9.28 -27.06
N LEU H 94 -13.70 10.06 -26.87
CA LEU H 94 -14.22 10.95 -27.90
C LEU H 94 -13.31 12.15 -28.13
N ALA H 95 -13.14 12.52 -29.39
CA ALA H 95 -12.43 13.76 -29.74
C ALA H 95 -13.23 14.52 -30.79
N ALA H 96 -13.19 15.85 -30.71
CA ALA H 96 -13.79 16.71 -31.71
C ALA H 96 -12.70 17.09 -32.70
N TYR H 97 -12.77 16.51 -33.88
CA TYR H 97 -11.72 16.57 -34.90
C TYR H 97 -11.25 17.99 -35.24
N ASN H 98 -12.21 18.91 -35.37
CA ASN H 98 -11.92 20.28 -35.79
C ASN H 98 -11.87 21.24 -34.62
N ALA H 99 -11.83 20.69 -33.40
CA ALA H 99 -11.59 21.54 -32.22
C ALA H 99 -10.16 22.05 -32.24
N ILE H 100 -9.98 23.30 -31.84
CA ILE H 100 -8.65 23.91 -31.85
C ILE H 100 -8.18 24.35 -30.46
N SER H 101 -8.98 24.07 -29.45
CA SER H 101 -8.52 24.16 -28.06
C SER H 101 -8.92 22.88 -27.32
N LYS H 102 -8.33 22.64 -26.15
CA LYS H 102 -8.77 21.52 -25.33
C LYS H 102 -10.15 21.82 -24.77
N PRO H 103 -10.95 20.79 -24.49
CA PRO H 103 -12.26 21.22 -24.00
C PRO H 103 -12.21 21.79 -22.59
N GLU H 104 -12.99 22.83 -22.34
CA GLU H 104 -13.07 23.40 -20.99
C GLU H 104 -14.35 22.87 -20.33
N VAL H 105 -14.20 21.89 -19.44
CA VAL H 105 -15.35 21.27 -18.78
C VAL H 105 -15.86 22.18 -17.67
N LEU H 106 -17.11 22.64 -17.79
CA LEU H 106 -17.65 23.64 -16.88
C LEU H 106 -18.38 23.02 -15.69
N THR H 107 -18.62 21.72 -15.74
CA THR H 107 -19.47 21.07 -14.73
C THR H 107 -18.72 19.97 -13.99
N PRO H 108 -19.24 19.58 -12.82
CA PRO H 108 -18.58 18.55 -12.01
C PRO H 108 -18.48 17.24 -12.79
N GLN H 109 -17.33 16.61 -12.70
CA GLN H 109 -17.08 15.42 -13.49
C GLN H 109 -17.67 14.13 -12.91
N LEU H 110 -18.98 14.11 -12.82
CA LEU H 110 -19.72 12.96 -12.28
C LEU H 110 -20.62 12.41 -13.35
N ALA H 111 -20.66 11.09 -13.43
CA ALA H 111 -21.58 10.38 -14.33
C ALA H 111 -22.71 9.77 -13.50
N ARG H 112 -23.86 9.49 -14.12
CA ARG H 112 -24.91 8.69 -13.47
C ARG H 112 -24.82 7.25 -13.94
N VAL H 113 -24.87 6.30 -13.00
CA VAL H 113 -24.95 4.88 -13.36
C VAL H 113 -26.30 4.39 -12.88
N VAL H 114 -27.07 3.77 -13.79
CA VAL H 114 -28.44 3.30 -13.52
C VAL H 114 -28.39 1.79 -13.27
N SER H 115 -29.32 1.25 -12.47
CA SER H 115 -29.25 -0.17 -12.10
C SER H 115 -29.34 -1.16 -13.28
N ASP H 116 -29.83 -0.71 -14.44
CA ASP H 116 -29.85 -1.56 -15.62
C ASP H 116 -28.50 -1.57 -16.37
N GLY H 117 -27.51 -0.84 -15.85
CA GLY H 117 -26.22 -0.82 -16.48
C GLY H 117 -26.00 0.39 -17.37
N GLU H 118 -27.01 1.25 -17.47
CA GLU H 118 -26.81 2.47 -18.25
C GLU H 118 -25.87 3.47 -17.56
N VAL H 119 -24.95 4.05 -18.34
CA VAL H 119 -24.08 5.12 -17.87
C VAL H 119 -24.36 6.40 -18.64
N LEU H 120 -24.59 7.50 -17.91
CA LEU H 120 -24.82 8.79 -18.54
C LEU H 120 -23.76 9.78 -18.06
N TYR H 121 -23.03 10.36 -19.01
CA TYR H 121 -22.09 11.43 -18.68
C TYR H 121 -22.41 12.63 -19.56
N MET H 122 -22.91 13.70 -18.94
CA MET H 122 -23.43 14.84 -19.67
C MET H 122 -22.84 16.18 -19.17
N PRO H 123 -21.59 16.46 -19.55
CA PRO H 123 -20.95 17.70 -19.08
C PRO H 123 -21.32 18.89 -19.94
N SER H 124 -21.22 20.08 -19.36
CA SER H 124 -21.26 21.29 -20.15
C SER H 124 -19.83 21.68 -20.51
N ILE H 125 -19.61 22.00 -21.77
CA ILE H 125 -18.28 22.21 -22.28
C ILE H 125 -18.20 23.50 -23.07
N ARG H 126 -17.15 24.28 -22.81
CA ARG H 126 -16.77 25.38 -23.69
C ARG H 126 -15.53 24.98 -24.50
N GLN H 127 -15.57 25.21 -25.80
CA GLN H 127 -14.46 24.79 -26.66
C GLN H 127 -14.43 25.65 -27.92
N ARG H 128 -13.24 25.77 -28.51
CA ARG H 128 -13.09 26.55 -29.73
C ARG H 128 -12.93 25.64 -30.92
N PHE H 129 -13.56 26.01 -32.06
CA PHE H 129 -13.55 25.19 -33.27
C PHE H 129 -13.15 25.94 -34.53
N SER H 130 -12.56 25.20 -35.46
CA SER H 130 -12.29 25.67 -36.80
C SER H 130 -13.43 25.21 -37.72
N CYS H 131 -14.23 26.16 -38.21
CA CYS H 131 -15.44 25.83 -38.98
C CYS H 131 -15.90 26.96 -39.92
N ASP H 132 -16.76 26.64 -40.88
CA ASP H 132 -17.26 27.66 -41.82
C ASP H 132 -18.13 28.73 -41.17
N VAL H 133 -17.57 29.91 -40.98
CA VAL H 133 -18.29 31.03 -40.38
C VAL H 133 -18.88 31.96 -41.45
N SER H 134 -18.58 31.71 -42.71
CA SER H 134 -19.06 32.57 -43.78
C SER H 134 -20.59 32.61 -43.80
N GLY H 135 -21.15 33.82 -43.84
CA GLY H 135 -22.58 33.99 -43.94
C GLY H 135 -23.25 34.34 -42.62
N VAL H 136 -22.45 34.42 -41.56
CA VAL H 136 -23.00 34.63 -40.22
C VAL H 136 -23.83 35.91 -40.09
N ASP H 137 -23.53 36.88 -40.95
CA ASP H 137 -24.24 38.16 -40.96
C ASP H 137 -25.37 38.24 -42.00
N THR H 138 -25.82 37.10 -42.50
CA THR H 138 -26.87 37.03 -43.52
C THR H 138 -28.11 36.29 -43.00
N GLU H 139 -29.22 36.37 -43.73
CA GLU H 139 -30.46 35.70 -43.32
C GLU H 139 -30.30 34.18 -43.33
N SER H 140 -29.49 33.68 -44.26
CA SER H 140 -29.27 32.24 -44.34
C SER H 140 -28.31 31.75 -43.25
N GLY H 141 -27.52 32.68 -42.71
CA GLY H 141 -26.59 32.38 -41.62
C GLY H 141 -25.38 31.59 -42.03
N ALA H 142 -24.57 31.19 -41.05
CA ALA H 142 -23.42 30.32 -41.29
C ALA H 142 -23.77 28.89 -40.92
N THR H 143 -23.04 27.92 -41.48
CA THR H 143 -23.20 26.53 -41.07
C THR H 143 -21.87 25.93 -40.64
N CYS H 144 -21.70 25.78 -39.34
CA CYS H 144 -20.45 25.23 -38.81
C CYS H 144 -20.67 23.79 -38.40
N ARG H 145 -19.84 22.91 -38.94
CA ARG H 145 -19.96 21.48 -38.68
C ARG H 145 -18.89 20.96 -37.71
N ILE H 146 -19.37 20.40 -36.59
CA ILE H 146 -18.49 19.81 -35.59
C ILE H 146 -18.50 18.29 -35.72
N LYS H 147 -17.32 17.70 -35.82
CA LYS H 147 -17.20 16.24 -35.97
C LYS H 147 -16.62 15.64 -34.68
N ILE H 148 -17.34 14.68 -34.10
CA ILE H 148 -16.87 13.98 -32.90
C ILE H 148 -16.92 12.47 -33.10
N GLY H 149 -15.82 11.80 -32.79
CA GLY H 149 -15.73 10.34 -32.87
C GLY H 149 -14.71 9.79 -31.90
N SER H 150 -14.72 8.47 -31.70
CA SER H 150 -13.70 7.84 -30.86
C SER H 150 -12.33 8.04 -31.50
N TRP H 151 -11.34 8.43 -30.69
CA TRP H 151 -10.02 8.66 -31.26
C TRP H 151 -9.28 7.37 -31.62
N THR H 152 -9.21 6.40 -30.71
CA THR H 152 -8.38 5.23 -30.95
C THR H 152 -9.16 3.92 -31.15
N HIS H 153 -10.47 3.98 -31.05
CA HIS H 153 -11.29 2.78 -31.24
C HIS H 153 -12.08 2.84 -32.54
N HIS H 154 -11.67 2.04 -33.51
CA HIS H 154 -12.39 1.96 -34.77
C HIS H 154 -13.79 1.32 -34.63
N SER H 155 -14.50 1.23 -35.75
CA SER H 155 -15.93 0.93 -35.72
C SER H 155 -16.33 -0.47 -35.25
N ARG H 156 -15.42 -1.43 -35.29
CA ARG H 156 -15.68 -2.75 -34.73
C ARG H 156 -15.57 -2.76 -33.18
N GLU H 157 -15.05 -1.67 -32.62
CA GLU H 157 -14.87 -1.51 -31.17
C GLU H 157 -15.90 -0.53 -30.58
N ILE H 158 -16.07 0.61 -31.23
CA ILE H 158 -17.03 1.60 -30.76
C ILE H 158 -17.88 2.16 -31.90
N SER H 159 -19.19 2.15 -31.70
CA SER H 159 -20.09 2.79 -32.65
C SER H 159 -20.67 4.04 -31.99
N VAL H 160 -20.77 5.11 -32.75
CA VAL H 160 -21.38 6.34 -32.26
C VAL H 160 -22.66 6.63 -33.00
N ASP H 161 -23.73 6.87 -32.25
CA ASP H 161 -25.01 7.16 -32.88
C ASP H 161 -25.57 8.49 -32.39
N PRO H 162 -26.14 9.27 -33.31
CA PRO H 162 -26.78 10.54 -32.95
C PRO H 162 -28.16 10.25 -32.36
N THR H 163 -28.78 11.23 -31.72
CA THR H 163 -30.10 11.04 -31.12
C THR H 163 -30.89 12.36 -31.03
N SER H 167 -34.77 15.45 -28.97
CA SER H 167 -33.97 15.73 -30.16
C SER H 167 -34.03 17.21 -30.52
N ASP H 168 -34.41 18.03 -29.53
CA ASP H 168 -34.43 19.49 -29.67
C ASP H 168 -33.07 19.99 -29.18
N ASP H 169 -32.17 20.24 -30.12
CA ASP H 169 -30.77 20.54 -29.81
C ASP H 169 -30.53 22.02 -29.52
N SER H 170 -31.54 22.86 -29.73
CA SER H 170 -31.38 24.29 -29.52
C SER H 170 -32.20 24.80 -28.33
N GLU H 171 -32.80 23.86 -27.61
CA GLU H 171 -33.72 24.19 -26.53
C GLU H 171 -33.10 25.02 -25.40
N TYR H 172 -31.81 24.84 -25.16
CA TYR H 172 -31.19 25.53 -24.03
C TYR H 172 -30.27 26.65 -24.48
N PHE H 173 -30.43 27.08 -25.73
CA PHE H 173 -29.59 28.15 -26.23
C PHE H 173 -29.91 29.44 -25.52
N SER H 174 -28.86 30.11 -25.04
CA SER H 174 -29.00 31.38 -24.32
C SER H 174 -29.65 32.50 -25.17
N GLN H 175 -30.66 33.13 -24.60
CA GLN H 175 -31.36 34.22 -25.28
C GLN H 175 -30.47 35.47 -25.29
N TYR H 176 -29.43 35.47 -24.46
CA TYR H 176 -28.54 36.63 -24.34
C TYR H 176 -27.33 36.54 -25.24
N SER H 177 -27.20 35.44 -25.96
CA SER H 177 -26.19 35.37 -27.00
C SER H 177 -26.47 36.45 -28.04
N ARG H 178 -25.40 36.97 -28.63
CA ARG H 178 -25.48 37.89 -29.76
C ARG H 178 -26.05 37.15 -30.97
N PHE H 179 -26.06 35.83 -30.91
CA PHE H 179 -26.45 35.02 -32.07
C PHE H 179 -27.73 34.25 -31.82
N GLU H 180 -28.28 33.68 -32.88
CA GLU H 180 -29.43 32.79 -32.80
C GLU H 180 -29.19 31.54 -33.64
N ILE H 181 -29.75 30.42 -33.20
CA ILE H 181 -29.63 29.15 -33.92
C ILE H 181 -30.81 28.98 -34.87
N LEU H 182 -30.52 28.68 -36.13
CA LEU H 182 -31.56 28.51 -37.15
C LEU H 182 -31.94 27.03 -37.29
N ASP H 183 -30.92 26.17 -37.21
CA ASP H 183 -31.14 24.73 -37.27
C ASP H 183 -29.95 23.97 -36.68
N VAL H 184 -30.21 22.72 -36.31
CA VAL H 184 -29.16 21.75 -35.99
C VAL H 184 -29.53 20.42 -36.61
N THR H 185 -28.61 19.83 -37.37
CA THR H 185 -28.80 18.44 -37.81
C THR H 185 -27.58 17.62 -37.39
N GLN H 186 -27.81 16.39 -36.95
CA GLN H 186 -26.72 15.50 -36.54
C GLN H 186 -26.67 14.24 -37.41
N LYS H 187 -25.65 14.15 -38.27
CA LYS H 187 -25.44 12.97 -39.13
C LYS H 187 -24.45 12.00 -38.49
N LYS H 188 -24.58 10.72 -38.81
CA LYS H 188 -23.56 9.74 -38.48
C LYS H 188 -22.72 9.42 -39.72
N ASN H 189 -21.39 9.41 -39.57
CA ASN H 189 -20.47 9.01 -40.62
C ASN H 189 -19.67 7.80 -40.19
N SER H 190 -18.98 7.17 -41.13
CA SER H 190 -18.07 6.07 -40.83
C SER H 190 -16.93 6.10 -41.84
N VAL H 191 -15.79 6.67 -41.46
CA VAL H 191 -14.78 6.96 -42.47
C VAL H 191 -13.42 6.34 -42.21
N THR H 192 -12.75 5.93 -43.28
CA THR H 192 -11.42 5.40 -43.15
C THR H 192 -10.39 6.35 -43.75
N TYR H 193 -9.31 6.48 -43.06
CA TYR H 193 -8.22 7.29 -43.41
C TYR H 193 -7.20 6.23 -43.82
N SER H 194 -6.38 6.60 -44.81
CA SER H 194 -5.47 5.67 -45.47
C SER H 194 -4.47 5.02 -44.54
N CYS H 195 -3.88 5.77 -43.61
CA CYS H 195 -3.04 5.05 -42.60
C CYS H 195 -3.43 3.67 -42.02
N CYS H 196 -4.69 3.49 -41.62
CA CYS H 196 -5.14 2.29 -41.01
C CYS H 196 -6.47 2.05 -41.68
N PRO H 197 -6.63 0.80 -42.11
CA PRO H 197 -7.83 0.33 -42.80
C PRO H 197 -9.11 0.37 -41.97
N GLU H 198 -9.11 -0.01 -40.69
CA GLU H 198 -10.36 0.13 -39.97
C GLU H 198 -10.94 1.54 -40.07
N ALA H 199 -12.25 1.59 -40.25
CA ALA H 199 -13.04 2.81 -40.28
C ALA H 199 -13.30 3.33 -38.86
N TYR H 200 -13.32 4.66 -38.72
CA TYR H 200 -13.71 5.31 -37.46
C TYR H 200 -15.04 6.01 -37.64
N GLU H 201 -15.98 5.76 -36.72
CA GLU H 201 -17.27 6.41 -36.79
C GLU H 201 -17.23 7.77 -36.10
N ASP H 202 -18.03 8.70 -36.59
CA ASP H 202 -18.14 10.01 -35.97
C ASP H 202 -19.57 10.53 -36.12
N VAL H 203 -20.03 11.33 -35.16
CA VAL H 203 -21.27 12.07 -35.36
C VAL H 203 -20.89 13.42 -35.96
N GLU H 204 -21.60 13.86 -36.98
CA GLU H 204 -21.36 15.20 -37.52
C GLU H 204 -22.53 16.12 -37.23
N VAL H 205 -22.25 17.16 -36.45
CA VAL H 205 -23.28 18.08 -36.01
C VAL H 205 -23.18 19.36 -36.81
N SER H 206 -24.27 19.70 -37.49
CA SER H 206 -24.35 20.90 -38.33
C SER H 206 -25.11 21.97 -37.59
N LEU H 207 -24.40 23.03 -37.22
CA LEU H 207 -24.97 24.15 -36.49
C LEU H 207 -25.16 25.37 -37.41
N ASN H 208 -26.39 25.59 -37.86
CA ASN H 208 -26.74 26.73 -38.69
C ASN H 208 -27.14 27.86 -37.75
N PHE H 209 -26.39 28.96 -37.78
CA PHE H 209 -26.65 30.08 -36.87
C PHE H 209 -26.36 31.41 -37.57
N ARG H 210 -26.87 32.50 -37.01
CA ARG H 210 -26.58 33.80 -37.61
C ARG H 210 -26.58 34.88 -36.57
N LYS H 211 -25.91 35.98 -36.91
CA LYS H 211 -25.91 37.18 -36.08
C LYS H 211 -27.32 37.76 -36.04
N LYS H 212 -27.80 38.04 -34.83
CA LYS H 212 -29.10 38.68 -34.64
C LYS H 212 -29.16 40.08 -35.26
N GLY H 213 -30.21 40.33 -36.05
CA GLY H 213 -30.39 41.61 -36.70
C GLY H 213 -30.86 42.68 -35.74
N ASP I 1 -7.09 -12.07 -33.74
CA ASP I 1 -7.94 -12.20 -34.93
C ASP I 1 -9.23 -11.40 -34.74
N TYR I 2 -9.88 -11.01 -35.85
CA TYR I 2 -11.04 -10.11 -35.81
C TYR I 2 -12.12 -10.57 -34.85
N LYS I 3 -12.44 -11.84 -34.99
CA LYS I 3 -13.44 -12.59 -34.22
C LYS I 3 -13.41 -12.35 -32.70
N ASP I 4 -12.22 -12.16 -32.16
CA ASP I 4 -12.06 -12.01 -30.71
C ASP I 4 -11.72 -10.59 -30.25
N ASP I 5 -11.72 -9.63 -31.16
CA ASP I 5 -11.32 -8.27 -30.82
C ASP I 5 -12.20 -7.71 -29.71
N ASP I 6 -13.50 -8.02 -29.77
CA ASP I 6 -14.47 -7.47 -28.81
C ASP I 6 -14.68 -8.38 -27.59
N ASP I 7 -13.76 -9.30 -27.36
CA ASP I 7 -13.82 -10.14 -26.16
C ASP I 7 -13.24 -9.36 -24.98
N LYS I 8 -14.12 -8.85 -24.11
CA LYS I 8 -13.70 -7.88 -23.09
C LYS I 8 -12.67 -8.43 -22.13
N LEU I 9 -12.89 -9.67 -21.69
CA LEU I 9 -11.98 -10.31 -20.76
C LEU I 9 -10.59 -10.49 -21.37
N ASP I 10 -10.52 -10.88 -22.65
CA ASP I 10 -9.23 -10.94 -23.35
C ASP I 10 -8.54 -9.57 -23.37
N ARG I 11 -9.27 -8.51 -23.70
CA ARG I 11 -8.67 -7.16 -23.72
C ARG I 11 -8.13 -6.77 -22.35
N ALA I 12 -8.89 -7.08 -21.31
CA ALA I 12 -8.48 -6.79 -19.94
C ALA I 12 -7.22 -7.56 -19.59
N ASP I 13 -7.13 -8.79 -20.07
CA ASP I 13 -5.94 -9.62 -19.84
C ASP I 13 -4.70 -9.11 -20.56
N ILE I 14 -4.88 -8.63 -21.79
CA ILE I 14 -3.80 -8.05 -22.57
C ILE I 14 -3.31 -6.78 -21.86
N LEU I 15 -4.24 -5.97 -21.39
CA LEU I 15 -3.89 -4.74 -20.70
C LEU I 15 -3.08 -5.09 -19.43
N TYR I 16 -3.51 -6.12 -18.72
CA TYR I 16 -2.73 -6.63 -17.59
C TYR I 16 -1.32 -7.08 -18.00
N ASN I 17 -1.21 -7.88 -19.05
CA ASN I 17 0.10 -8.35 -19.50
C ASN I 17 0.98 -7.17 -19.86
N ILE I 18 0.41 -6.20 -20.58
CA ILE I 18 1.16 -5.04 -21.01
C ILE I 18 1.70 -4.29 -19.80
N ARG I 19 0.90 -4.15 -18.77
CA ARG I 19 1.31 -3.42 -17.57
C ARG I 19 2.34 -4.13 -16.70
N GLN I 20 2.30 -5.47 -16.68
CA GLN I 20 3.35 -6.26 -16.02
C GLN I 20 4.70 -6.12 -16.71
N THR I 21 4.66 -6.07 -18.04
CA THR I 21 5.89 -6.07 -18.86
C THR I 21 6.46 -4.67 -19.13
N SER I 22 5.56 -3.69 -19.31
CA SER I 22 5.95 -2.33 -19.68
C SER I 22 6.89 -1.67 -18.66
N ARG I 23 7.98 -1.07 -19.14
CA ARG I 23 8.84 -0.22 -18.31
C ARG I 23 8.72 1.19 -18.86
N PRO I 24 7.80 1.97 -18.29
CA PRO I 24 7.48 3.30 -18.86
C PRO I 24 8.67 4.25 -18.91
N ASP I 25 9.69 4.00 -18.08
CA ASP I 25 10.80 4.93 -17.96
C ASP I 25 12.09 4.47 -18.64
N VAL I 26 12.05 3.28 -19.24
CA VAL I 26 13.25 2.64 -19.79
C VAL I 26 13.08 2.48 -21.29
N ILE I 27 14.02 3.01 -22.07
CA ILE I 27 13.91 2.87 -23.52
C ILE I 27 13.88 1.37 -23.92
N PRO I 28 12.95 0.99 -24.81
CA PRO I 28 12.85 -0.43 -25.21
C PRO I 28 13.89 -0.81 -26.26
N THR I 29 15.17 -0.73 -25.90
CA THR I 29 16.24 -1.04 -26.84
C THR I 29 16.33 -2.54 -27.15
N GLN I 30 16.11 -2.87 -28.43
CA GLN I 30 16.04 -4.24 -28.91
C GLN I 30 17.37 -4.72 -29.52
N ARG I 31 17.92 -5.81 -28.98
CA ARG I 31 19.16 -6.44 -29.46
C ARG I 31 20.31 -5.47 -29.69
N ASP I 32 20.59 -4.64 -28.68
CA ASP I 32 21.70 -3.69 -28.69
C ASP I 32 21.67 -2.66 -29.85
N ARG I 33 20.47 -2.27 -30.26
CA ARG I 33 20.28 -1.26 -31.32
C ARG I 33 19.41 -0.13 -30.80
N PRO I 34 19.56 1.09 -31.37
CA PRO I 34 18.71 2.22 -30.95
C PRO I 34 17.23 1.90 -31.15
N VAL I 35 16.34 2.54 -30.40
CA VAL I 35 14.90 2.43 -30.66
C VAL I 35 14.61 3.18 -31.93
N ALA I 36 14.05 2.50 -32.94
CA ALA I 36 13.68 3.19 -34.18
C ALA I 36 12.31 3.85 -34.04
N VAL I 37 12.29 5.15 -33.85
CA VAL I 37 11.03 5.89 -33.79
C VAL I 37 10.67 6.49 -35.14
N SER I 38 9.51 6.12 -35.68
CA SER I 38 8.96 6.75 -36.87
C SER I 38 8.15 7.98 -36.48
N VAL I 39 8.42 9.09 -37.16
CA VAL I 39 7.73 10.34 -36.88
C VAL I 39 7.38 11.04 -38.17
N SER I 40 6.09 11.33 -38.35
CA SER I 40 5.65 12.15 -39.47
C SER I 40 4.54 13.07 -39.01
N LEU I 41 4.57 14.32 -39.48
CA LEU I 41 3.50 15.26 -39.17
C LEU I 41 2.49 15.39 -40.33
N LYS I 42 1.20 15.33 -40.01
CA LYS I 42 0.17 15.70 -40.99
C LYS I 42 -0.50 16.95 -40.47
N PHE I 43 -0.44 18.03 -41.24
CA PHE I 43 -0.96 19.29 -40.74
C PHE I 43 -2.49 19.35 -40.76
N ILE I 44 -3.07 19.86 -39.68
CA ILE I 44 -4.52 19.91 -39.53
C ILE I 44 -5.01 21.32 -39.84
N ASN I 45 -4.25 22.30 -39.35
CA ASN I 45 -4.63 23.70 -39.45
C ASN I 45 -3.45 24.65 -39.22
N ILE I 46 -3.56 25.84 -39.78
CA ILE I 46 -2.70 26.98 -39.42
C ILE I 46 -3.67 28.03 -38.92
N LEU I 47 -3.59 28.33 -37.63
CA LEU I 47 -4.58 29.14 -36.96
C LEU I 47 -4.25 30.62 -37.01
N GLU I 48 -2.95 30.91 -36.98
CA GLU I 48 -2.45 32.27 -36.91
C GLU I 48 -1.03 32.31 -37.45
N VAL I 49 -0.70 33.43 -38.08
CA VAL I 49 0.66 33.70 -38.52
C VAL I 49 1.00 35.13 -38.08
N ASN I 50 2.08 35.29 -37.31
CA ASN I 50 2.51 36.63 -36.88
C ASN I 50 3.75 37.07 -37.66
N GLU I 51 3.53 37.97 -38.63
CA GLU I 51 4.60 38.46 -39.53
C GLU I 51 5.57 39.40 -38.81
N ILE I 52 5.10 40.06 -37.75
CA ILE I 52 5.95 40.91 -36.93
C ILE I 52 7.01 40.09 -36.24
N THR I 53 6.58 38.98 -35.63
CA THR I 53 7.42 38.25 -34.69
C THR I 53 7.99 36.96 -35.25
N ASN I 54 7.66 36.64 -36.49
CA ASN I 54 8.01 35.34 -37.09
C ASN I 54 7.52 34.17 -36.24
N GLU I 55 6.21 34.13 -35.99
CA GLU I 55 5.58 33.07 -35.20
C GLU I 55 4.40 32.48 -35.99
N VAL I 56 4.24 31.16 -35.90
CA VAL I 56 3.04 30.46 -36.43
C VAL I 56 2.39 29.66 -35.31
N ASP I 57 1.07 29.60 -35.34
CA ASP I 57 0.30 28.78 -34.43
C ASP I 57 -0.33 27.70 -35.31
N VAL I 58 0.03 26.44 -35.07
CA VAL I 58 -0.46 25.35 -35.91
C VAL I 58 -1.09 24.17 -35.15
N VAL I 59 -1.99 23.46 -35.81
CA VAL I 59 -2.52 22.19 -35.33
C VAL I 59 -2.00 21.12 -36.25
N PHE I 60 -1.37 20.10 -35.69
CA PHE I 60 -0.86 18.99 -36.50
C PHE I 60 -1.07 17.63 -35.85
N TRP I 61 -1.18 16.62 -36.69
CA TRP I 61 -1.27 15.23 -36.28
C TRP I 61 0.16 14.68 -36.23
N GLN I 62 0.65 14.38 -35.03
CA GLN I 62 1.98 13.85 -34.86
C GLN I 62 1.94 12.33 -34.79
N GLN I 63 2.11 11.70 -35.95
CA GLN I 63 2.08 10.24 -36.08
C GLN I 63 3.40 9.61 -35.64
N THR I 64 3.38 8.90 -34.51
CA THR I 64 4.58 8.32 -33.91
C THR I 64 4.42 6.81 -33.72
N THR I 65 5.36 6.02 -34.24
CA THR I 65 5.33 4.59 -34.05
C THR I 65 6.69 4.04 -33.70
N TRP I 66 6.70 2.88 -33.04
CA TRP I 66 7.93 2.20 -32.66
C TRP I 66 7.54 0.80 -32.20
N SER I 67 8.51 -0.06 -31.93
CA SER I 67 8.17 -1.38 -31.44
C SER I 67 8.81 -1.69 -30.10
N ASP I 68 8.13 -2.53 -29.32
CA ASP I 68 8.71 -3.14 -28.14
C ASP I 68 8.23 -4.59 -28.18
N ARG I 69 9.08 -5.48 -28.69
CA ARG I 69 8.71 -6.89 -28.87
C ARG I 69 8.32 -7.57 -27.56
N THR I 70 8.78 -7.03 -26.44
CA THR I 70 8.47 -7.63 -25.14
C THR I 70 6.98 -7.54 -24.79
N LEU I 71 6.26 -6.67 -25.50
CA LEU I 71 4.82 -6.53 -25.29
C LEU I 71 4.03 -7.48 -26.18
N ALA I 72 4.72 -8.18 -27.08
CA ALA I 72 4.05 -8.99 -28.11
C ALA I 72 3.28 -10.16 -27.50
N TRP I 73 2.21 -10.60 -28.16
CA TRP I 73 1.51 -11.80 -27.70
C TRP I 73 0.90 -12.57 -28.87
N ASN I 74 0.48 -13.78 -28.66
CA ASN I 74 -0.19 -14.55 -29.71
C ASN I 74 -1.68 -14.18 -29.83
N SER I 75 -2.04 -13.51 -30.88
CA SER I 75 -3.43 -13.12 -31.10
C SER I 75 -4.19 -14.02 -32.08
N SER I 76 -3.81 -15.29 -32.14
CA SER I 76 -4.57 -16.28 -32.93
C SER I 76 -6.03 -16.32 -32.50
N HIS I 77 -6.25 -16.26 -31.19
CA HIS I 77 -7.61 -16.33 -30.62
C HIS I 77 -7.86 -15.24 -29.58
N SER I 78 -7.33 -14.04 -29.86
CA SER I 78 -7.48 -12.92 -28.94
C SER I 78 -7.34 -11.61 -29.71
N PRO I 79 -7.75 -10.47 -29.10
CA PRO I 79 -7.65 -9.17 -29.78
C PRO I 79 -6.27 -8.94 -30.37
N ASP I 80 -6.22 -8.36 -31.57
CA ASP I 80 -4.96 -8.06 -32.24
C ASP I 80 -4.35 -6.74 -31.72
N GLN I 81 -5.19 -5.88 -31.15
CA GLN I 81 -4.79 -4.56 -30.66
C GLN I 81 -5.67 -4.16 -29.48
N VAL I 82 -5.10 -3.37 -28.54
CA VAL I 82 -5.91 -2.67 -27.55
C VAL I 82 -5.41 -1.23 -27.40
N SER I 83 -6.25 -0.37 -26.85
CA SER I 83 -5.83 1.00 -26.51
C SER I 83 -5.31 1.03 -25.07
N VAL I 84 -4.23 1.76 -24.84
CA VAL I 84 -3.53 1.80 -23.55
C VAL I 84 -3.17 3.24 -23.19
N PRO I 85 -3.45 3.65 -21.93
CA PRO I 85 -3.01 4.99 -21.48
C PRO I 85 -1.50 5.14 -21.64
N ILE I 86 -1.04 6.26 -22.18
CA ILE I 86 0.39 6.44 -22.35
C ILE I 86 1.19 6.41 -21.04
N SER I 87 0.54 6.71 -19.91
CA SER I 87 1.24 6.70 -18.61
C SER I 87 1.69 5.29 -18.26
N SER I 88 1.06 4.31 -18.91
CA SER I 88 1.41 2.90 -18.74
C SER I 88 2.55 2.45 -19.67
N LEU I 89 2.96 3.31 -20.59
CA LEU I 89 3.93 2.91 -21.61
C LEU I 89 5.13 3.86 -21.68
N TRP I 90 6.26 3.33 -22.12
CA TRP I 90 7.33 4.19 -22.54
C TRP I 90 6.88 4.92 -23.82
N VAL I 91 7.21 6.20 -23.91
CA VAL I 91 6.89 7.00 -25.07
C VAL I 91 8.14 7.84 -25.31
N PRO I 92 8.57 8.03 -26.57
CA PRO I 92 9.84 8.77 -26.77
C PRO I 92 9.78 10.24 -26.32
N ASP I 93 10.87 10.72 -25.73
CA ASP I 93 10.91 12.10 -25.20
C ASP I 93 11.15 13.14 -26.28
N LEU I 94 10.25 13.21 -27.26
CA LEU I 94 10.40 14.13 -28.39
C LEU I 94 10.19 15.59 -28.00
N ALA I 95 10.99 16.47 -28.59
CA ALA I 95 10.82 17.89 -28.39
C ALA I 95 10.90 18.59 -29.73
N ALA I 96 10.07 19.61 -29.94
CA ALA I 96 10.21 20.46 -31.12
C ALA I 96 11.15 21.63 -30.75
N TYR I 97 12.30 21.70 -31.42
CA TYR I 97 13.37 22.60 -30.99
C TYR I 97 12.97 24.09 -31.01
N ASN I 98 12.20 24.47 -32.01
CA ASN I 98 11.82 25.87 -32.23
C ASN I 98 10.36 26.15 -31.82
N ALA I 99 9.80 25.28 -31.00
CA ALA I 99 8.48 25.56 -30.43
C ALA I 99 8.67 26.61 -29.35
N ILE I 100 7.73 27.54 -29.23
CA ILE I 100 7.84 28.58 -28.21
C ILE I 100 6.72 28.52 -27.18
N SER I 101 5.86 27.52 -27.32
CA SER I 101 4.82 27.23 -26.31
C SER I 101 4.80 25.74 -26.01
N LYS I 102 4.20 25.34 -24.88
CA LYS I 102 4.04 23.89 -24.61
C LYS I 102 3.09 23.27 -25.61
N PRO I 103 3.33 22.00 -25.98
CA PRO I 103 2.34 21.33 -26.84
C PRO I 103 0.99 21.21 -26.12
N GLU I 104 -0.07 21.69 -26.76
CA GLU I 104 -1.44 21.51 -26.29
C GLU I 104 -1.99 20.23 -26.95
N VAL I 105 -1.96 19.11 -26.21
CA VAL I 105 -2.47 17.85 -26.75
C VAL I 105 -3.99 17.86 -26.76
N LEU I 106 -4.58 17.80 -27.95
CA LEU I 106 -6.02 17.99 -28.09
C LEU I 106 -6.81 16.68 -28.00
N THR I 107 -6.10 15.57 -28.04
CA THR I 107 -6.75 14.28 -28.15
C THR I 107 -6.52 13.43 -26.89
N PRO I 108 -7.37 12.39 -26.69
CA PRO I 108 -7.19 11.47 -25.57
C PRO I 108 -5.81 10.83 -25.61
N GLN I 109 -5.09 10.85 -24.50
CA GLN I 109 -3.72 10.33 -24.44
C GLN I 109 -3.65 8.81 -24.35
N LEU I 110 -4.20 8.17 -25.39
CA LEU I 110 -4.20 6.73 -25.50
C LEU I 110 -3.33 6.30 -26.69
N ALA I 111 -2.47 5.29 -26.50
CA ALA I 111 -1.75 4.69 -27.63
C ALA I 111 -2.42 3.37 -28.05
N ARG I 112 -2.09 2.87 -29.25
CA ARG I 112 -2.46 1.49 -29.57
C ARG I 112 -1.23 0.62 -29.45
N VAL I 113 -1.41 -0.58 -28.88
CA VAL I 113 -0.37 -1.60 -28.85
C VAL I 113 -0.87 -2.78 -29.69
N VAL I 114 -0.07 -3.22 -30.66
CA VAL I 114 -0.45 -4.30 -31.58
C VAL I 114 0.21 -5.58 -31.10
N SER I 115 -0.41 -6.73 -31.38
CA SER I 115 0.09 -8.01 -30.88
C SER I 115 1.52 -8.35 -31.29
N ASP I 116 2.02 -7.70 -32.32
CA ASP I 116 3.41 -7.93 -32.72
C ASP I 116 4.36 -7.01 -31.95
N GLY I 117 3.79 -6.16 -31.10
CA GLY I 117 4.61 -5.32 -30.26
C GLY I 117 4.81 -3.94 -30.85
N GLU I 118 4.07 -3.65 -31.91
CA GLU I 118 4.08 -2.29 -32.43
C GLU I 118 3.31 -1.37 -31.46
N VAL I 119 3.86 -0.18 -31.22
CA VAL I 119 3.15 0.84 -30.45
C VAL I 119 2.89 2.04 -31.35
N LEU I 120 1.65 2.53 -31.34
CA LEU I 120 1.33 3.73 -32.09
C LEU I 120 0.78 4.79 -31.16
N TYR I 121 1.38 5.98 -31.20
CA TYR I 121 0.83 7.12 -30.48
C TYR I 121 0.70 8.26 -31.46
N MET I 122 -0.52 8.74 -31.68
CA MET I 122 -0.76 9.74 -32.72
C MET I 122 -1.70 10.85 -32.25
N PRO I 123 -1.22 11.76 -31.39
CA PRO I 123 -2.09 12.82 -30.88
C PRO I 123 -2.30 13.95 -31.89
N SER I 124 -3.35 14.72 -31.71
CA SER I 124 -3.46 15.99 -32.42
C SER I 124 -2.89 17.04 -31.47
N ILE I 125 -2.04 17.92 -31.99
CA ILE I 125 -1.33 18.88 -31.14
C ILE I 125 -1.40 20.32 -31.67
N ARG I 126 -1.76 21.25 -30.80
CA ARG I 126 -1.67 22.66 -31.13
C ARG I 126 -0.43 23.23 -30.44
N GLN I 127 0.39 23.93 -31.21
CA GLN I 127 1.64 24.50 -30.68
C GLN I 127 2.04 25.76 -31.45
N ARG I 128 2.77 26.66 -30.79
CA ARG I 128 3.34 27.84 -31.46
C ARG I 128 4.82 27.63 -31.75
N PHE I 129 5.26 28.06 -32.94
CA PHE I 129 6.64 27.87 -33.37
C PHE I 129 7.30 29.17 -33.85
N SER I 130 8.60 29.28 -33.63
CA SER I 130 9.39 30.37 -34.18
C SER I 130 9.94 29.90 -35.51
N CYS I 131 9.58 30.59 -36.59
CA CYS I 131 10.10 30.23 -37.92
C CYS I 131 9.88 31.32 -38.98
N ASP I 132 10.43 31.09 -40.17
CA ASP I 132 10.43 32.09 -41.24
C ASP I 132 9.04 32.25 -41.88
N VAL I 133 8.40 33.36 -41.58
CA VAL I 133 7.05 33.64 -42.06
C VAL I 133 7.08 34.51 -43.34
N SER I 134 8.27 34.96 -43.72
CA SER I 134 8.42 35.82 -44.90
C SER I 134 7.93 35.12 -46.18
N GLY I 135 7.16 35.86 -46.97
CA GLY I 135 6.60 35.36 -48.21
C GLY I 135 5.25 34.71 -48.11
N VAL I 136 4.65 34.70 -46.90
CA VAL I 136 3.35 34.03 -46.70
C VAL I 136 2.25 34.62 -47.61
N ASP I 137 2.36 35.93 -47.83
CA ASP I 137 1.41 36.70 -48.62
C ASP I 137 1.65 36.57 -50.12
N THR I 138 2.61 35.73 -50.50
CA THR I 138 3.03 35.61 -51.90
C THR I 138 2.74 34.24 -52.52
N GLU I 139 2.79 34.17 -53.85
CA GLU I 139 2.41 32.96 -54.57
C GLU I 139 3.30 31.77 -54.26
N SER I 140 4.58 32.02 -54.01
CA SER I 140 5.51 30.94 -53.68
C SER I 140 5.47 30.62 -52.18
N GLY I 141 4.88 31.52 -51.38
CA GLY I 141 4.58 31.26 -49.99
C GLY I 141 5.77 31.32 -49.03
N ALA I 142 5.50 31.15 -47.74
CA ALA I 142 6.54 31.02 -46.71
C ALA I 142 6.97 29.57 -46.55
N THR I 143 8.16 29.37 -46.01
CA THR I 143 8.61 28.04 -45.63
C THR I 143 9.03 27.99 -44.16
N CYS I 144 8.15 27.45 -43.33
CA CYS I 144 8.40 27.34 -41.89
C CYS I 144 8.93 25.94 -41.55
N ARG I 145 10.10 25.90 -40.91
CA ARG I 145 10.77 24.64 -40.61
C ARG I 145 10.71 24.30 -39.11
N ILE I 146 10.33 23.05 -38.84
CA ILE I 146 10.15 22.58 -37.48
C ILE I 146 11.04 21.36 -37.25
N LYS I 147 11.92 21.46 -36.26
CA LYS I 147 12.80 20.35 -35.93
C LYS I 147 12.30 19.64 -34.67
N ILE I 148 12.14 18.33 -34.77
CA ILE I 148 11.70 17.47 -33.67
C ILE I 148 12.63 16.27 -33.53
N GLY I 149 13.19 16.07 -32.34
CA GLY I 149 14.02 14.90 -32.07
C GLY I 149 13.95 14.52 -30.61
N SER I 150 14.60 13.41 -30.23
CA SER I 150 14.66 13.04 -28.81
C SER I 150 15.49 14.06 -28.03
N TRP I 151 14.94 14.53 -26.92
CA TRP I 151 15.63 15.52 -26.12
C TRP I 151 16.85 14.95 -25.38
N THR I 152 16.68 13.83 -24.69
CA THR I 152 17.76 13.32 -23.85
C THR I 152 18.45 12.05 -24.35
N HIS I 153 17.94 11.47 -25.43
CA HIS I 153 18.54 10.24 -25.97
C HIS I 153 19.23 10.50 -27.31
N HIS I 154 20.53 10.26 -27.34
CA HIS I 154 21.29 10.48 -28.57
C HIS I 154 21.09 9.34 -29.57
N SER I 155 21.86 9.35 -30.66
CA SER I 155 21.63 8.44 -31.77
C SER I 155 21.93 6.99 -31.45
N ARG I 156 22.80 6.75 -30.46
CA ARG I 156 23.05 5.39 -30.01
C ARG I 156 21.83 4.78 -29.33
N GLU I 157 20.96 5.63 -28.81
CA GLU I 157 19.81 5.18 -28.02
C GLU I 157 18.48 5.28 -28.79
N ILE I 158 18.23 6.42 -29.42
CA ILE I 158 17.03 6.60 -30.24
C ILE I 158 17.38 7.14 -31.64
N SER I 159 16.95 6.43 -32.67
CA SER I 159 16.99 6.99 -34.01
C SER I 159 15.60 7.51 -34.35
N VAL I 160 15.52 8.66 -35.04
CA VAL I 160 14.24 9.12 -35.57
C VAL I 160 14.22 9.06 -37.10
N ASP I 161 13.11 8.59 -37.65
CA ASP I 161 12.98 8.48 -39.10
C ASP I 161 11.60 8.90 -39.58
N PRO I 162 11.56 9.82 -40.55
CA PRO I 162 10.26 10.23 -41.09
C PRO I 162 9.88 9.33 -42.24
N THR I 163 8.62 9.42 -42.70
CA THR I 163 8.18 8.66 -43.85
C THR I 163 7.86 9.59 -45.01
N ASP I 169 -1.18 14.97 -48.42
CA ASP I 169 -0.35 16.08 -47.98
C ASP I 169 -1.19 17.18 -47.35
N SER I 170 -2.44 17.28 -47.77
CA SER I 170 -3.40 18.16 -47.12
C SER I 170 -4.65 17.37 -46.79
N GLU I 171 -4.57 16.05 -46.93
CA GLU I 171 -5.72 15.17 -46.71
C GLU I 171 -6.47 15.45 -45.42
N TYR I 172 -5.76 15.97 -44.40
CA TYR I 172 -6.39 16.24 -43.12
C TYR I 172 -6.41 17.73 -42.79
N PHE I 173 -6.03 18.54 -43.76
CA PHE I 173 -5.93 19.98 -43.54
C PHE I 173 -7.28 20.68 -43.71
N SER I 174 -7.55 21.62 -42.80
CA SER I 174 -8.82 22.35 -42.78
C SER I 174 -9.01 23.23 -44.00
N GLN I 175 -10.15 23.07 -44.68
CA GLN I 175 -10.49 23.93 -45.80
C GLN I 175 -10.90 25.33 -45.34
N TYR I 176 -10.95 25.54 -44.03
CA TYR I 176 -11.42 26.82 -43.49
C TYR I 176 -10.29 27.67 -42.96
N SER I 177 -9.09 27.11 -42.96
CA SER I 177 -7.90 27.88 -42.67
C SER I 177 -7.77 29.04 -43.65
N ARG I 178 -7.15 30.14 -43.24
CA ARG I 178 -6.90 31.24 -44.16
C ARG I 178 -5.78 30.84 -45.09
N PHE I 179 -5.06 29.78 -44.73
CA PHE I 179 -3.90 29.40 -45.52
C PHE I 179 -4.16 28.12 -46.28
N GLU I 180 -3.26 27.79 -47.19
CA GLU I 180 -3.33 26.55 -47.94
C GLU I 180 -1.91 26.04 -47.99
N ILE I 181 -1.77 24.72 -48.06
CA ILE I 181 -0.46 24.09 -48.09
C ILE I 181 0.04 23.86 -49.52
N LEU I 182 1.25 24.34 -49.79
CA LEU I 182 1.89 24.14 -51.09
C LEU I 182 2.61 22.80 -51.09
N ASP I 183 3.39 22.55 -50.06
CA ASP I 183 4.13 21.30 -49.93
C ASP I 183 4.54 21.03 -48.49
N VAL I 184 4.86 19.77 -48.20
CA VAL I 184 5.50 19.40 -46.94
C VAL I 184 6.62 18.40 -47.22
N THR I 185 7.85 18.77 -46.87
CA THR I 185 8.96 17.83 -46.95
C THR I 185 9.43 17.45 -45.56
N GLN I 186 9.88 16.20 -45.39
CA GLN I 186 10.34 15.71 -44.10
C GLN I 186 11.72 15.09 -44.24
N LYS I 187 12.72 15.69 -43.60
CA LYS I 187 14.08 15.19 -43.69
C LYS I 187 14.64 14.74 -42.35
N LYS I 188 15.63 13.86 -42.41
CA LYS I 188 16.30 13.39 -41.21
C LYS I 188 17.66 14.07 -41.07
N ASN I 189 17.96 14.56 -39.88
CA ASN I 189 19.29 15.08 -39.55
C ASN I 189 19.90 14.34 -38.37
N SER I 190 21.19 14.54 -38.16
CA SER I 190 21.83 14.05 -36.95
C SER I 190 22.94 15.01 -36.59
N VAL I 191 22.78 15.73 -35.49
CA VAL I 191 23.67 16.84 -35.22
C VAL I 191 24.38 16.75 -33.87
N THR I 192 25.69 16.99 -33.92
CA THR I 192 26.49 17.11 -32.72
C THR I 192 26.46 18.56 -32.25
N TYR I 193 26.12 18.78 -30.99
CA TYR I 193 26.19 20.12 -30.42
C TYR I 193 27.42 20.23 -29.54
N SER I 194 27.87 21.45 -29.26
CA SER I 194 29.10 21.64 -28.48
C SER I 194 28.94 21.26 -27.02
N CYS I 195 27.70 21.09 -26.56
CA CYS I 195 27.45 20.73 -25.16
C CYS I 195 27.88 19.29 -24.92
N CYS I 196 27.63 18.45 -25.93
CA CYS I 196 27.65 16.99 -25.75
C CYS I 196 28.39 16.30 -26.89
N PRO I 197 29.03 15.17 -26.57
CA PRO I 197 29.87 14.43 -27.53
C PRO I 197 29.06 13.66 -28.56
N GLU I 198 27.91 13.12 -28.17
CA GLU I 198 27.10 12.31 -29.08
C GLU I 198 26.19 13.15 -29.97
N ALA I 199 25.77 12.57 -31.09
CA ALA I 199 24.83 13.23 -32.01
C ALA I 199 23.37 12.95 -31.62
N TYR I 200 22.53 13.96 -31.76
CA TYR I 200 21.08 13.80 -31.57
C TYR I 200 20.37 13.86 -32.91
N GLU I 201 19.56 12.86 -33.20
CA GLU I 201 18.80 12.84 -34.44
C GLU I 201 17.52 13.64 -34.33
N ASP I 202 17.12 14.24 -35.43
CA ASP I 202 15.85 14.93 -35.51
C ASP I 202 15.27 14.77 -36.90
N VAL I 203 13.96 14.96 -37.02
CA VAL I 203 13.35 15.09 -38.33
C VAL I 203 12.97 16.55 -38.53
N GLU I 204 13.36 17.11 -39.67
CA GLU I 204 13.02 18.48 -40.01
C GLU I 204 11.85 18.50 -40.95
N VAL I 205 10.77 19.13 -40.52
CA VAL I 205 9.57 19.23 -41.36
C VAL I 205 9.51 20.63 -41.93
N SER I 206 9.50 20.72 -43.27
CA SER I 206 9.44 22.01 -43.94
C SER I 206 8.05 22.20 -44.48
N LEU I 207 7.33 23.15 -43.91
CA LEU I 207 5.95 23.41 -44.29
C LEU I 207 5.90 24.65 -45.19
N ASN I 208 5.67 24.42 -46.48
CA ASN I 208 5.54 25.49 -47.47
C ASN I 208 4.06 25.85 -47.65
N PHE I 209 3.69 27.05 -47.25
CA PHE I 209 2.29 27.47 -47.26
C PHE I 209 2.16 28.95 -47.61
N ARG I 210 0.95 29.36 -47.98
CA ARG I 210 0.70 30.76 -48.28
C ARG I 210 -0.72 31.16 -47.90
N LYS I 211 -0.97 32.45 -47.80
CA LYS I 211 -2.33 32.93 -47.56
C LYS I 211 -3.15 32.71 -48.84
N LYS I 212 -4.42 32.32 -48.70
CA LYS I 212 -5.28 32.11 -49.88
C LYS I 212 -5.60 33.46 -50.51
N GLY I 213 -5.72 33.48 -51.84
CA GLY I 213 -6.01 34.72 -52.55
C GLY I 213 -4.86 35.18 -53.43
N ASP J 4 27.96 -0.39 -24.72
CA ASP J 4 26.86 -1.20 -24.21
C ASP J 4 25.67 -0.38 -23.71
N ASP J 5 25.36 0.74 -24.37
CA ASP J 5 24.25 1.60 -23.96
C ASP J 5 22.88 0.95 -24.14
N ASP J 6 22.82 -0.04 -25.04
CA ASP J 6 21.54 -0.59 -25.47
C ASP J 6 21.15 -1.96 -24.87
N ASP J 7 21.72 -2.33 -23.73
CA ASP J 7 21.14 -3.44 -22.98
C ASP J 7 20.03 -2.86 -22.09
N LYS J 8 18.79 -3.22 -22.41
CA LYS J 8 17.64 -2.63 -21.71
C LYS J 8 17.56 -3.05 -20.24
N LEU J 9 17.87 -4.31 -19.97
CA LEU J 9 17.80 -4.84 -18.61
C LEU J 9 18.83 -4.11 -17.78
N ASP J 10 19.99 -3.87 -18.39
CA ASP J 10 21.02 -3.04 -17.77
C ASP J 10 20.46 -1.66 -17.42
N ARG J 11 19.69 -1.06 -18.34
CA ARG J 11 19.11 0.26 -18.12
C ARG J 11 18.11 0.23 -16.97
N ALA J 12 17.24 -0.76 -16.98
CA ALA J 12 16.24 -0.94 -15.92
C ALA J 12 16.89 -1.12 -14.56
N ASP J 13 17.96 -1.91 -14.53
CA ASP J 13 18.70 -2.11 -13.29
C ASP J 13 19.36 -0.83 -12.81
N ILE J 14 19.97 -0.08 -13.72
CA ILE J 14 20.57 1.19 -13.34
C ILE J 14 19.50 2.13 -12.77
N LEU J 15 18.37 2.22 -13.47
CA LEU J 15 17.26 3.05 -13.02
C LEU J 15 16.75 2.63 -11.62
N TYR J 16 16.59 1.32 -11.42
CA TYR J 16 16.22 0.76 -10.12
C TYR J 16 17.23 1.14 -9.03
N ASN J 17 18.52 0.94 -9.31
CA ASN J 17 19.59 1.36 -8.37
C ASN J 17 19.50 2.85 -8.03
N ILE J 18 19.34 3.67 -9.07
CA ILE J 18 19.19 5.10 -8.85
C ILE J 18 17.99 5.39 -7.95
N ARG J 19 16.87 4.72 -8.20
CA ARG J 19 15.67 5.00 -7.41
C ARG J 19 15.75 4.49 -5.98
N GLN J 20 16.57 3.48 -5.73
CA GLN J 20 16.80 3.01 -4.35
C GLN J 20 17.69 3.94 -3.52
N THR J 21 18.65 4.60 -4.15
CA THR J 21 19.58 5.44 -3.38
C THR J 21 19.24 6.91 -3.43
N SER J 22 18.47 7.32 -4.43
CA SER J 22 18.12 8.72 -4.61
C SER J 22 17.28 9.22 -3.45
N ARG J 23 17.68 10.37 -2.93
CA ARG J 23 16.90 11.11 -1.93
C ARG J 23 16.52 12.43 -2.59
N PRO J 24 15.31 12.50 -3.17
CA PRO J 24 14.95 13.68 -3.98
C PRO J 24 14.78 14.95 -3.16
N ASP J 25 14.64 14.83 -1.85
CA ASP J 25 14.34 16.02 -1.02
C ASP J 25 15.52 16.49 -0.19
N VAL J 26 16.66 15.82 -0.32
CA VAL J 26 17.85 16.09 0.49
C VAL J 26 19.04 16.51 -0.37
N ILE J 27 19.65 17.67 -0.08
CA ILE J 27 20.81 18.12 -0.85
C ILE J 27 21.91 17.06 -0.82
N PRO J 28 22.52 16.78 -1.99
CA PRO J 28 23.56 15.75 -2.06
C PRO J 28 24.93 16.29 -1.65
N THR J 29 25.01 16.78 -0.41
CA THR J 29 26.28 17.28 0.12
C THR J 29 27.25 16.13 0.36
N GLN J 30 28.43 16.25 -0.24
CA GLN J 30 29.44 15.21 -0.15
C GLN J 30 30.60 15.68 0.75
N ARG J 31 30.85 14.89 1.80
CA ARG J 31 31.89 15.17 2.81
C ARG J 31 31.85 16.59 3.40
N ASP J 32 30.65 17.06 3.72
CA ASP J 32 30.46 18.37 4.37
C ASP J 32 30.82 19.62 3.55
N ARG J 33 30.81 19.50 2.21
CA ARG J 33 31.03 20.66 1.33
C ARG J 33 29.72 21.06 0.64
N PRO J 34 29.55 22.35 0.31
CA PRO J 34 28.32 22.69 -0.40
C PRO J 34 28.19 21.95 -1.76
N VAL J 35 26.96 21.68 -2.18
CA VAL J 35 26.73 21.09 -3.49
C VAL J 35 27.14 22.11 -4.53
N ALA J 36 28.09 21.75 -5.40
CA ALA J 36 28.51 22.66 -6.47
C ALA J 36 27.62 22.54 -7.70
N VAL J 37 26.75 23.52 -7.88
CA VAL J 37 25.86 23.52 -9.01
C VAL J 37 26.42 24.43 -10.10
N SER J 38 26.52 23.89 -11.31
CA SER J 38 26.94 24.69 -12.47
C SER J 38 25.72 25.14 -13.26
N VAL J 39 25.61 26.44 -13.51
CA VAL J 39 24.52 26.99 -14.28
C VAL J 39 25.06 27.82 -15.44
N SER J 40 24.40 27.72 -16.59
CA SER J 40 24.78 28.45 -17.77
C SER J 40 23.53 28.59 -18.64
N LEU J 41 23.27 29.80 -19.12
CA LEU J 41 22.18 30.01 -20.07
C LEU J 41 22.71 30.15 -21.50
N LYS J 42 22.13 29.37 -22.43
CA LYS J 42 22.34 29.62 -23.85
C LYS J 42 21.01 30.10 -24.42
N PHE J 43 21.00 31.29 -24.98
CA PHE J 43 19.72 31.85 -25.43
C PHE J 43 19.23 31.22 -26.73
N ILE J 44 17.91 31.02 -26.83
CA ILE J 44 17.27 30.35 -27.98
C ILE J 44 16.54 31.41 -28.79
N ASN J 45 15.78 32.24 -28.10
CA ASN J 45 14.97 33.25 -28.77
C ASN J 45 14.70 34.45 -27.86
N ILE J 46 14.46 35.60 -28.49
CA ILE J 46 13.95 36.77 -27.78
C ILE J 46 12.65 37.13 -28.47
N LEU J 47 11.54 36.99 -27.76
CA LEU J 47 10.23 36.98 -28.41
C LEU J 47 9.53 38.32 -28.43
N GLU J 48 9.35 38.91 -27.25
CA GLU J 48 8.64 40.17 -27.12
C GLU J 48 9.53 41.06 -26.24
N VAL J 49 9.61 42.34 -26.59
CA VAL J 49 10.45 43.28 -25.86
C VAL J 49 9.67 44.60 -25.71
N ASN J 50 9.58 45.10 -24.49
CA ASN J 50 8.85 46.35 -24.26
C ASN J 50 9.72 47.38 -23.54
N GLU J 51 10.02 48.48 -24.23
CA GLU J 51 10.95 49.48 -23.71
C GLU J 51 10.29 50.41 -22.70
N ILE J 52 8.96 50.54 -22.79
CA ILE J 52 8.22 51.38 -21.85
C ILE J 52 8.02 50.71 -20.48
N THR J 53 7.63 49.45 -20.46
CA THR J 53 7.43 48.70 -19.21
C THR J 53 8.72 48.05 -18.68
N ASN J 54 9.77 48.04 -19.51
CA ASN J 54 11.02 47.34 -19.21
C ASN J 54 10.82 45.83 -18.99
N GLU J 55 10.15 45.18 -19.93
CA GLU J 55 9.94 43.74 -19.85
C GLU J 55 10.43 43.03 -21.11
N VAL J 56 10.91 41.80 -20.92
CA VAL J 56 11.38 40.95 -21.99
C VAL J 56 10.75 39.54 -21.89
N ASP J 57 10.52 38.90 -23.03
CA ASP J 57 9.98 37.53 -23.09
C ASP J 57 10.98 36.69 -23.89
N VAL J 58 11.67 35.78 -23.23
CA VAL J 58 12.75 35.04 -23.87
C VAL J 58 12.65 33.52 -23.70
N VAL J 59 13.37 32.81 -24.55
CA VAL J 59 13.56 31.38 -24.42
C VAL J 59 15.05 31.10 -24.32
N PHE J 60 15.44 30.31 -23.32
CA PHE J 60 16.84 30.00 -23.13
C PHE J 60 17.01 28.55 -22.70
N TRP J 61 18.15 27.99 -23.08
CA TRP J 61 18.53 26.66 -22.66
C TRP J 61 19.25 26.76 -21.33
N GLN J 62 18.61 26.25 -20.27
CA GLN J 62 19.18 26.37 -18.93
C GLN J 62 20.00 25.14 -18.61
N GLN J 63 21.30 25.25 -18.84
CA GLN J 63 22.20 24.12 -18.62
C GLN J 63 22.62 24.06 -17.15
N THR J 64 22.09 23.06 -16.45
CA THR J 64 22.41 22.87 -15.03
C THR J 64 23.01 21.48 -14.82
N THR J 65 24.12 21.44 -14.08
CA THR J 65 24.84 20.21 -13.81
C THR J 65 25.35 20.21 -12.36
N TRP J 66 25.39 19.03 -11.74
CA TRP J 66 25.98 18.90 -10.42
C TRP J 66 26.37 17.44 -10.25
N SER J 67 26.92 17.11 -9.08
CA SER J 67 27.36 15.76 -8.81
C SER J 67 26.61 15.18 -7.61
N ASP J 68 26.35 13.87 -7.66
CA ASP J 68 25.96 13.10 -6.47
C ASP J 68 26.59 11.74 -6.63
N ARG J 69 27.74 11.54 -5.99
CA ARG J 69 28.50 10.32 -6.19
C ARG J 69 27.86 9.06 -5.60
N THR J 70 26.86 9.23 -4.74
CA THR J 70 26.12 8.07 -4.24
C THR J 70 25.36 7.37 -5.39
N LEU J 71 25.07 8.12 -6.45
CA LEU J 71 24.38 7.55 -7.62
C LEU J 71 25.32 6.79 -8.58
N ALA J 72 26.63 6.95 -8.40
CA ALA J 72 27.63 6.35 -9.29
C ALA J 72 27.51 4.84 -9.37
N TRP J 73 27.91 4.26 -10.51
CA TRP J 73 27.93 2.81 -10.64
C TRP J 73 29.06 2.40 -11.56
N ASN J 74 29.42 1.12 -11.49
CA ASN J 74 30.46 0.57 -12.36
C ASN J 74 29.92 0.32 -13.78
N SER J 75 30.39 1.09 -14.75
CA SER J 75 29.89 0.98 -16.14
C SER J 75 30.83 0.26 -17.10
N SER J 76 31.69 -0.62 -16.57
CA SER J 76 32.64 -1.36 -17.41
C SER J 76 31.99 -2.15 -18.54
N HIS J 77 30.87 -2.82 -18.24
CA HIS J 77 30.11 -3.51 -19.29
C HIS J 77 28.61 -3.22 -19.19
N SER J 78 28.31 -1.96 -18.86
CA SER J 78 26.92 -1.50 -18.74
C SER J 78 26.88 -0.05 -19.20
N PRO J 79 25.68 0.49 -19.49
CA PRO J 79 25.53 1.85 -20.01
C PRO J 79 26.20 2.92 -19.13
N ASP J 80 26.78 3.92 -19.79
CA ASP J 80 27.48 5.00 -19.09
C ASP J 80 26.51 6.03 -18.52
N GLN J 81 25.30 6.05 -19.07
CA GLN J 81 24.29 7.07 -18.78
C GLN J 81 22.86 6.54 -18.98
N VAL J 82 21.91 7.02 -18.19
CA VAL J 82 20.49 6.85 -18.49
C VAL J 82 19.73 8.16 -18.28
N SER J 83 18.59 8.29 -18.94
CA SER J 83 17.68 9.40 -18.68
C SER J 83 16.78 9.06 -17.49
N VAL J 84 16.60 10.00 -16.58
CA VAL J 84 15.80 9.79 -15.37
C VAL J 84 14.81 10.94 -15.21
N PRO J 85 13.55 10.60 -14.90
CA PRO J 85 12.54 11.64 -14.62
C PRO J 85 12.97 12.46 -13.41
N ILE J 86 12.88 13.79 -13.47
CA ILE J 86 13.46 14.62 -12.41
C ILE J 86 12.75 14.45 -11.08
N SER J 87 11.51 13.98 -11.12
CA SER J 87 10.76 13.64 -9.91
C SER J 87 11.45 12.54 -9.11
N SER J 88 12.24 11.71 -9.78
CA SER J 88 13.00 10.68 -9.07
C SER J 88 14.34 11.19 -8.47
N LEU J 89 14.68 12.46 -8.74
CA LEU J 89 16.00 13.00 -8.37
C LEU J 89 15.93 14.29 -7.56
N TRP J 90 16.99 14.57 -6.80
CA TRP J 90 17.15 15.92 -6.24
C TRP J 90 17.50 16.86 -7.37
N VAL J 91 16.83 18.00 -7.40
CA VAL J 91 17.14 19.07 -8.34
C VAL J 91 17.32 20.35 -7.52
N PRO J 92 18.32 21.16 -7.87
CA PRO J 92 18.55 22.41 -7.10
C PRO J 92 17.38 23.38 -7.23
N ASP J 93 16.97 23.97 -6.10
CA ASP J 93 15.83 24.90 -6.06
C ASP J 93 16.21 26.28 -6.57
N LEU J 94 16.56 26.36 -7.85
CA LEU J 94 16.96 27.62 -8.46
C LEU J 94 15.75 28.49 -8.79
N ALA J 95 15.94 29.81 -8.72
CA ALA J 95 14.91 30.78 -9.03
C ALA J 95 15.54 32.01 -9.67
N ALA J 96 14.89 32.56 -10.68
CA ALA J 96 15.33 33.83 -11.28
C ALA J 96 14.63 34.98 -10.57
N TYR J 97 15.42 35.79 -9.86
CA TYR J 97 14.88 36.84 -8.99
C TYR J 97 14.00 37.87 -9.70
N ASN J 98 14.37 38.23 -10.92
CA ASN J 98 13.62 39.27 -11.65
C ASN J 98 12.61 38.70 -12.66
N ALA J 99 12.37 37.39 -12.58
CA ALA J 99 11.32 36.78 -13.38
C ALA J 99 9.99 37.36 -12.93
N ILE J 100 9.15 37.74 -13.89
CA ILE J 100 7.81 38.17 -13.56
C ILE J 100 6.77 37.16 -14.05
N SER J 101 7.25 36.04 -14.58
CA SER J 101 6.37 34.89 -14.85
C SER J 101 7.00 33.58 -14.38
N LYS J 102 6.15 32.57 -14.15
CA LYS J 102 6.60 31.19 -13.90
C LYS J 102 7.39 30.71 -15.10
N PRO J 103 8.44 29.90 -14.86
CA PRO J 103 9.13 29.27 -15.99
C PRO J 103 8.21 28.31 -16.74
N GLU J 104 8.19 28.44 -18.05
CA GLU J 104 7.45 27.51 -18.88
C GLU J 104 8.48 26.55 -19.47
N VAL J 105 8.54 25.34 -18.90
CA VAL J 105 9.45 24.31 -19.40
C VAL J 105 8.83 23.69 -20.64
N LEU J 106 9.57 23.78 -21.75
CA LEU J 106 9.08 23.42 -23.07
C LEU J 106 9.54 22.03 -23.46
N THR J 107 10.38 21.42 -22.62
CA THR J 107 11.02 20.15 -22.94
C THR J 107 10.71 19.04 -21.91
N PRO J 108 10.78 17.77 -22.32
CA PRO J 108 10.50 16.69 -21.37
C PRO J 108 11.36 16.79 -20.13
N GLN J 109 10.75 16.62 -18.97
CA GLN J 109 11.47 16.76 -17.70
C GLN J 109 12.31 15.54 -17.30
N LEU J 110 13.28 15.24 -18.15
CA LEU J 110 14.22 14.15 -17.91
C LEU J 110 15.61 14.72 -17.76
N ALA J 111 16.33 14.23 -16.75
CA ALA J 111 17.76 14.51 -16.56
C ALA J 111 18.56 13.33 -17.09
N ARG J 112 19.88 13.51 -17.21
CA ARG J 112 20.75 12.39 -17.54
C ARG J 112 21.61 12.14 -16.31
N VAL J 113 21.70 10.88 -15.89
CA VAL J 113 22.61 10.50 -14.81
C VAL J 113 23.76 9.68 -15.39
N VAL J 114 24.99 10.17 -15.17
CA VAL J 114 26.20 9.53 -15.70
C VAL J 114 26.77 8.57 -14.65
N SER J 115 27.37 7.46 -15.08
CA SER J 115 27.91 6.46 -14.14
C SER J 115 28.92 6.97 -13.09
N ASP J 116 29.48 8.16 -13.31
CA ASP J 116 30.37 8.76 -12.31
C ASP J 116 29.61 9.66 -11.32
N GLY J 117 28.28 9.72 -11.43
CA GLY J 117 27.49 10.47 -10.48
C GLY J 117 27.16 11.90 -10.89
N GLU J 118 27.60 12.31 -12.08
CA GLU J 118 27.21 13.62 -12.56
C GLU J 118 25.72 13.59 -12.95
N VAL J 119 24.99 14.63 -12.59
CA VAL J 119 23.60 14.74 -13.00
C VAL J 119 23.46 15.98 -13.87
N LEU J 120 22.80 15.83 -15.00
CA LEU J 120 22.61 16.91 -15.94
C LEU J 120 21.13 17.12 -16.22
N TYR J 121 20.63 18.30 -15.90
CA TYR J 121 19.28 18.67 -16.31
C TYR J 121 19.37 19.95 -17.13
N MET J 122 18.92 19.90 -18.38
CA MET J 122 19.07 21.02 -19.29
C MET J 122 17.76 21.30 -20.03
N PRO J 123 16.79 21.86 -19.29
CA PRO J 123 15.51 22.21 -19.91
C PRO J 123 15.59 23.45 -20.79
N SER J 124 14.76 23.50 -21.81
CA SER J 124 14.53 24.74 -22.53
C SER J 124 13.33 25.42 -21.87
N ILE J 125 13.48 26.70 -21.56
CA ILE J 125 12.52 27.41 -20.76
C ILE J 125 12.12 28.75 -21.39
N ARG J 126 10.82 29.01 -21.44
CA ARG J 126 10.33 30.34 -21.80
C ARG J 126 9.90 31.09 -20.54
N GLN J 127 10.29 32.36 -20.44
CA GLN J 127 10.06 33.14 -19.23
C GLN J 127 10.14 34.64 -19.47
N ARG J 128 9.34 35.40 -18.72
CA ARG J 128 9.34 36.86 -18.84
C ARG J 128 10.08 37.52 -17.70
N PHE J 129 10.85 38.53 -18.02
CA PHE J 129 11.71 39.18 -17.01
C PHE J 129 11.54 40.68 -16.94
N SER J 130 11.70 41.22 -15.73
CA SER J 130 11.84 42.67 -15.54
C SER J 130 13.32 43.03 -15.55
N CYS J 131 13.70 43.79 -16.58
CA CYS J 131 15.12 44.10 -16.90
C CYS J 131 15.27 45.39 -17.76
N ASP J 132 16.50 45.90 -17.86
CA ASP J 132 16.76 47.15 -18.58
C ASP J 132 16.69 47.01 -20.11
N VAL J 133 15.59 47.48 -20.70
CA VAL J 133 15.37 47.38 -22.13
C VAL J 133 15.80 48.66 -22.86
N SER J 134 16.14 49.69 -22.10
CA SER J 134 16.62 50.95 -22.68
C SER J 134 17.80 50.72 -23.62
N GLY J 135 17.64 51.23 -24.85
CA GLY J 135 18.70 51.16 -25.84
C GLY J 135 18.60 50.01 -26.82
N VAL J 136 17.51 49.26 -26.76
CA VAL J 136 17.38 48.07 -27.61
C VAL J 136 17.33 48.45 -29.10
N ASP J 137 16.81 49.64 -29.38
CA ASP J 137 16.68 50.15 -30.75
C ASP J 137 17.94 50.81 -31.31
N THR J 138 19.05 50.78 -30.57
CA THR J 138 20.28 51.44 -31.01
C THR J 138 21.42 50.46 -31.28
N GLU J 139 22.56 51.00 -31.70
CA GLU J 139 23.71 50.19 -32.08
C GLU J 139 24.37 49.52 -30.87
N SER J 140 24.24 50.14 -29.71
CA SER J 140 24.83 49.62 -28.46
C SER J 140 23.99 48.50 -27.87
N GLY J 141 22.69 48.52 -28.15
CA GLY J 141 21.76 47.54 -27.63
C GLY J 141 21.41 47.77 -26.17
N ALA J 142 20.42 47.03 -25.67
CA ALA J 142 20.05 47.09 -24.26
C ALA J 142 20.91 46.11 -23.51
N THR J 143 20.96 46.22 -22.20
CA THR J 143 21.58 45.15 -21.42
C THR J 143 20.62 44.63 -20.37
N CYS J 144 20.15 43.40 -20.60
CA CYS J 144 19.21 42.74 -19.72
C CYS J 144 19.99 41.81 -18.81
N ARG J 145 19.90 42.04 -17.50
CA ARG J 145 20.59 41.17 -16.54
C ARG J 145 19.58 40.30 -15.84
N ILE J 146 19.83 38.99 -15.85
CA ILE J 146 18.95 38.03 -15.20
C ILE J 146 19.74 37.36 -14.10
N LYS J 147 19.23 37.43 -12.86
CA LYS J 147 19.90 36.80 -11.72
C LYS J 147 19.24 35.47 -11.30
N ILE J 148 20.02 34.38 -11.30
CA ILE J 148 19.53 33.07 -10.89
C ILE J 148 20.34 32.46 -9.74
N GLY J 149 19.66 32.04 -8.68
CA GLY J 149 20.30 31.44 -7.53
C GLY J 149 19.39 30.49 -6.76
N SER J 150 19.97 29.77 -5.80
CA SER J 150 19.21 28.86 -4.95
C SER J 150 18.33 29.70 -4.04
N TRP J 151 17.03 29.41 -4.05
CA TRP J 151 16.10 30.16 -3.22
C TRP J 151 16.26 29.85 -1.73
N THR J 152 16.30 28.58 -1.34
CA THR J 152 16.28 28.29 0.10
C THR J 152 17.56 27.77 0.72
N HIS J 153 18.59 27.58 -0.10
CA HIS J 153 19.85 27.02 0.38
C HIS J 153 20.95 28.08 0.25
N HIS J 154 21.56 28.44 1.37
CA HIS J 154 22.57 29.51 1.39
C HIS J 154 23.94 28.99 0.95
N SER J 155 24.96 29.84 1.01
CA SER J 155 26.27 29.52 0.42
C SER J 155 26.93 28.27 0.99
N ARG J 156 26.64 27.97 2.25
CA ARG J 156 27.21 26.78 2.87
C ARG J 156 26.62 25.47 2.33
N GLU J 157 25.44 25.55 1.71
CA GLU J 157 24.69 24.37 1.28
C GLU J 157 24.80 24.17 -0.22
N ILE J 158 24.56 25.25 -0.96
CA ILE J 158 24.67 25.23 -2.40
C ILE J 158 25.52 26.40 -2.89
N SER J 159 26.53 26.10 -3.72
CA SER J 159 27.22 27.16 -4.45
C SER J 159 26.83 27.10 -5.93
N VAL J 160 26.68 28.27 -6.55
CA VAL J 160 26.37 28.30 -7.98
C VAL J 160 27.53 28.90 -8.77
N ASP J 161 27.93 28.20 -9.83
CA ASP J 161 29.00 28.68 -10.70
C ASP J 161 28.55 28.71 -12.16
N PRO J 162 29.00 29.75 -12.86
CA PRO J 162 28.99 29.88 -14.32
C PRO J 162 30.15 29.11 -14.96
N THR J 163 30.11 28.90 -16.27
CA THR J 163 31.09 28.04 -16.94
C THR J 163 31.80 28.80 -18.07
N ASP J 169 27.84 33.02 -27.04
CA ASP J 169 27.70 32.81 -28.46
C ASP J 169 26.21 32.85 -28.83
N SER J 170 25.91 32.67 -30.10
CA SER J 170 24.55 32.57 -30.56
C SER J 170 24.33 31.19 -31.13
N GLU J 171 25.14 30.22 -30.69
CA GLU J 171 25.13 28.89 -31.29
C GLU J 171 23.74 28.27 -31.44
N TYR J 172 22.85 28.56 -30.47
CA TYR J 172 21.48 28.04 -30.51
C TYR J 172 20.42 29.13 -30.70
N PHE J 173 20.86 30.38 -30.87
CA PHE J 173 19.91 31.47 -31.01
C PHE J 173 19.21 31.42 -32.35
N SER J 174 17.89 31.66 -32.35
CA SER J 174 17.08 31.59 -33.57
C SER J 174 17.38 32.73 -34.54
N GLN J 175 17.70 32.36 -35.78
CA GLN J 175 17.97 33.35 -36.83
C GLN J 175 16.72 34.11 -37.28
N TYR J 176 15.56 33.71 -36.78
CA TYR J 176 14.30 34.37 -37.18
C TYR J 176 13.79 35.34 -36.13
N SER J 177 14.49 35.40 -35.02
CA SER J 177 14.20 36.40 -34.01
C SER J 177 14.58 37.71 -34.66
N ARG J 178 13.77 38.75 -34.40
CA ARG J 178 14.11 40.09 -34.86
C ARG J 178 15.39 40.57 -34.19
N PHE J 179 15.52 40.26 -32.90
CA PHE J 179 16.68 40.63 -32.10
C PHE J 179 17.92 39.75 -32.37
N GLU J 180 19.10 40.33 -32.17
CA GLU J 180 20.34 39.59 -32.27
C GLU J 180 21.16 39.81 -31.03
N ILE J 181 22.05 38.87 -30.75
CA ILE J 181 22.85 38.92 -29.55
C ILE J 181 24.19 39.56 -29.85
N LEU J 182 24.57 40.54 -29.04
CA LEU J 182 25.86 41.21 -29.23
C LEU J 182 26.86 40.53 -28.31
N ASP J 183 26.44 40.32 -27.06
CA ASP J 183 27.31 39.74 -26.04
C ASP J 183 26.50 39.10 -24.91
N VAL J 184 26.98 37.97 -24.41
CA VAL J 184 26.44 37.39 -23.18
C VAL J 184 27.57 37.15 -22.20
N THR J 185 27.46 37.72 -21.00
CA THR J 185 28.44 37.48 -19.95
C THR J 185 27.75 36.96 -18.69
N GLN J 186 28.39 36.01 -18.01
CA GLN J 186 27.76 35.34 -16.87
C GLN J 186 28.70 35.42 -15.68
N LYS J 187 28.24 36.05 -14.60
CA LYS J 187 29.10 36.23 -13.42
C LYS J 187 28.47 35.80 -12.11
N LYS J 188 29.31 35.28 -11.21
CA LYS J 188 28.89 34.78 -9.90
C LYS J 188 28.84 35.88 -8.83
N ASN J 189 27.91 35.78 -7.89
CA ASN J 189 27.81 36.71 -6.76
C ASN J 189 27.43 35.97 -5.48
N SER J 190 27.85 36.50 -4.33
CA SER J 190 27.41 36.06 -3.00
C SER J 190 26.70 37.22 -2.32
N VAL J 191 25.37 37.13 -2.14
CA VAL J 191 24.64 38.26 -1.57
C VAL J 191 23.97 37.94 -0.24
N THR J 192 24.21 38.78 0.77
CA THR J 192 23.48 38.70 2.04
C THR J 192 22.23 39.59 1.98
N TYR J 193 21.09 38.97 2.27
CA TYR J 193 19.82 39.66 2.18
C TYR J 193 19.27 39.81 3.59
N SER J 194 18.53 40.89 3.81
CA SER J 194 17.82 41.12 5.07
C SER J 194 16.73 40.08 5.36
N CYS J 195 16.57 39.85 6.66
CA CYS J 195 15.81 38.76 7.21
C CYS J 195 16.59 37.43 7.16
N CYS J 196 17.91 37.43 6.95
CA CYS J 196 18.45 36.12 6.73
C CYS J 196 19.85 36.35 7.06
N PRO J 197 20.41 35.48 7.90
CA PRO J 197 21.83 35.57 8.28
C PRO J 197 22.84 35.24 7.16
N GLU J 198 22.57 34.19 6.40
CA GLU J 198 23.53 33.63 5.43
C GLU J 198 23.58 34.36 4.09
N ALA J 199 24.69 34.21 3.37
CA ALA J 199 24.74 34.69 2.00
C ALA J 199 24.14 33.66 1.04
N TYR J 200 23.51 34.14 -0.03
CA TYR J 200 22.98 33.28 -1.08
C TYR J 200 23.74 33.54 -2.37
N GLU J 201 24.21 32.48 -3.01
CA GLU J 201 24.94 32.66 -4.26
C GLU J 201 24.00 32.75 -5.44
N ASP J 202 24.41 33.49 -6.47
CA ASP J 202 23.64 33.56 -7.71
C ASP J 202 24.55 33.78 -8.91
N VAL J 203 24.06 33.41 -10.09
CA VAL J 203 24.75 33.71 -11.33
C VAL J 203 24.03 34.89 -11.98
N GLU J 204 24.74 35.98 -12.25
CA GLU J 204 24.14 37.11 -12.96
C GLU J 204 24.46 36.99 -14.45
N VAL J 205 23.45 36.76 -15.27
CA VAL J 205 23.66 36.64 -16.70
C VAL J 205 23.35 37.98 -17.36
N SER J 206 24.28 38.47 -18.17
CA SER J 206 24.11 39.75 -18.85
C SER J 206 23.96 39.52 -20.33
N LEU J 207 22.77 39.85 -20.84
CA LEU J 207 22.46 39.68 -22.25
C LEU J 207 22.45 41.04 -22.92
N ASN J 208 23.48 41.31 -23.71
CA ASN J 208 23.56 42.55 -24.44
C ASN J 208 23.07 42.26 -25.85
N PHE J 209 21.91 42.82 -26.20
CA PHE J 209 21.22 42.54 -27.46
C PHE J 209 20.59 43.79 -28.10
N ARG J 210 20.31 43.71 -29.39
CA ARG J 210 19.66 44.81 -30.10
C ARG J 210 18.67 44.32 -31.16
N LYS J 211 17.72 45.18 -31.52
CA LYS J 211 16.87 44.93 -32.67
C LYS J 211 17.74 44.85 -33.94
N LYS J 212 17.33 44.01 -34.88
CA LYS J 212 17.99 43.91 -36.17
C LYS J 212 17.70 45.15 -37.01
N GLY J 213 18.66 45.56 -37.84
CA GLY J 213 18.47 46.71 -38.70
C GLY J 213 17.24 46.67 -39.60
P PO4 K . 16.67 -0.66 19.94
O1 PO4 K . 17.87 -1.28 20.63
O2 PO4 K . 16.44 0.71 20.54
O3 PO4 K . 16.88 -0.53 18.45
O4 PO4 K . 15.49 -1.59 20.19
P PO4 L . 22.30 -14.02 -2.49
O1 PO4 L . 23.13 -12.77 -2.51
O2 PO4 L . 21.84 -14.28 -1.06
O3 PO4 L . 23.14 -15.16 -3.03
O4 PO4 L . 21.09 -13.82 -3.37
C1 NAG M . 32.30 11.67 12.22
C2 NAG M . 33.23 12.28 11.23
C3 NAG M . 34.16 13.28 11.90
C4 NAG M . 33.44 14.27 12.77
C5 NAG M . 32.52 13.52 13.70
C6 NAG M . 31.68 14.40 14.57
C7 NAG M . 33.88 10.91 9.42
C8 NAG M . 35.12 10.66 8.67
N2 NAG M . 33.96 11.23 10.66
O3 NAG M . 34.82 13.96 10.88
O4 NAG M . 34.34 15.01 13.51
O5 NAG M . 31.70 12.74 12.89
O6 NAG M . 31.31 15.51 13.86
O7 NAG M . 32.84 10.81 8.87
C1 KK3 N . 26.14 -31.49 3.90
C3 KK3 N . 26.08 -32.98 4.18
C7 KK3 N . 24.94 -33.70 3.40
C8 KK3 N . 23.67 -33.74 4.24
C9 KK3 N . 24.69 -32.97 2.08
C10 KK3 N . 25.95 -32.30 1.56
N2 KK3 N . 26.34 -31.18 2.44
C4 KK3 N . 25.98 -29.91 1.97
C5 KK3 N . 25.11 -29.60 0.88
N3 KK3 N . 26.55 -28.92 2.74
C2 KK3 N . 26.25 -27.63 2.37
N4 KK3 N . 26.82 -26.60 3.12
N1 KK3 N . 25.45 -27.24 1.35
C6 KK3 N . 24.88 -28.22 0.61
C11 KK3 N . 24.01 -27.69 -0.49
C12 KK3 N . 24.57 -27.38 -1.75
C13 KK3 N . 23.79 -26.83 -2.78
C14 KK3 N . 22.43 -26.60 -2.57
C15 KK3 N . 21.55 -25.99 -3.66
F1 KK3 N . 20.35 -26.57 -3.83
F2 KK3 N . 22.13 -25.93 -4.90
F3 KK3 N . 21.23 -24.71 -3.36
C16 KK3 N . 21.87 -26.87 -1.33
C17 KK3 N . 22.65 -27.41 -0.30
P PO4 O . -0.78 -23.25 -12.27
O1 PO4 O . 0.19 -23.36 -11.12
O2 PO4 O . -1.81 -22.19 -11.97
O3 PO4 O . 0.01 -22.91 -13.51
O4 PO4 O . -1.50 -24.57 -12.50
C1 NAG P . 26.57 -11.13 -23.06
C2 NAG P . 26.47 -11.44 -24.52
C3 NAG P . 27.84 -11.45 -25.17
C4 NAG P . 28.68 -10.27 -24.78
C5 NAG P . 28.60 -9.94 -23.32
C6 NAG P . 29.22 -8.60 -23.02
C7 NAG P . 26.07 -13.65 -25.57
C8 NAG P . 27.41 -14.22 -25.90
N2 NAG P . 25.98 -12.80 -24.54
O3 NAG P . 27.79 -11.64 -26.61
O4 NAG P . 29.92 -10.87 -24.86
O5 NAG P . 27.23 -9.91 -22.92
O6 NAG P . 28.21 -7.62 -22.79
O7 NAG P . 25.09 -13.95 -26.19
C1 KK3 Q . -2.06 -41.10 -5.26
C3 KK3 Q . -1.72 -41.18 -3.74
C7 KK3 Q . -2.90 -40.94 -2.78
C8 KK3 Q . -2.74 -41.78 -1.49
C9 KK3 Q . -4.18 -41.28 -3.49
C10 KK3 Q . -4.42 -40.39 -4.73
N2 KK3 Q . -3.19 -40.19 -5.56
C4 KK3 Q . -3.01 -38.88 -6.15
C5 KK3 Q . -4.00 -37.87 -6.27
N3 KK3 Q . -1.72 -38.66 -6.58
C2 KK3 Q . -1.48 -37.40 -7.15
N4 KK3 Q . -0.21 -37.15 -7.60
N1 KK3 Q . -2.39 -36.39 -7.30
C6 KK3 Q . -3.65 -36.66 -6.87
C11 KK3 Q . -4.60 -35.54 -7.00
C12 KK3 Q . -5.24 -35.21 -8.20
C13 KK3 Q . -6.09 -34.08 -8.28
C14 KK3 Q . -6.29 -33.28 -7.15
C15 KK3 Q . -7.19 -32.05 -7.23
F1 KK3 Q . -7.94 -31.99 -8.34
F2 KK3 Q . -6.43 -30.89 -7.23
F3 KK3 Q . -8.04 -31.87 -6.15
C16 KK3 Q . -5.64 -33.59 -5.95
C17 KK3 Q . -4.80 -34.69 -5.88
C1 KK3 R . -22.72 -30.52 15.88
C3 KK3 R . -21.41 -30.79 16.58
C7 KK3 R . -21.47 -30.58 18.08
C8 KK3 R . -20.09 -30.77 18.70
C9 KK3 R . -22.01 -29.20 18.38
C10 KK3 R . -23.34 -28.90 17.63
N2 KK3 R . -23.21 -29.17 16.21
C4 KK3 R . -22.95 -28.08 15.34
C5 KK3 R . -22.91 -26.69 15.67
N3 KK3 R . -22.71 -28.50 14.07
C2 KK3 R . -22.47 -27.53 13.13
N4 KK3 R . -22.24 -27.97 11.82
N1 KK3 R . -22.41 -26.18 13.36
C6 KK3 R . -22.65 -25.78 14.64
C11 KK3 R . -22.56 -24.33 14.82
C12 KK3 R . -23.72 -23.50 14.75
C13 KK3 R . -23.61 -22.12 14.87
C14 KK3 R . -22.35 -21.53 15.06
C15 KK3 R . -22.18 -20.03 15.16
F1 KK3 R . -21.45 -19.57 16.20
F2 KK3 R . -23.35 -19.33 15.11
F3 KK3 R . -21.47 -19.53 14.10
C16 KK3 R . -21.21 -22.32 15.10
C17 KK3 R . -21.32 -23.70 14.97
P PO4 S . -20.51 -15.52 4.18
O1 PO4 S . -20.20 -14.09 4.62
O2 PO4 S . -19.24 -16.34 4.20
O3 PO4 S . -21.10 -15.51 2.78
O4 PO4 S . -21.54 -16.11 5.13
P PO4 T . -9.60 -1.62 24.10
O1 PO4 T . -9.28 -1.77 25.56
O2 PO4 T . -10.95 -0.96 23.89
O3 PO4 T . -8.50 -0.76 23.48
O4 PO4 T . -9.65 -2.98 23.42
C1 NAG U . -35.91 -1.03 6.89
C2 NAG U . -37.20 -0.57 7.58
C3 NAG U . -38.16 0.19 6.65
C4 NAG U . -38.29 -0.50 5.29
C5 NAG U . -37.00 -1.15 4.79
C6 NAG U . -36.81 -0.89 3.30
C7 NAG U . -39.11 -1.62 8.65
C8 NAG U . -39.22 -1.76 10.14
N2 NAG U . -37.88 -1.71 8.15
O3 NAG U . -37.69 1.52 6.46
O4 NAG U . -39.32 -1.50 5.37
O5 NAG U . -35.86 -0.66 5.50
O6 NAG U . -37.39 -1.96 2.55
O7 NAG U . -40.09 -1.43 7.95
C1 KK3 V . -6.82 -14.86 37.64
C3 KK3 V . -5.95 -16.08 37.96
C7 KK3 V . -4.57 -15.97 37.36
C8 KK3 V . -3.83 -17.29 37.51
C9 KK3 V . -3.84 -14.85 38.07
C10 KK3 V . -4.71 -13.59 38.34
N2 KK3 V . -6.04 -13.58 37.64
C4 KK3 V . -6.28 -12.59 36.63
C5 KK3 V . -5.38 -11.57 36.20
N3 KK3 V . -7.52 -12.74 36.04
C2 KK3 V . -7.84 -11.84 35.03
N4 KK3 V . -9.08 -11.97 34.44
N1 KK3 V . -7.05 -10.85 34.58
C6 KK3 V . -5.84 -10.71 35.16
C11 KK3 V . -5.04 -9.63 34.58
C12 KK3 V . -5.10 -8.30 35.07
C13 KK3 V . -4.36 -7.29 34.44
C14 KK3 V . -3.58 -7.62 33.32
C15 KK3 V . -2.76 -6.58 32.59
F1 KK3 V . -2.82 -5.35 33.15
F2 KK3 V . -3.24 -6.40 31.32
F3 KK3 V . -1.44 -6.88 32.41
C16 KK3 V . -3.54 -8.91 32.84
C17 KK3 V . -4.26 -9.89 33.46
C1 NAG W . -5.80 17.72 31.16
C2 NAG W . -4.81 18.77 31.62
C3 NAG W . -4.97 20.06 30.84
C4 NAG W . -6.30 20.13 30.09
C5 NAG W . -7.43 19.49 30.89
C6 NAG W . -8.75 19.53 30.15
C7 NAG W . -4.61 17.94 33.89
C8 NAG W . -3.15 17.81 34.24
N2 NAG W . -4.94 18.94 33.06
O3 NAG W . -3.90 20.15 29.93
O4 NAG W . -6.63 21.47 29.79
O5 NAG W . -7.15 18.15 31.24
O6 NAG W . -9.67 20.34 30.85
O7 NAG W . -5.43 17.15 34.36
C1 KK3 X . 23.69 -15.48 30.17
C3 KK3 X . 23.21 -16.95 30.06
C7 KK3 X . 23.42 -17.59 28.70
C8 KK3 X . 23.15 -19.09 28.84
C9 KK3 X . 24.85 -17.37 28.25
C10 KK3 X . 25.26 -15.87 28.21
N2 KK3 X . 24.33 -14.95 28.93
C4 KK3 X . 23.78 -13.83 28.24
C5 KK3 X . 24.09 -13.39 26.93
N3 KK3 X . 22.86 -13.18 29.00
C2 KK3 X . 22.25 -12.08 28.41
N4 KK3 X . 21.32 -11.42 29.18
N1 KK3 X . 22.48 -11.57 27.17
C6 KK3 X . 23.43 -12.24 26.44
C11 KK3 X . 23.64 -11.71 25.08
C12 KK3 X . 24.52 -10.65 24.82
C13 KK3 X . 24.64 -10.14 23.53
C14 KK3 X . 23.91 -10.69 22.49
C15 KK3 X . 24.04 -10.14 21.09
F1 KK3 X . 25.06 -9.27 20.92
F2 KK3 X . 22.92 -9.49 20.71
F3 KK3 X . 24.19 -11.08 20.15
C16 KK3 X . 23.01 -11.73 22.72
C17 KK3 X . 22.88 -12.23 24.01
P PO4 Y . 17.36 19.72 2.41
O1 PO4 Y . 17.65 21.15 2.81
O2 PO4 Y . 16.28 19.14 3.32
O3 PO4 Y . 18.61 18.85 2.50
O4 PO4 Y . 16.89 19.71 0.96
P PO4 Z . -7.45 22.23 11.73
O1 PO4 Z . -6.62 22.05 12.98
O2 PO4 Z . -8.42 23.38 11.95
O3 PO4 Z . -6.54 22.58 10.55
O4 PO4 Z . -8.16 20.91 11.44
C1 NAG AA . 22.27 17.65 22.54
C2 NAG AA . 22.03 17.77 24.04
C3 NAG AA . 23.28 17.51 24.87
C4 NAG AA . 24.05 16.30 24.42
C5 NAG AA . 23.93 15.96 22.93
C6 NAG AA . 22.84 14.86 22.78
C7 NAG AA . 20.80 19.38 25.37
C8 NAG AA . 21.65 19.39 26.59
N2 NAG AA . 21.40 19.01 24.27
O3 NAG AA . 22.89 17.03 26.12
O4 NAG AA . 25.40 16.41 24.81
O5 NAG AA . 23.57 17.13 22.21
O6 NAG AA . 22.51 14.53 21.42
O7 NAG AA . 19.64 19.74 25.42
C1 KK3 BA . -13.58 38.95 4.53
C3 KK3 BA . -13.39 39.00 3.01
C7 KK3 BA . -14.72 39.16 2.27
C8 KK3 BA . -14.48 39.20 0.75
C9 KK3 BA . -15.62 37.99 2.64
C10 KK3 BA . -15.80 37.81 4.17
N2 KK3 BA . -14.50 37.87 4.94
C4 KK3 BA . -14.00 36.63 5.47
C5 KK3 BA . -14.69 35.39 5.52
N3 KK3 BA . -12.72 36.76 5.94
C2 KK3 BA . -12.14 35.60 6.47
N4 KK3 BA . -10.86 35.70 6.95
N1 KK3 BA . -12.73 34.40 6.55
C6 KK3 BA . -14.00 34.29 6.09
C11 KK3 BA . -14.57 32.94 6.20
C12 KK3 BA . -15.18 32.50 7.38
C13 KK3 BA . -15.66 31.20 7.47
C14 KK3 BA . -15.53 30.33 6.38
C15 KK3 BA . -16.02 28.93 6.47
F1 KK3 BA . -16.58 28.44 5.35
F2 KK3 BA . -16.86 28.72 7.51
F3 KK3 BA . -14.98 28.07 6.67
C16 KK3 BA . -14.91 30.75 5.22
C17 KK3 BA . -14.42 32.04 5.14
C1 NAG CA . -19.92 13.49 26.47
C2 NAG CA . -21.06 12.49 26.63
C3 NAG CA . -20.73 11.33 27.57
C4 NAG CA . -20.06 11.83 28.86
C5 NAG CA . -19.10 13.01 28.64
C6 NAG CA . -17.82 12.83 29.45
C7 NAG CA . -22.83 14.13 26.35
C8 NAG CA . -22.79 15.51 26.93
N2 NAG CA . -22.26 13.18 27.09
O3 NAG CA . -19.89 10.41 26.92
O4 NAG CA . -21.06 12.21 29.80
O5 NAG CA . -18.78 13.16 27.26
O6 NAG CA . -18.06 13.24 30.80
O7 NAG CA . -23.36 13.88 25.27
C1 KK3 DA . -29.20 23.30 -16.85
C3 KK3 DA . -29.49 24.29 -17.94
C7 KK3 DA . -29.15 23.78 -19.35
C8 KK3 DA . -27.86 24.37 -19.84
C9 KK3 DA . -29.06 22.24 -19.36
C10 KK3 DA . -30.09 21.61 -18.46
N2 KK3 DA . -29.87 21.96 -17.06
C4 KK3 DA . -29.47 20.92 -16.23
C5 KK3 DA . -29.01 19.60 -16.60
N3 KK3 DA . -29.49 21.33 -14.93
C2 KK3 DA . -29.08 20.42 -13.99
N4 KK3 DA . -29.14 20.84 -12.70
N1 KK3 DA . -28.65 19.14 -14.23
C6 KK3 DA . -28.63 18.75 -15.54
C11 KK3 DA . -28.13 17.37 -15.69
C12 KK3 DA . -29.02 16.30 -15.53
C13 KK3 DA . -28.56 15.00 -15.61
C14 KK3 DA . -27.21 14.75 -15.79
C15 KK3 DA . -26.70 13.34 -15.84
F1 KK3 DA . -26.11 13.00 -14.67
F2 KK3 DA . -25.78 13.10 -16.81
F3 KK3 DA . -27.66 12.38 -16.03
C16 KK3 DA . -26.31 15.80 -15.88
C17 KK3 DA . -26.77 17.10 -15.83
P PO4 EA . -23.92 9.38 -4.89
O1 PO4 EA . -22.96 10.56 -4.73
O2 PO4 EA . -24.54 9.01 -3.55
O3 PO4 EA . -23.13 8.18 -5.41
O4 PO4 EA . -25.01 9.76 -5.88
C1 NAG FA . -34.50 -9.06 -6.99
C2 NAG FA . -33.91 -10.46 -7.20
C3 NAG FA . -33.72 -11.34 -5.94
C4 NAG FA . -34.05 -10.63 -4.63
C5 NAG FA . -35.30 -9.83 -4.89
C6 NAG FA . -36.00 -9.37 -3.61
C7 NAG FA . -34.58 -10.95 -9.47
C8 NAG FA . -35.63 -10.15 -10.19
N2 NAG FA . -34.75 -11.13 -8.17
O3 NAG FA . -32.40 -11.84 -5.87
O4 NAG FA . -34.20 -11.54 -3.56
O5 NAG FA . -34.86 -8.73 -5.67
O6 NAG FA . -37.02 -10.30 -3.27
O7 NAG FA . -33.61 -11.41 -10.08
C1 KK3 GA . -9.77 12.24 -38.38
C3 KK3 GA . -9.51 13.75 -38.13
C7 KK3 GA . -8.04 14.10 -37.98
C8 KK3 GA . -7.84 15.61 -38.13
C9 KK3 GA . -7.31 13.38 -39.03
C10 KK3 GA . -7.27 11.89 -38.69
N2 KK3 GA . -8.59 11.36 -38.22
C4 KK3 GA . -8.59 10.36 -37.20
C5 KK3 GA . -7.47 9.64 -36.70
N3 KK3 GA . -9.84 10.18 -36.66
C2 KK3 GA . -9.93 9.23 -35.65
N4 KK3 GA . -11.20 9.02 -35.12
N1 KK3 GA . -8.90 8.49 -35.14
C6 KK3 GA . -7.69 8.70 -35.68
C11 KK3 GA . -6.61 7.88 -35.08
C12 KK3 GA . -6.24 6.63 -35.63
C13 KK3 GA . -5.27 5.86 -35.01
C14 KK3 GA . -4.67 6.33 -33.84
C15 KK3 GA . -3.62 5.53 -33.12
F1 KK3 GA . -3.99 5.31 -31.84
F2 KK3 GA . -2.39 6.08 -32.99
F3 KK3 GA . -3.42 4.31 -33.68
C16 KK3 GA . -5.05 7.54 -33.28
C17 KK3 GA . -6.01 8.30 -33.90
P PO4 HA . -9.12 -1.00 -24.55
O1 PO4 HA . -7.81 -1.42 -23.94
O2 PO4 HA . -9.55 0.28 -23.85
O3 PO4 HA . -10.17 -2.08 -24.34
O4 PO4 HA . -8.94 -0.71 -26.04
P PO4 IA . 16.26 5.37 -19.98
O1 PO4 IA . 16.42 5.42 -18.46
O2 PO4 IA . 14.95 6.01 -20.37
O3 PO4 IA . 17.37 6.17 -20.63
O4 PO4 IA . 16.28 3.92 -20.45
C1 NAG JA . -0.26 -19.32 -30.86
C2 NAG JA . -1.19 -20.39 -31.39
C3 NAG JA . -0.44 -21.66 -31.76
C4 NAG JA . 0.79 -21.34 -32.62
C5 NAG JA . 1.61 -20.22 -32.01
C6 NAG JA . 2.79 -19.84 -32.91
C7 NAG JA . -3.12 -21.63 -30.63
C8 NAG JA . -4.24 -21.71 -29.61
N2 NAG JA . -2.22 -20.68 -30.42
O3 NAG JA . -1.30 -22.55 -32.46
O4 NAG JA . 1.59 -22.51 -32.75
O5 NAG JA . 0.78 -19.07 -31.81
O6 NAG JA . 3.95 -19.66 -32.12
O7 NAG JA . -3.07 -22.39 -31.59
C1 KK3 KA . 18.81 21.33 -30.09
C3 KK3 KA . 18.43 22.77 -30.06
C7 KK3 KA . 18.40 23.35 -28.67
C8 KK3 KA . 17.92 24.78 -28.79
C9 KK3 KA . 19.82 23.33 -28.09
C10 KK3 KA . 20.61 22.06 -28.48
N2 KK3 KA . 19.73 20.98 -29.00
C4 KK3 KA . 19.54 19.81 -28.25
C5 KK3 KA . 19.93 19.55 -26.91
N3 KK3 KA . 18.87 18.90 -28.99
C2 KK3 KA . 18.61 17.70 -28.38
N4 KK3 KA . 17.92 16.77 -29.15
N1 KK3 KA . 18.95 17.35 -27.09
C6 KK3 KA . 19.61 18.29 -26.38
C11 KK3 KA . 19.93 17.87 -25.03
C12 KK3 KA . 21.11 17.19 -24.74
C13 KK3 KA . 21.39 16.75 -23.45
C14 KK3 KA . 20.45 16.97 -22.44
C15 KK3 KA . 20.72 16.48 -21.04
F1 KK3 KA . 19.79 15.57 -20.67
F2 KK3 KA . 20.68 17.42 -20.04
F3 KK3 KA . 21.91 15.83 -20.93
C16 KK3 KA . 19.26 17.62 -22.70
C17 KK3 KA . 19.00 18.06 -23.99
C1 NAG LA . 33.63 -3.27 -12.62
C2 NAG LA . 34.34 -4.00 -11.47
C3 NAG LA . 35.72 -4.35 -11.94
C4 NAG LA . 35.50 -5.39 -12.96
C5 NAG LA . 35.03 -4.61 -14.17
C6 NAG LA . 34.86 -5.61 -15.28
C7 NAG LA . 35.22 -2.31 -10.04
C8 NAG LA . 35.39 -1.87 -8.61
N2 NAG LA . 34.35 -3.23 -10.25
O3 NAG LA . 36.50 -5.07 -11.02
O4 NAG LA . 36.70 -6.11 -13.20
O5 NAG LA . 33.83 -3.94 -13.86
O6 NAG LA . 33.53 -6.10 -15.30
O7 NAG LA . 35.88 -1.85 -10.93
C1 KK3 MA . 16.95 38.01 -3.63
C3 KK3 MA . 15.74 38.27 -4.51
C7 KK3 MA . 14.81 39.32 -3.95
C8 KK3 MA . 13.59 39.52 -4.91
C9 KK3 MA . 14.34 38.88 -2.57
C10 KK3 MA . 15.50 38.46 -1.62
N2 KK3 MA . 16.54 37.59 -2.27
C4 KK3 MA . 16.59 36.20 -1.90
C5 KK3 MA . 15.85 35.56 -0.86
N3 KK3 MA . 17.44 35.49 -2.69
C2 KK3 MA . 17.53 34.12 -2.41
N4 KK3 MA . 18.40 33.38 -3.18
N1 KK3 MA . 16.86 33.45 -1.42
C6 KK3 MA . 16.03 34.18 -0.66
C11 KK3 MA . 15.31 33.42 0.41
C12 KK3 MA . 15.88 33.30 1.70
C13 KK3 MA . 15.24 32.58 2.71
C14 KK3 MA . 14.00 31.99 2.44
C15 KK3 MA . 13.31 31.17 3.49
F1 KK3 MA . 11.95 31.15 3.47
F2 KK3 MA . 13.70 31.44 4.76
F3 KK3 MA . 13.62 29.90 3.29
C16 KK3 MA . 13.43 32.06 1.16
C17 KK3 MA . 14.08 32.79 0.17
#